data_7L5M
# 
_entry.id   7L5M 
# 
_audit_conform.dict_name       mmcif_pdbx.dic 
_audit_conform.dict_version    5.380 
_audit_conform.dict_location   http://mmcif.pdb.org/dictionaries/ascii/mmcif_pdbx.dic 
# 
loop_
_database_2.database_id 
_database_2.database_code 
_database_2.pdbx_database_accession 
_database_2.pdbx_DOI 
PDB   7L5M         pdb_00007l5m 10.2210/pdb7l5m/pdb 
WWPDB D_1000253441 ?            ?                   
# 
_pdbx_database_status.status_code                     REL 
_pdbx_database_status.status_code_sf                  REL 
_pdbx_database_status.status_code_mr                  ? 
_pdbx_database_status.entry_id                        7L5M 
_pdbx_database_status.recvd_initial_deposition_date   2020-12-22 
_pdbx_database_status.SG_entry                        N 
_pdbx_database_status.deposit_site                    RCSB 
_pdbx_database_status.process_site                    RCSB 
_pdbx_database_status.status_code_cs                  ? 
_pdbx_database_status.status_code_nmr_data            ? 
_pdbx_database_status.methods_development_category    ? 
_pdbx_database_status.pdb_format_compatible           Y 
# 
loop_
_audit_author.name 
_audit_author.pdbx_ordinal 
_audit_author.identifier_ORCID 
'Bozhanova, N.G.' 1 ? 
'Harp, J.M.'      2 ? 
'Meiler, J.'      3 ? 
# 
_citation.abstract                  ? 
_citation.abstract_id_CAS           ? 
_citation.book_id_ISBN              ? 
_citation.book_publisher            ? 
_citation.book_publisher_city       ? 
_citation.book_title                ? 
_citation.coordinate_linkage        ? 
_citation.country                   US 
_citation.database_id_Medline       ? 
_citation.details                   ? 
_citation.id                        primary 
_citation.journal_abbrev            'Plos Comput.Biol.' 
_citation.journal_id_ASTM           ? 
_citation.journal_id_CSD            ? 
_citation.journal_id_ISSN           1553-7358 
_citation.journal_full              ? 
_citation.journal_issue             ? 
_citation.journal_volume            17 
_citation.language                  ? 
_citation.page_first                e1009555 
_citation.page_last                 e1009555 
_citation.title                     'Computational redesign of a fluorogen activating protein with Rosetta.' 
_citation.year                      2021 
_citation.database_id_CSD           ? 
_citation.pdbx_database_id_DOI      10.1371/journal.pcbi.1009555 
_citation.pdbx_database_id_PubMed   34748541 
_citation.unpublished_flag          ? 
# 
loop_
_citation_author.citation_id 
_citation_author.name 
_citation_author.ordinal 
_citation_author.identifier_ORCID 
primary 'Bozhanova, N.G.' 1  0000-0002-2164-5698 
primary 'Harp, J.M.'      2  0000-0002-9116-5606 
primary 'Bender, B.J.'    3  0000-0001-9251-9480 
primary 'Gavrikov, A.S.'  4  0000-0002-5696-594X 
primary 'Gorbachev, D.A.' 5  0000-0001-6124-2511 
primary 'Baranov, M.S.'   6  ?                   
primary 'Mercado, C.B.'   7  0000-0001-9962-817X 
primary 'Zhang, X.'       8  0000-0001-5163-0668 
primary 'Lukyanov, K.A.'  9  0000-0001-9845-2088 
primary 'Mishin, A.S.'    10 0000-0002-4935-7030 
primary 'Meiler, J.'      11 0000-0001-8945-193X 
# 
_cell.angle_alpha                  90.000 
_cell.angle_alpha_esd              ? 
_cell.angle_beta                   90.000 
_cell.angle_beta_esd               ? 
_cell.angle_gamma                  90.000 
_cell.angle_gamma_esd              ? 
_cell.entry_id                     7L5M 
_cell.details                      ? 
_cell.formula_units_Z              ? 
_cell.length_a                     57.146 
_cell.length_a_esd                 ? 
_cell.length_b                     57.146 
_cell.length_b_esd                 ? 
_cell.length_c                     138.630 
_cell.length_c_esd                 ? 
_cell.volume                       ? 
_cell.volume_esd                   ? 
_cell.Z_PDB                        8 
_cell.reciprocal_angle_alpha       ? 
_cell.reciprocal_angle_beta        ? 
_cell.reciprocal_angle_gamma       ? 
_cell.reciprocal_angle_alpha_esd   ? 
_cell.reciprocal_angle_beta_esd    ? 
_cell.reciprocal_angle_gamma_esd   ? 
_cell.reciprocal_length_a          ? 
_cell.reciprocal_length_b          ? 
_cell.reciprocal_length_c          ? 
_cell.reciprocal_length_a_esd      ? 
_cell.reciprocal_length_b_esd      ? 
_cell.reciprocal_length_c_esd      ? 
_cell.pdbx_unique_axis             ? 
# 
_symmetry.entry_id                         7L5M 
_symmetry.cell_setting                     ? 
_symmetry.Int_Tables_number                96 
_symmetry.space_group_name_Hall            ? 
_symmetry.space_group_name_H-M             'P 43 21 2' 
_symmetry.pdbx_full_space_group_name_H-M   ? 
# 
loop_
_entity.id 
_entity.type 
_entity.src_method 
_entity.pdbx_description 
_entity.formula_weight 
_entity.pdbx_number_of_molecules 
_entity.pdbx_ec 
_entity.pdbx_mutation 
_entity.pdbx_fragment 
_entity.details 
1 polymer     man 'Lipocalin family protein'             12285.862 1  ? 'P22S, A36C, F53A, N76F, S89Y, E90V' 
'N-terminal fragment (UNP residues 20-109)'  ? 
2 polymer     man 'Lipocalin family protein'             7903.896  1  ? L141N                                
'C-terminal fragment (UNP residues 110-177)' ? 
3 non-polymer syn '2-(N-MORPHOLINO)-ETHANESULFONIC ACID' 195.237   1  ? ?                                    ? ? 
4 non-polymer syn 'SULFATE ION'                          96.063    3  ? ?                                    ? ? 
5 non-polymer syn 'SODIUM ION'                           22.990    1  ? ?                                    ? ? 
6 water       nat water                                  18.015    12 ? ?                                    ? ? 
# 
loop_
_entity_name_com.entity_id 
_entity_name_com.name 
1 DiB-RM-split 
2 DiB-RM-split 
# 
loop_
_entity_poly.entity_id 
_entity_poly.type 
_entity_poly.nstd_linkage 
_entity_poly.nstd_monomer 
_entity_poly.pdbx_seq_one_letter_code 
_entity_poly.pdbx_seq_one_letter_code_can 
_entity_poly.pdbx_strand_id 
_entity_poly.pdbx_target_identifier 
1 'polypeptide(L)' no no 
;MGHHHHHHLESTSLYKKSSSTPPRGVTVVNNFDCKRYLGTWYEIARFDHRAERGLEKVTATYSLRDDGGLNVIFKGYNPD
RGMWQQYVGKAYFTGAPTRAALKVAFF
;
;MGHHHHHHLESTSLYKKSSSTPPRGVTVVNNFDCKRYLGTWYEIARFDHRAERGLEKVTATYSLRDDGGLNVIFKGYNPD
RGMWQQYVGKAYFTGAPTRAALKVAFF
;
A ? 
2 'polypeptide(L)' no no MGPFYGGYNVIALDREYRHALVCGPDRDYLWINSRTPTISDEVKQEMLAVATREGFDVSKFIWVQQPGS 
MGPFYGGYNVIALDREYRHALVCGPDRDYLWINSRTPTISDEVKQEMLAVATREGFDVSKFIWVQQPGS                                          B ? 
# 
loop_
_entity_poly_seq.entity_id 
_entity_poly_seq.num 
_entity_poly_seq.mon_id 
_entity_poly_seq.hetero 
1 1   MET n 
1 2   GLY n 
1 3   HIS n 
1 4   HIS n 
1 5   HIS n 
1 6   HIS n 
1 7   HIS n 
1 8   HIS n 
1 9   LEU n 
1 10  GLU n 
1 11  SER n 
1 12  THR n 
1 13  SER n 
1 14  LEU n 
1 15  TYR n 
1 16  LYS n 
1 17  LYS n 
1 18  SER n 
1 19  SER n 
1 20  SER n 
1 21  THR n 
1 22  PRO n 
1 23  PRO n 
1 24  ARG n 
1 25  GLY n 
1 26  VAL n 
1 27  THR n 
1 28  VAL n 
1 29  VAL n 
1 30  ASN n 
1 31  ASN n 
1 32  PHE n 
1 33  ASP n 
1 34  CYS n 
1 35  LYS n 
1 36  ARG n 
1 37  TYR n 
1 38  LEU n 
1 39  GLY n 
1 40  THR n 
1 41  TRP n 
1 42  TYR n 
1 43  GLU n 
1 44  ILE n 
1 45  ALA n 
1 46  ARG n 
1 47  PHE n 
1 48  ASP n 
1 49  HIS n 
1 50  ARG n 
1 51  ALA n 
1 52  GLU n 
1 53  ARG n 
1 54  GLY n 
1 55  LEU n 
1 56  GLU n 
1 57  LYS n 
1 58  VAL n 
1 59  THR n 
1 60  ALA n 
1 61  THR n 
1 62  TYR n 
1 63  SER n 
1 64  LEU n 
1 65  ARG n 
1 66  ASP n 
1 67  ASP n 
1 68  GLY n 
1 69  GLY n 
1 70  LEU n 
1 71  ASN n 
1 72  VAL n 
1 73  ILE n 
1 74  PHE n 
1 75  LYS n 
1 76  GLY n 
1 77  TYR n 
1 78  ASN n 
1 79  PRO n 
1 80  ASP n 
1 81  ARG n 
1 82  GLY n 
1 83  MET n 
1 84  TRP n 
1 85  GLN n 
1 86  GLN n 
1 87  TYR n 
1 88  VAL n 
1 89  GLY n 
1 90  LYS n 
1 91  ALA n 
1 92  TYR n 
1 93  PHE n 
1 94  THR n 
1 95  GLY n 
1 96  ALA n 
1 97  PRO n 
1 98  THR n 
1 99  ARG n 
1 100 ALA n 
1 101 ALA n 
1 102 LEU n 
1 103 LYS n 
1 104 VAL n 
1 105 ALA n 
1 106 PHE n 
1 107 PHE n 
2 1   MET n 
2 2   GLY n 
2 3   PRO n 
2 4   PHE n 
2 5   TYR n 
2 6   GLY n 
2 7   GLY n 
2 8   TYR n 
2 9   ASN n 
2 10  VAL n 
2 11  ILE n 
2 12  ALA n 
2 13  LEU n 
2 14  ASP n 
2 15  ARG n 
2 16  GLU n 
2 17  TYR n 
2 18  ARG n 
2 19  HIS n 
2 20  ALA n 
2 21  LEU n 
2 22  VAL n 
2 23  CYS n 
2 24  GLY n 
2 25  PRO n 
2 26  ASP n 
2 27  ARG n 
2 28  ASP n 
2 29  TYR n 
2 30  LEU n 
2 31  TRP n 
2 32  ILE n 
2 33  ASN n 
2 34  SER n 
2 35  ARG n 
2 36  THR n 
2 37  PRO n 
2 38  THR n 
2 39  ILE n 
2 40  SER n 
2 41  ASP n 
2 42  GLU n 
2 43  VAL n 
2 44  LYS n 
2 45  GLN n 
2 46  GLU n 
2 47  MET n 
2 48  LEU n 
2 49  ALA n 
2 50  VAL n 
2 51  ALA n 
2 52  THR n 
2 53  ARG n 
2 54  GLU n 
2 55  GLY n 
2 56  PHE n 
2 57  ASP n 
2 58  VAL n 
2 59  SER n 
2 60  LYS n 
2 61  PHE n 
2 62  ILE n 
2 63  TRP n 
2 64  VAL n 
2 65  GLN n 
2 66  GLN n 
2 67  PRO n 
2 68  GLY n 
2 69  SER n 
# 
loop_
_entity_src_gen.entity_id 
_entity_src_gen.pdbx_src_id 
_entity_src_gen.pdbx_alt_source_flag 
_entity_src_gen.pdbx_seq_type 
_entity_src_gen.pdbx_beg_seq_num 
_entity_src_gen.pdbx_end_seq_num 
_entity_src_gen.gene_src_common_name 
_entity_src_gen.gene_src_genus 
_entity_src_gen.pdbx_gene_src_gene 
_entity_src_gen.gene_src_species 
_entity_src_gen.gene_src_strain 
_entity_src_gen.gene_src_tissue 
_entity_src_gen.gene_src_tissue_fraction 
_entity_src_gen.gene_src_details 
_entity_src_gen.pdbx_gene_src_fragment 
_entity_src_gen.pdbx_gene_src_scientific_name 
_entity_src_gen.pdbx_gene_src_ncbi_taxonomy_id 
_entity_src_gen.pdbx_gene_src_variant 
_entity_src_gen.pdbx_gene_src_cell_line 
_entity_src_gen.pdbx_gene_src_atcc 
_entity_src_gen.pdbx_gene_src_organ 
_entity_src_gen.pdbx_gene_src_organelle 
_entity_src_gen.pdbx_gene_src_cell 
_entity_src_gen.pdbx_gene_src_cellular_location 
_entity_src_gen.host_org_common_name 
_entity_src_gen.pdbx_host_org_scientific_name 
_entity_src_gen.pdbx_host_org_ncbi_taxonomy_id 
_entity_src_gen.host_org_genus 
_entity_src_gen.pdbx_host_org_gene 
_entity_src_gen.pdbx_host_org_organ 
_entity_src_gen.host_org_species 
_entity_src_gen.pdbx_host_org_tissue 
_entity_src_gen.pdbx_host_org_tissue_fraction 
_entity_src_gen.pdbx_host_org_strain 
_entity_src_gen.pdbx_host_org_variant 
_entity_src_gen.pdbx_host_org_cell_line 
_entity_src_gen.pdbx_host_org_atcc 
_entity_src_gen.pdbx_host_org_culture_collection 
_entity_src_gen.pdbx_host_org_cell 
_entity_src_gen.pdbx_host_org_organelle 
_entity_src_gen.pdbx_host_org_cellular_location 
_entity_src_gen.pdbx_host_org_vector_type 
_entity_src_gen.pdbx_host_org_vector 
_entity_src_gen.host_org_details 
_entity_src_gen.expression_system_id 
_entity_src_gen.plasmid_name 
_entity_src_gen.plasmid_details 
_entity_src_gen.pdbx_description 
1 1 sample 'Biological sequence' 1 107 ? ? 'HGR07_10045, HGR07_25230' ? ? ? ? ? ? 'Escherichia coli' 562 ? ? ? ? ? ? ? ? 
'Escherichia coli BL21(DE3)' 469008 ? ? ? ? ? ? 'XJb(DE3) Autolysis' ? ? ? ? ? ? ? plasmid ? ? ? pET11a ? ? 
2 1 sample 'Biological sequence' 1 69  ? ? 'HGR07_10045, HGR07_25230' ? ? ? ? ? ? 'Escherichia coli' 562 ? ? ? ? ? ? ? ? 
'Escherichia coli BL21(DE3)' 469008 ? ? ? ? ? ? 'XJb(DE3) Autolysis' ? ? ? ? ? ? ? plasmid ? ? ? pMRBAD ? ? 
# 
loop_
_struct_ref.id 
_struct_ref.db_name 
_struct_ref.db_code 
_struct_ref.pdbx_db_accession 
_struct_ref.pdbx_db_isoform 
_struct_ref.entity_id 
_struct_ref.pdbx_seq_one_letter_code 
_struct_ref.pdbx_align_begin 
1 UNP A0A768MZ64_ECOLX A0A768MZ64 ? 1 
;SSPTPPRGVTVVNNFDAKRYLGTWYEIARFDHRFERGLEKVTATYSLRDDGGLNVINKGYNPDRGMWQQSEGKAYFTGAP
TRAALKVAFF
;
20  
2 UNP A0A768MZ64_ECOLX A0A768MZ64 ? 2 GPFYGGYNVIALDREYRHALVCGPDRDYLWILSRTPTISDEVKQEMLAVATREGFDVSKFIWVQQPGS 110 
# 
loop_
_struct_ref_seq.align_id 
_struct_ref_seq.ref_id 
_struct_ref_seq.pdbx_PDB_id_code 
_struct_ref_seq.pdbx_strand_id 
_struct_ref_seq.seq_align_beg 
_struct_ref_seq.pdbx_seq_align_beg_ins_code 
_struct_ref_seq.seq_align_end 
_struct_ref_seq.pdbx_seq_align_end_ins_code 
_struct_ref_seq.pdbx_db_accession 
_struct_ref_seq.db_align_beg 
_struct_ref_seq.pdbx_db_align_beg_ins_code 
_struct_ref_seq.db_align_end 
_struct_ref_seq.pdbx_db_align_end_ins_code 
_struct_ref_seq.pdbx_auth_seq_align_beg 
_struct_ref_seq.pdbx_auth_seq_align_end 
1 1 7L5M A 18 ? 107 ? A0A768MZ64 20  ? 109 ? 20  109 
2 2 7L5M B 2  ? 69  ? A0A768MZ64 110 ? 177 ? 110 177 
# 
loop_
_struct_ref_seq_dif.align_id 
_struct_ref_seq_dif.pdbx_pdb_id_code 
_struct_ref_seq_dif.mon_id 
_struct_ref_seq_dif.pdbx_pdb_strand_id 
_struct_ref_seq_dif.seq_num 
_struct_ref_seq_dif.pdbx_pdb_ins_code 
_struct_ref_seq_dif.pdbx_seq_db_name 
_struct_ref_seq_dif.pdbx_seq_db_accession_code 
_struct_ref_seq_dif.db_mon_id 
_struct_ref_seq_dif.pdbx_seq_db_seq_num 
_struct_ref_seq_dif.details 
_struct_ref_seq_dif.pdbx_auth_seq_num 
_struct_ref_seq_dif.pdbx_ordinal 
1 7L5M MET A 1  ? UNP A0A768MZ64 ?   ?   'expression tag'        3   1  
1 7L5M GLY A 2  ? UNP A0A768MZ64 ?   ?   'expression tag'        4   2  
1 7L5M HIS A 3  ? UNP A0A768MZ64 ?   ?   'expression tag'        5   3  
1 7L5M HIS A 4  ? UNP A0A768MZ64 ?   ?   'expression tag'        6   4  
1 7L5M HIS A 5  ? UNP A0A768MZ64 ?   ?   'expression tag'        7   5  
1 7L5M HIS A 6  ? UNP A0A768MZ64 ?   ?   'expression tag'        8   6  
1 7L5M HIS A 7  ? UNP A0A768MZ64 ?   ?   'expression tag'        9   7  
1 7L5M HIS A 8  ? UNP A0A768MZ64 ?   ?   'expression tag'        10  8  
1 7L5M LEU A 9  ? UNP A0A768MZ64 ?   ?   'expression tag'        11  9  
1 7L5M GLU A 10 ? UNP A0A768MZ64 ?   ?   'expression tag'        12  10 
1 7L5M SER A 11 ? UNP A0A768MZ64 ?   ?   'expression tag'        13  11 
1 7L5M THR A 12 ? UNP A0A768MZ64 ?   ?   'expression tag'        14  12 
1 7L5M SER A 13 ? UNP A0A768MZ64 ?   ?   'expression tag'        15  13 
1 7L5M LEU A 14 ? UNP A0A768MZ64 ?   ?   'expression tag'        16  14 
1 7L5M TYR A 15 ? UNP A0A768MZ64 ?   ?   'expression tag'        17  15 
1 7L5M LYS A 16 ? UNP A0A768MZ64 ?   ?   'expression tag'        18  16 
1 7L5M LYS A 17 ? UNP A0A768MZ64 ?   ?   'expression tag'        19  17 
1 7L5M SER A 20 ? UNP A0A768MZ64 PRO 22  'engineered mutation'   22  18 
1 7L5M CYS A 34 ? UNP A0A768MZ64 ALA 36  'engineered mutation'   36  19 
1 7L5M ALA A 51 ? UNP A0A768MZ64 PHE 53  'engineered mutation'   53  20 
1 7L5M PHE A 74 ? UNP A0A768MZ64 ASN 76  'engineered mutation'   76  21 
1 7L5M TYR A 87 ? UNP A0A768MZ64 SER 89  'engineered mutation'   89  22 
1 7L5M VAL A 88 ? UNP A0A768MZ64 GLU 90  'engineered mutation'   90  23 
2 7L5M MET B 1  ? UNP A0A768MZ64 ?   ?   'initiating methionine' 109 24 
2 7L5M ASN B 33 ? UNP A0A768MZ64 LEU 141 'engineered mutation'   141 25 
# 
loop_
_chem_comp.id 
_chem_comp.type 
_chem_comp.mon_nstd_flag 
_chem_comp.name 
_chem_comp.pdbx_synonyms 
_chem_comp.formula 
_chem_comp.formula_weight 
ALA 'L-peptide linking' y ALANINE                                ? 'C3 H7 N O2'     89.093  
ARG 'L-peptide linking' y ARGININE                               ? 'C6 H15 N4 O2 1' 175.209 
ASN 'L-peptide linking' y ASPARAGINE                             ? 'C4 H8 N2 O3'    132.118 
ASP 'L-peptide linking' y 'ASPARTIC ACID'                        ? 'C4 H7 N O4'     133.103 
CYS 'L-peptide linking' y CYSTEINE                               ? 'C3 H7 N O2 S'   121.158 
GLN 'L-peptide linking' y GLUTAMINE                              ? 'C5 H10 N2 O3'   146.144 
GLU 'L-peptide linking' y 'GLUTAMIC ACID'                        ? 'C5 H9 N O4'     147.129 
GLY 'peptide linking'   y GLYCINE                                ? 'C2 H5 N O2'     75.067  
HIS 'L-peptide linking' y HISTIDINE                              ? 'C6 H10 N3 O2 1' 156.162 
HOH non-polymer         . WATER                                  ? 'H2 O'           18.015  
ILE 'L-peptide linking' y ISOLEUCINE                             ? 'C6 H13 N O2'    131.173 
LEU 'L-peptide linking' y LEUCINE                                ? 'C6 H13 N O2'    131.173 
LYS 'L-peptide linking' y LYSINE                                 ? 'C6 H15 N2 O2 1' 147.195 
MES non-polymer         . '2-(N-MORPHOLINO)-ETHANESULFONIC ACID' ? 'C6 H13 N O4 S'  195.237 
MET 'L-peptide linking' y METHIONINE                             ? 'C5 H11 N O2 S'  149.211 
NA  non-polymer         . 'SODIUM ION'                           ? 'Na 1'           22.990  
PHE 'L-peptide linking' y PHENYLALANINE                          ? 'C9 H11 N O2'    165.189 
PRO 'L-peptide linking' y PROLINE                                ? 'C5 H9 N O2'     115.130 
SER 'L-peptide linking' y SERINE                                 ? 'C3 H7 N O3'     105.093 
SO4 non-polymer         . 'SULFATE ION'                          ? 'O4 S -2'        96.063  
THR 'L-peptide linking' y THREONINE                              ? 'C4 H9 N O3'     119.119 
TRP 'L-peptide linking' y TRYPTOPHAN                             ? 'C11 H12 N2 O2'  204.225 
TYR 'L-peptide linking' y TYROSINE                               ? 'C9 H11 N O3'    181.189 
VAL 'L-peptide linking' y VALINE                                 ? 'C5 H11 N O2'    117.146 
# 
_exptl.absorpt_coefficient_mu     ? 
_exptl.absorpt_correction_T_max   ? 
_exptl.absorpt_correction_T_min   ? 
_exptl.absorpt_correction_type    ? 
_exptl.absorpt_process_details    ? 
_exptl.entry_id                   7L5M 
_exptl.crystals_number            1 
_exptl.details                    ? 
_exptl.method                     'X-RAY DIFFRACTION' 
_exptl.method_details             ? 
# 
_exptl_crystal.colour                      ? 
_exptl_crystal.density_diffrn              ? 
_exptl_crystal.density_Matthews            2.80 
_exptl_crystal.density_method              ? 
_exptl_crystal.density_percent_sol         56.12 
_exptl_crystal.description                 ? 
_exptl_crystal.F_000                       ? 
_exptl_crystal.id                          1 
_exptl_crystal.preparation                 ? 
_exptl_crystal.size_max                    ? 
_exptl_crystal.size_mid                    ? 
_exptl_crystal.size_min                    ? 
_exptl_crystal.size_rad                    ? 
_exptl_crystal.colour_lustre               ? 
_exptl_crystal.colour_modifier             ? 
_exptl_crystal.colour_primary              ? 
_exptl_crystal.density_meas                ? 
_exptl_crystal.density_meas_esd            ? 
_exptl_crystal.density_meas_gt             ? 
_exptl_crystal.density_meas_lt             ? 
_exptl_crystal.density_meas_temp           ? 
_exptl_crystal.density_meas_temp_esd       ? 
_exptl_crystal.density_meas_temp_gt        ? 
_exptl_crystal.density_meas_temp_lt        ? 
_exptl_crystal.pdbx_crystal_image_url      ? 
_exptl_crystal.pdbx_crystal_image_format   ? 
_exptl_crystal.pdbx_mosaicity              ? 
_exptl_crystal.pdbx_mosaicity_esd          ? 
# 
_exptl_crystal_grow.apparatus       ? 
_exptl_crystal_grow.atmosphere      ? 
_exptl_crystal_grow.crystal_id      1 
_exptl_crystal_grow.details         ? 
_exptl_crystal_grow.method          'VAPOR DIFFUSION, HANGING DROP' 
_exptl_crystal_grow.method_ref      ? 
_exptl_crystal_grow.pH              4.5 
_exptl_crystal_grow.pressure        ? 
_exptl_crystal_grow.pressure_esd    ? 
_exptl_crystal_grow.seeding         ? 
_exptl_crystal_grow.seeding_ref     ? 
_exptl_crystal_grow.temp            294 
_exptl_crystal_grow.temp_details    ? 
_exptl_crystal_grow.temp_esd        ? 
_exptl_crystal_grow.time            ? 
_exptl_crystal_grow.pdbx_details    '1.6 M ammonium sulfate, 0.1 M MES, pH 4.5, supplemented with 0.5% n-Dodecyl-b-D-maltoside' 
_exptl_crystal_grow.pdbx_pH_range   ? 
# 
_diffrn.ambient_environment              ? 
_diffrn.ambient_temp                     100 
_diffrn.ambient_temp_details             ? 
_diffrn.ambient_temp_esd                 ? 
_diffrn.crystal_id                       1 
_diffrn.crystal_support                  ? 
_diffrn.crystal_treatment                ? 
_diffrn.details                          ? 
_diffrn.id                               1 
_diffrn.ambient_pressure                 ? 
_diffrn.ambient_pressure_esd             ? 
_diffrn.ambient_pressure_gt              ? 
_diffrn.ambient_pressure_lt              ? 
_diffrn.ambient_temp_gt                  ? 
_diffrn.ambient_temp_lt                  ? 
_diffrn.pdbx_serial_crystal_experiment   N 
# 
_diffrn_detector.details                      ? 
_diffrn_detector.detector                     CCD 
_diffrn_detector.diffrn_id                    1 
_diffrn_detector.type                         'MARMOSAIC 225 mm CCD' 
_diffrn_detector.area_resol_mean              ? 
_diffrn_detector.dtime                        ? 
_diffrn_detector.pdbx_frames_total            ? 
_diffrn_detector.pdbx_collection_time_total   ? 
_diffrn_detector.pdbx_collection_date         2020-07-22 
_diffrn_detector.pdbx_frequency               ? 
# 
_diffrn_radiation.collimation                      ? 
_diffrn_radiation.diffrn_id                        1 
_diffrn_radiation.filter_edge                      ? 
_diffrn_radiation.inhomogeneity                    ? 
_diffrn_radiation.monochromator                    'diamond(111)' 
_diffrn_radiation.polarisn_norm                    ? 
_diffrn_radiation.polarisn_ratio                   ? 
_diffrn_radiation.probe                            ? 
_diffrn_radiation.type                             ? 
_diffrn_radiation.xray_symbol                      ? 
_diffrn_radiation.wavelength_id                    1 
_diffrn_radiation.pdbx_monochromatic_or_laue_m_l   M 
_diffrn_radiation.pdbx_wavelength_list             ? 
_diffrn_radiation.pdbx_wavelength                  ? 
_diffrn_radiation.pdbx_diffrn_protocol             'SINGLE WAVELENGTH' 
_diffrn_radiation.pdbx_analyzer                    ? 
_diffrn_radiation.pdbx_scattering_type             x-ray 
# 
_diffrn_radiation_wavelength.id           1 
_diffrn_radiation_wavelength.wavelength   0.97872 
_diffrn_radiation_wavelength.wt           1.0 
# 
_diffrn_source.current                     ? 
_diffrn_source.details                     ? 
_diffrn_source.diffrn_id                   1 
_diffrn_source.power                       ? 
_diffrn_source.size                        ? 
_diffrn_source.source                      SYNCHROTRON 
_diffrn_source.target                      ? 
_diffrn_source.type                        'APS BEAMLINE 21-ID-F' 
_diffrn_source.voltage                     ? 
_diffrn_source.take-off_angle              ? 
_diffrn_source.pdbx_wavelength_list        0.97872 
_diffrn_source.pdbx_wavelength             ? 
_diffrn_source.pdbx_synchrotron_beamline   21-ID-F 
_diffrn_source.pdbx_synchrotron_site       APS 
# 
_reflns.B_iso_Wilson_estimate            49.674 
_reflns.entry_id                         7L5M 
_reflns.data_reduction_details           ? 
_reflns.data_reduction_method            ? 
_reflns.d_resolution_high                2.330 
_reflns.d_resolution_low                 46.210 
_reflns.details                          ? 
_reflns.limit_h_max                      ? 
_reflns.limit_h_min                      ? 
_reflns.limit_k_max                      ? 
_reflns.limit_k_min                      ? 
_reflns.limit_l_max                      ? 
_reflns.limit_l_min                      ? 
_reflns.number_all                       ? 
_reflns.number_obs                       10501 
_reflns.observed_criterion               ? 
_reflns.observed_criterion_F_max         ? 
_reflns.observed_criterion_F_min         ? 
_reflns.observed_criterion_I_max         ? 
_reflns.observed_criterion_I_min         ? 
_reflns.observed_criterion_sigma_F       ? 
_reflns.observed_criterion_sigma_I       ? 
_reflns.percent_possible_obs             100.000 
_reflns.R_free_details                   ? 
_reflns.Rmerge_F_all                     ? 
_reflns.Rmerge_F_obs                     ? 
_reflns.Friedel_coverage                 ? 
_reflns.number_gt                        ? 
_reflns.threshold_expression             ? 
_reflns.pdbx_redundancy                  8.000 
_reflns.pdbx_Rmerge_I_obs                ? 
_reflns.pdbx_Rmerge_I_all                ? 
_reflns.pdbx_Rsym_value                  ? 
_reflns.pdbx_netI_over_av_sigmaI         ? 
_reflns.pdbx_netI_over_sigmaI            10.900 
_reflns.pdbx_res_netI_over_av_sigmaI_2   ? 
_reflns.pdbx_res_netI_over_sigmaI_2      ? 
_reflns.pdbx_chi_squared                 ? 
_reflns.pdbx_scaling_rejects             ? 
_reflns.pdbx_d_res_high_opt              ? 
_reflns.pdbx_d_res_low_opt               ? 
_reflns.pdbx_d_res_opt_method            ? 
_reflns.phase_calculation_details        ? 
_reflns.pdbx_Rrim_I_all                  0.087 
_reflns.pdbx_Rpim_I_all                  0.030 
_reflns.pdbx_d_opt                       ? 
_reflns.pdbx_number_measured_all         84479 
_reflns.pdbx_diffrn_id                   1 
_reflns.pdbx_ordinal                     1 
_reflns.pdbx_CC_half                     ? 
_reflns.pdbx_CC_star                     ? 
_reflns.pdbx_R_split                     ? 
# 
loop_
_reflns_shell.d_res_high 
_reflns_shell.d_res_low 
_reflns_shell.meanI_over_sigI_all 
_reflns_shell.meanI_over_sigI_obs 
_reflns_shell.number_measured_all 
_reflns_shell.number_measured_obs 
_reflns_shell.number_possible 
_reflns_shell.number_unique_all 
_reflns_shell.number_unique_obs 
_reflns_shell.percent_possible_all 
_reflns_shell.percent_possible_obs 
_reflns_shell.Rmerge_F_all 
_reflns_shell.Rmerge_F_obs 
_reflns_shell.Rmerge_I_all 
_reflns_shell.Rmerge_I_obs 
_reflns_shell.meanI_over_sigI_gt 
_reflns_shell.meanI_over_uI_all 
_reflns_shell.meanI_over_uI_gt 
_reflns_shell.number_measured_gt 
_reflns_shell.number_unique_gt 
_reflns_shell.percent_possible_gt 
_reflns_shell.Rmerge_F_gt 
_reflns_shell.Rmerge_I_gt 
_reflns_shell.pdbx_redundancy 
_reflns_shell.pdbx_Rsym_value 
_reflns_shell.pdbx_chi_squared 
_reflns_shell.pdbx_netI_over_sigmaI_all 
_reflns_shell.pdbx_netI_over_sigmaI_obs 
_reflns_shell.pdbx_Rrim_I_all 
_reflns_shell.pdbx_Rpim_I_all 
_reflns_shell.pdbx_rejects 
_reflns_shell.pdbx_ordinal 
_reflns_shell.pdbx_diffrn_id 
_reflns_shell.pdbx_CC_half 
_reflns_shell.pdbx_CC_star 
_reflns_shell.pdbx_R_split 
2.330 2.370  ? 1.800  2781 ? ? ? 522 100.000 ? ? ? ? ? ? ? ? ? ? ? ? ? 5.300 ? ? ? ? 0.697 0.286 ? 1 1 ? ? ? 
6.320 46.220 ? 17.800 4424 ? ? ? 623 100.000 ? ? ? ? ? ? ? ? ? ? ? ? ? 7.100 ? ? ? ? 0.041 0.015 ? 2 1 ? ? ? 
# 
_refine.aniso_B[1][1]                            0.5300 
_refine.aniso_B[1][2]                            -0.0000 
_refine.aniso_B[1][3]                            -0.0000 
_refine.aniso_B[2][2]                            0.5300 
_refine.aniso_B[2][3]                            -0.0000 
_refine.aniso_B[3][3]                            -1.0700 
_refine.B_iso_max                                155.120 
_refine.B_iso_mean                               55.7520 
_refine.B_iso_min                                33.660 
_refine.correlation_coeff_Fo_to_Fc               0.9450 
_refine.correlation_coeff_Fo_to_Fc_free          0.9200 
_refine.details                                  
'HYDROGENS HAVE BEEN ADDED IN THE RIDING POSITIONS U VALUES      : REFINED INDIVIDUALLY' 
_refine.diff_density_max                         ? 
_refine.diff_density_max_esd                     ? 
_refine.diff_density_min                         ? 
_refine.diff_density_min_esd                     ? 
_refine.diff_density_rms                         ? 
_refine.diff_density_rms_esd                     ? 
_refine.entry_id                                 7L5M 
_refine.pdbx_refine_id                           'X-RAY DIFFRACTION' 
_refine.ls_abs_structure_details                 ? 
_refine.ls_abs_structure_Flack                   ? 
_refine.ls_abs_structure_Flack_esd               ? 
_refine.ls_abs_structure_Rogers                  ? 
_refine.ls_abs_structure_Rogers_esd              ? 
_refine.ls_d_res_high                            2.3300 
_refine.ls_d_res_low                             44.1300 
_refine.ls_extinction_coef                       ? 
_refine.ls_extinction_coef_esd                   ? 
_refine.ls_extinction_expression                 ? 
_refine.ls_extinction_method                     ? 
_refine.ls_goodness_of_fit_all                   ? 
_refine.ls_goodness_of_fit_all_esd               ? 
_refine.ls_goodness_of_fit_obs                   ? 
_refine.ls_goodness_of_fit_obs_esd               ? 
_refine.ls_hydrogen_treatment                    ? 
_refine.ls_matrix_type                           ? 
_refine.ls_number_constraints                    ? 
_refine.ls_number_parameters                     ? 
_refine.ls_number_reflns_all                     ? 
_refine.ls_number_reflns_obs                     9939 
_refine.ls_number_reflns_R_free                  501 
_refine.ls_number_reflns_R_work                  ? 
_refine.ls_number_restraints                     ? 
_refine.ls_percent_reflns_obs                    99.9000 
_refine.ls_percent_reflns_R_free                 4.8000 
_refine.ls_R_factor_all                          ? 
_refine.ls_R_factor_obs                          0.2404 
_refine.ls_R_factor_R_free                       0.2787 
_refine.ls_R_factor_R_free_error                 ? 
_refine.ls_R_factor_R_free_error_details         ? 
_refine.ls_R_factor_R_work                       0.2385 
_refine.ls_R_Fsqd_factor_obs                     ? 
_refine.ls_R_I_factor_obs                        ? 
_refine.ls_redundancy_reflns_all                 ? 
_refine.ls_redundancy_reflns_obs                 ? 
_refine.ls_restrained_S_all                      ? 
_refine.ls_restrained_S_obs                      ? 
_refine.ls_shift_over_esd_max                    ? 
_refine.ls_shift_over_esd_mean                   ? 
_refine.ls_structure_factor_coef                 ? 
_refine.ls_weighting_details                     ? 
_refine.ls_weighting_scheme                      ? 
_refine.ls_wR_factor_all                         ? 
_refine.ls_wR_factor_obs                         ? 
_refine.ls_wR_factor_R_free                      ? 
_refine.ls_wR_factor_R_work                      ? 
_refine.occupancy_max                            ? 
_refine.occupancy_min                            ? 
_refine.solvent_model_details                    MASK 
_refine.solvent_model_param_bsol                 ? 
_refine.solvent_model_param_ksol                 ? 
_refine.pdbx_R_complete                          ? 
_refine.ls_R_factor_gt                           ? 
_refine.ls_goodness_of_fit_gt                    ? 
_refine.ls_goodness_of_fit_ref                   ? 
_refine.ls_shift_over_su_max                     ? 
_refine.ls_shift_over_su_max_lt                  ? 
_refine.ls_shift_over_su_mean                    ? 
_refine.ls_shift_over_su_mean_lt                 ? 
_refine.pdbx_ls_sigma_I                          ? 
_refine.pdbx_ls_sigma_F                          0.000 
_refine.pdbx_ls_sigma_Fsqd                       ? 
_refine.pdbx_data_cutoff_high_absF               ? 
_refine.pdbx_data_cutoff_high_rms_absF           ? 
_refine.pdbx_data_cutoff_low_absF                ? 
_refine.pdbx_isotropic_thermal_model             ? 
_refine.pdbx_ls_cross_valid_method               THROUGHOUT 
_refine.pdbx_method_to_determine_struct          'MOLECULAR REPLACEMENT' 
_refine.pdbx_starting_model                      'PDB entry 1QWD' 
_refine.pdbx_stereochemistry_target_values       'MAXIMUM LIKELIHOOD' 
_refine.pdbx_R_Free_selection_details            RANDOM 
_refine.pdbx_stereochem_target_val_spec_case     ? 
_refine.pdbx_overall_ESU_R                       0.2860 
_refine.pdbx_overall_ESU_R_Free                  0.2350 
_refine.pdbx_solvent_vdw_probe_radii             1.2000 
_refine.pdbx_solvent_ion_probe_radii             0.8000 
_refine.pdbx_solvent_shrinkage_radii             0.8000 
_refine.pdbx_real_space_R                        ? 
_refine.pdbx_density_correlation                 ? 
_refine.pdbx_pd_number_of_powder_patterns        ? 
_refine.pdbx_pd_number_of_points                 ? 
_refine.pdbx_pd_meas_number_of_points            ? 
_refine.pdbx_pd_proc_ls_prof_R_factor            ? 
_refine.pdbx_pd_proc_ls_prof_wR_factor           ? 
_refine.pdbx_pd_Marquardt_correlation_coeff      ? 
_refine.pdbx_pd_Fsqrd_R_factor                   ? 
_refine.pdbx_pd_ls_matrix_band_width             ? 
_refine.pdbx_overall_phase_error                 ? 
_refine.pdbx_overall_SU_R_free_Cruickshank_DPI   ? 
_refine.pdbx_overall_SU_R_free_Blow_DPI          ? 
_refine.pdbx_overall_SU_R_Blow_DPI               ? 
_refine.pdbx_TLS_residual_ADP_flag               ? 
_refine.pdbx_diffrn_id                           1 
_refine.overall_SU_B                             ? 
_refine.overall_SU_ML                            ? 
_refine.overall_SU_R_Cruickshank_DPI             ? 
_refine.overall_SU_R_free                        ? 
_refine.overall_FOM_free_R_set                   ? 
_refine.overall_FOM_work_R_set                   ? 
_refine.pdbx_average_fsc_overall                 ? 
_refine.pdbx_average_fsc_work                    ? 
_refine.pdbx_average_fsc_free                    ? 
# 
_refine_hist.pdbx_refine_id                   'X-RAY DIFFRACTION' 
_refine_hist.cycle_id                         final 
_refine_hist.details                          ? 
_refine_hist.d_res_high                       2.3300 
_refine_hist.d_res_low                        44.1300 
_refine_hist.number_atoms_solvent             12 
_refine_hist.number_atoms_total               1258 
_refine_hist.number_reflns_all                ? 
_refine_hist.number_reflns_obs                ? 
_refine_hist.number_reflns_R_free             ? 
_refine_hist.number_reflns_R_work             ? 
_refine_hist.R_factor_all                     ? 
_refine_hist.R_factor_obs                     ? 
_refine_hist.R_factor_R_free                  ? 
_refine_hist.R_factor_R_work                  ? 
_refine_hist.pdbx_number_residues_total       151 
_refine_hist.pdbx_B_iso_mean_ligand           94.32 
_refine_hist.pdbx_B_iso_mean_solvent          47.46 
_refine_hist.pdbx_number_atoms_protein        1218 
_refine_hist.pdbx_number_atoms_nucleic_acid   0 
_refine_hist.pdbx_number_atoms_ligand         28 
_refine_hist.pdbx_number_atoms_lipid          ? 
_refine_hist.pdbx_number_atoms_carb           ? 
_refine_hist.pdbx_pseudo_atom_details         ? 
# 
loop_
_refine_ls_restr.pdbx_refine_id 
_refine_ls_restr.criterion 
_refine_ls_restr.dev_ideal 
_refine_ls_restr.dev_ideal_target 
_refine_ls_restr.number 
_refine_ls_restr.rejects 
_refine_ls_restr.type 
_refine_ls_restr.weight 
_refine_ls_restr.pdbx_restraint_function 
'X-RAY DIFFRACTION' ? 0.007  0.013  1274 ? r_bond_refined_d       ? ? 
'X-RAY DIFFRACTION' ? 0.035  0.017  1148 ? r_bond_other_d         ? ? 
'X-RAY DIFFRACTION' ? 1.547  1.653  1728 ? r_angle_refined_deg    ? ? 
'X-RAY DIFFRACTION' ? 2.344  1.585  2643 ? r_angle_other_deg      ? ? 
'X-RAY DIFFRACTION' ? 8.139  5.000  149  ? r_dihedral_angle_1_deg ? ? 
'X-RAY DIFFRACTION' ? 30.490 20.260 77   ? r_dihedral_angle_2_deg ? ? 
'X-RAY DIFFRACTION' ? 16.321 15.000 196  ? r_dihedral_angle_3_deg ? ? 
'X-RAY DIFFRACTION' ? 20.018 15.000 13   ? r_dihedral_angle_4_deg ? ? 
'X-RAY DIFFRACTION' ? 0.069  0.200  153  ? r_chiral_restr         ? ? 
'X-RAY DIFFRACTION' ? 0.007  0.020  1420 ? r_gen_planes_refined   ? ? 
'X-RAY DIFFRACTION' ? 0.009  0.020  311  ? r_gen_planes_other     ? ? 
'X-RAY DIFFRACTION' ? 4.349  5.617  602  ? r_mcbond_it            ? ? 
'X-RAY DIFFRACTION' ? 4.348  5.616  601  ? r_mcbond_other         ? ? 
'X-RAY DIFFRACTION' ? 6.253  8.404  749  ? r_mcangle_it           ? ? 
# 
_refine_ls_shell.pdbx_refine_id                   'X-RAY DIFFRACTION' 
_refine_ls_shell.d_res_high                       2.3300 
_refine_ls_shell.d_res_low                        2.3900 
_refine_ls_shell.number_reflns_all                759 
_refine_ls_shell.number_reflns_obs                ? 
_refine_ls_shell.number_reflns_R_free             34 
_refine_ls_shell.number_reflns_R_work             725 
_refine_ls_shell.percent_reflns_obs               99.7400 
_refine_ls_shell.percent_reflns_R_free            ? 
_refine_ls_shell.R_factor_all                     ? 
_refine_ls_shell.R_factor_obs                     ? 
_refine_ls_shell.R_factor_R_free                  0.4090 
_refine_ls_shell.R_factor_R_free_error            0.0000 
_refine_ls_shell.R_factor_R_work                  0.3830 
_refine_ls_shell.redundancy_reflns_all            ? 
_refine_ls_shell.redundancy_reflns_obs            ? 
_refine_ls_shell.wR_factor_all                    ? 
_refine_ls_shell.wR_factor_obs                    ? 
_refine_ls_shell.wR_factor_R_free                 ? 
_refine_ls_shell.wR_factor_R_work                 ? 
_refine_ls_shell.pdbx_R_complete                  ? 
_refine_ls_shell.pdbx_total_number_of_bins_used   20 
_refine_ls_shell.pdbx_phase_error                 ? 
_refine_ls_shell.pdbx_fsc_work                    ? 
_refine_ls_shell.pdbx_fsc_free                    ? 
# 
_struct.entry_id                     7L5M 
_struct.title                        'Crystal Structure of the DiB-RM-split Protein' 
_struct.pdbx_model_details           ? 
_struct.pdbx_formula_weight          ? 
_struct.pdbx_formula_weight_method   ? 
_struct.pdbx_model_type_details      ? 
_struct.pdbx_CASP_flag               N 
# 
_struct_keywords.entry_id        7L5M 
_struct_keywords.text            
'lipocalin, beta barrel, split protein, fluorogen activating protein, designed protein, FLUORESCENT PROTEIN' 
_struct_keywords.pdbx_keywords   'FLUORESCENT PROTEIN' 
# 
loop_
_struct_asym.id 
_struct_asym.pdbx_blank_PDB_chainid_flag 
_struct_asym.pdbx_modified 
_struct_asym.entity_id 
_struct_asym.details 
A N N 1 ? 
B N N 2 ? 
C N N 3 ? 
D N N 4 ? 
E N N 5 ? 
F N N 4 ? 
G N N 4 ? 
H N N 6 ? 
I N N 6 ? 
# 
loop_
_struct_conf.conf_type_id 
_struct_conf.id 
_struct_conf.pdbx_PDB_helix_id 
_struct_conf.beg_label_comp_id 
_struct_conf.beg_label_asym_id 
_struct_conf.beg_label_seq_id 
_struct_conf.pdbx_beg_PDB_ins_code 
_struct_conf.end_label_comp_id 
_struct_conf.end_label_asym_id 
_struct_conf.end_label_seq_id 
_struct_conf.pdbx_end_PDB_ins_code 
_struct_conf.beg_auth_comp_id 
_struct_conf.beg_auth_asym_id 
_struct_conf.beg_auth_seq_id 
_struct_conf.end_auth_comp_id 
_struct_conf.end_auth_asym_id 
_struct_conf.end_auth_seq_id 
_struct_conf.pdbx_PDB_helix_class 
_struct_conf.details 
_struct_conf.pdbx_PDB_helix_length 
HELX_P HELX_P1 AA1 ASP A 33 ? LEU A 38 ? ASP A 35  LEU A 40  1 ? 6  
HELX_P HELX_P2 AA2 SER B 40 ? GLU B 54 ? SER B 148 GLU B 162 1 ? 15 
HELX_P HELX_P3 AA3 ASP B 57 ? SER B 59 ? ASP B 165 SER B 167 5 ? 3  
# 
_struct_conf_type.id          HELX_P 
_struct_conf_type.criteria    ? 
_struct_conf_type.reference   ? 
# 
_struct_sheet.id               AA1 
_struct_sheet.type             ? 
_struct_sheet.number_strands   10 
_struct_sheet.details          ? 
# 
loop_
_struct_sheet_order.sheet_id 
_struct_sheet_order.range_id_1 
_struct_sheet_order.range_id_2 
_struct_sheet_order.offset 
_struct_sheet_order.sense 
AA1 1 2  ? anti-parallel 
AA1 2 3  ? anti-parallel 
AA1 3 4  ? anti-parallel 
AA1 4 5  ? anti-parallel 
AA1 5 6  ? anti-parallel 
AA1 6 7  ? anti-parallel 
AA1 7 8  ? anti-parallel 
AA1 8 9  ? anti-parallel 
AA1 9 10 ? anti-parallel 
# 
loop_
_struct_sheet_range.sheet_id 
_struct_sheet_range.id 
_struct_sheet_range.beg_label_comp_id 
_struct_sheet_range.beg_label_asym_id 
_struct_sheet_range.beg_label_seq_id 
_struct_sheet_range.pdbx_beg_PDB_ins_code 
_struct_sheet_range.end_label_comp_id 
_struct_sheet_range.end_label_asym_id 
_struct_sheet_range.end_label_seq_id 
_struct_sheet_range.pdbx_end_PDB_ins_code 
_struct_sheet_range.beg_auth_comp_id 
_struct_sheet_range.beg_auth_asym_id 
_struct_sheet_range.beg_auth_seq_id 
_struct_sheet_range.end_auth_comp_id 
_struct_sheet_range.end_auth_asym_id 
_struct_sheet_range.end_auth_seq_id 
AA1 1  PHE B 61  ? TRP B 63  ? PHE B 169 TRP B 171 
AA1 2  GLY A 39  ? PHE A 47  ? GLY A 41  PHE A 49  
AA1 3  LEU B 30  ? SER B 34  ? LEU B 138 SER B 142 
AA1 4  HIS B 19  ? CYS B 23  ? HIS B 127 CYS B 131 
AA1 5  GLY B 7   ? LEU B 13  ? GLY B 115 LEU B 121 
AA1 6  ALA A 101 ? PHE A 106 ? ALA A 103 PHE A 108 
AA1 7  MET A 83  ? PHE A 93  ? MET A 85  PHE A 95  
AA1 8  LEU A 70  ? ASN A 78  ? LEU A 72  ASN A 80  
AA1 9  GLU A 56  ? LEU A 64  ? GLU A 58  LEU A 66  
AA1 10 GLY A 39  ? PHE A 47  ? GLY A 41  PHE A 49  
# 
loop_
_pdbx_struct_sheet_hbond.sheet_id 
_pdbx_struct_sheet_hbond.range_id_1 
_pdbx_struct_sheet_hbond.range_id_2 
_pdbx_struct_sheet_hbond.range_1_label_atom_id 
_pdbx_struct_sheet_hbond.range_1_label_comp_id 
_pdbx_struct_sheet_hbond.range_1_label_asym_id 
_pdbx_struct_sheet_hbond.range_1_label_seq_id 
_pdbx_struct_sheet_hbond.range_1_PDB_ins_code 
_pdbx_struct_sheet_hbond.range_1_auth_atom_id 
_pdbx_struct_sheet_hbond.range_1_auth_comp_id 
_pdbx_struct_sheet_hbond.range_1_auth_asym_id 
_pdbx_struct_sheet_hbond.range_1_auth_seq_id 
_pdbx_struct_sheet_hbond.range_2_label_atom_id 
_pdbx_struct_sheet_hbond.range_2_label_comp_id 
_pdbx_struct_sheet_hbond.range_2_label_asym_id 
_pdbx_struct_sheet_hbond.range_2_label_seq_id 
_pdbx_struct_sheet_hbond.range_2_PDB_ins_code 
_pdbx_struct_sheet_hbond.range_2_auth_atom_id 
_pdbx_struct_sheet_hbond.range_2_auth_comp_id 
_pdbx_struct_sheet_hbond.range_2_auth_asym_id 
_pdbx_struct_sheet_hbond.range_2_auth_seq_id 
AA1 1 2  O ILE B 62  ? O ILE B 170 N ARG A 46  ? N ARG A 48  
AA1 2 3  N TYR A 42  ? N TYR A 44  O SER B 34  ? O SER B 142 
AA1 3 4  O TRP B 31  ? O TRP B 139 N VAL B 22  ? N VAL B 130 
AA1 4 5  O LEU B 21  ? O LEU B 129 N ILE B 11  ? N ILE B 119 
AA1 5 6  O TYR B 8   ? O TYR B 116 N LEU A 102 ? N LEU A 104 
AA1 6 7  O LYS A 103 ? O LYS A 105 N TYR A 92  ? N TYR A 94  
AA1 7 8  O GLY A 89  ? O GLY A 91  N VAL A 72  ? N VAL A 74  
AA1 8 9  O ASN A 71  ? O ASN A 73  N SER A 63  ? N SER A 65  
AA1 9 10 O VAL A 58  ? O VAL A 60  N GLU A 43  ? N GLU A 45  
# 
loop_
_struct_site.id 
_struct_site.pdbx_evidence_code 
_struct_site.pdbx_auth_asym_id 
_struct_site.pdbx_auth_comp_id 
_struct_site.pdbx_auth_seq_id 
_struct_site.pdbx_auth_ins_code 
_struct_site.pdbx_num_residues 
_struct_site.details 
AC1 Software A MES 201 ? 4 'binding site for residue MES A 201' 
AC2 Software A SO4 202 ? 4 'binding site for residue SO4 A 202' 
AC3 Software B SO4 202 ? 2 'binding site for residue SO4 B 202' 
AC4 Software B SO4 203 ? 2 'binding site for residue SO4 B 203' 
# 
loop_
_struct_site_gen.id 
_struct_site_gen.site_id 
_struct_site_gen.pdbx_num_res 
_struct_site_gen.label_comp_id 
_struct_site_gen.label_asym_id 
_struct_site_gen.label_seq_id 
_struct_site_gen.pdbx_auth_ins_code 
_struct_site_gen.auth_comp_id 
_struct_site_gen.auth_asym_id 
_struct_site_gen.auth_seq_id 
_struct_site_gen.label_atom_id 
_struct_site_gen.label_alt_id 
_struct_site_gen.symmetry 
_struct_site_gen.details 
1  AC1 4 HIS A 49 ? HIS A 51  . ? 1_555 ? 
2  AC1 4 ARG A 50 ? ARG A 52  . ? 1_555 ? 
3  AC1 4 ARG A 53 ? ARG A 55  . ? 1_555 ? 
4  AC1 4 TYR B 29 ? TYR B 137 . ? 1_555 ? 
5  AC2 4 LYS A 90 ? LYS A 92  . ? 1_555 ? 
6  AC2 4 ASP B 14 ? ASP B 122 . ? 4_445 ? 
7  AC2 4 ARG B 15 ? ARG B 123 . ? 4_445 ? 
8  AC2 4 GLU B 16 ? GLU B 124 . ? 4_445 ? 
9  AC3 2 ARG B 18 ? ARG B 126 . ? 1_555 ? 
10 AC3 2 HIS B 19 ? HIS B 127 . ? 1_555 ? 
11 AC4 2 ASP B 26 ? ASP B 134 . ? 1_555 ? 
12 AC4 2 ARG B 27 ? ARG B 135 . ? 1_555 ? 
# 
_atom_sites.entry_id                    7L5M 
_atom_sites.Cartn_transf_matrix[1][1]   ? 
_atom_sites.Cartn_transf_matrix[1][2]   ? 
_atom_sites.Cartn_transf_matrix[1][3]   ? 
_atom_sites.Cartn_transf_matrix[2][1]   ? 
_atom_sites.Cartn_transf_matrix[2][2]   ? 
_atom_sites.Cartn_transf_matrix[2][3]   ? 
_atom_sites.Cartn_transf_matrix[3][1]   ? 
_atom_sites.Cartn_transf_matrix[3][2]   ? 
_atom_sites.Cartn_transf_matrix[3][3]   ? 
_atom_sites.Cartn_transf_vector[1]      ? 
_atom_sites.Cartn_transf_vector[2]      ? 
_atom_sites.Cartn_transf_vector[3]      ? 
_atom_sites.fract_transf_matrix[1][1]   0.01066902 
_atom_sites.fract_transf_matrix[1][2]   0.01130435 
_atom_sites.fract_transf_matrix[1][3]   -0.00803734 
_atom_sites.fract_transf_matrix[2][1]   0.01386176 
_atom_sites.fract_transf_matrix[2][2]   -0.00904696 
_atom_sites.fract_transf_matrix[2][3]   0.00567618 
_atom_sites.fract_transf_matrix[3][1]   -0.00020135 
_atom_sites.fract_transf_matrix[3][2]   -0.00405084 
_atom_sites.fract_transf_matrix[3][3]   -0.00596469 
_atom_sites.fract_transf_vector[1]      -0.309397 
_atom_sites.fract_transf_vector[2]      0.039065 
_atom_sites.fract_transf_vector[3]      -0.078636 
_atom_sites.solution_primary            ? 
_atom_sites.solution_secondary          ? 
_atom_sites.solution_hydrogens          ? 
_atom_sites.special_details             ? 
# 
loop_
_atom_type.symbol 
C  
N  
NA 
O  
S  
# 
loop_
_atom_site.group_PDB 
_atom_site.id 
_atom_site.type_symbol 
_atom_site.label_atom_id 
_atom_site.label_alt_id 
_atom_site.label_comp_id 
_atom_site.label_asym_id 
_atom_site.label_entity_id 
_atom_site.label_seq_id 
_atom_site.pdbx_PDB_ins_code 
_atom_site.Cartn_x 
_atom_site.Cartn_y 
_atom_site.Cartn_z 
_atom_site.occupancy 
_atom_site.B_iso_or_equiv 
_atom_site.pdbx_formal_charge 
_atom_site.auth_seq_id 
_atom_site.auth_comp_id 
_atom_site.auth_asym_id 
_atom_site.auth_atom_id 
_atom_site.pdbx_PDB_model_num 
ATOM   1    N  N   . THR A 1 21  ? 0.564   -16.251 -1.548  1.00 100.94 ? 23  THR A N   1 
ATOM   2    C  CA  . THR A 1 21  ? 0.888   -16.523 -0.107  1.00 102.92 ? 23  THR A CA  1 
ATOM   3    C  C   . THR A 1 21  ? 1.628   -15.338 0.507   1.00 96.33  ? 23  THR A C   1 
ATOM   4    O  O   . THR A 1 21  ? 2.574   -14.823 -0.087  1.00 88.52  ? 23  THR A O   1 
ATOM   5    C  CB  . THR A 1 21  ? 1.776   -17.760 0.078   1.00 107.96 ? 23  THR A CB  1 
ATOM   6    O  OG1 . THR A 1 21  ? 1.440   -18.730 -0.915  1.00 104.68 ? 23  THR A OG1 1 
ATOM   7    C  CG2 . THR A 1 21  ? 1.654   -18.369 1.461   1.00 107.86 ? 23  THR A CG2 1 
ATOM   8    N  N   . PRO A 1 22  ? 1.259   -14.902 1.735   1.00 102.49 ? 24  PRO A N   1 
ATOM   9    C  CA  . PRO A 1 22  ? 1.984   -13.823 2.411   1.00 93.69  ? 24  PRO A CA  1 
ATOM   10   C  C   . PRO A 1 22  ? 3.416   -14.256 2.717   1.00 86.49  ? 24  PRO A C   1 
ATOM   11   O  O   . PRO A 1 22  ? 3.716   -15.447 2.652   1.00 90.39  ? 24  PRO A O   1 
ATOM   12   C  CB  . PRO A 1 22  ? 1.172   -13.578 3.695   1.00 96.69  ? 24  PRO A CB  1 
ATOM   13   C  CG  . PRO A 1 22  ? 0.407   -14.874 3.926   1.00 98.58  ? 24  PRO A CG  1 
ATOM   14   C  CD  . PRO A 1 22  ? 0.143   -15.429 2.542   1.00 101.37 ? 24  PRO A CD  1 
ATOM   15   N  N   . PRO A 1 23  ? 4.344   -13.336 3.074   1.00 79.67  ? 25  PRO A N   1 
ATOM   16   C  CA  . PRO A 1 23  ? 5.691   -13.744 3.460   1.00 79.24  ? 25  PRO A CA  1 
ATOM   17   C  C   . PRO A 1 23  ? 5.550   -14.651 4.688   1.00 82.64  ? 25  PRO A C   1 
ATOM   18   O  O   . PRO A 1 23  ? 4.515   -14.599 5.330   1.00 81.20  ? 25  PRO A O   1 
ATOM   19   C  CB  . PRO A 1 23  ? 6.460   -12.450 3.759   1.00 75.91  ? 25  PRO A CB  1 
ATOM   20   C  CG  . PRO A 1 23  ? 5.565   -11.325 3.265   1.00 73.06  ? 25  PRO A CG  1 
ATOM   21   C  CD  . PRO A 1 23  ? 4.156   -11.883 3.188   1.00 79.44  ? 25  PRO A CD  1 
ATOM   22   N  N   . ARG A 1 24  ? 6.549   -15.494 4.951   1.00 90.33  ? 26  ARG A N   1 
ATOM   23   C  CA  . ARG A 1 24  ? 6.539   -16.424 6.111   1.00 99.91  ? 26  ARG A CA  1 
ATOM   24   C  C   . ARG A 1 24  ? 6.834   -15.607 7.385   1.00 88.53  ? 26  ARG A C   1 
ATOM   25   O  O   . ARG A 1 24  ? 7.793   -14.806 7.391   1.00 74.93  ? 26  ARG A O   1 
ATOM   26   C  CB  . ARG A 1 24  ? 7.501   -17.598 5.869   1.00 113.01 ? 26  ARG A CB  1 
ATOM   27   C  CG  . ARG A 1 24  ? 7.094   -18.891 6.571   1.00 126.97 ? 26  ARG A CG  1 
ATOM   28   C  CD  . ARG A 1 24  ? 8.255   -19.708 7.129   1.00 139.25 ? 26  ARG A CD  1 
ATOM   29   N  NE  . ARG A 1 24  ? 9.252   -18.916 7.859   1.00 151.61 ? 26  ARG A NE  1 
ATOM   30   C  CZ  . ARG A 1 24  ? 9.239   -18.625 9.167   1.00 144.27 ? 26  ARG A CZ  1 
ATOM   31   N  NH1 . ARG A 1 24  ? 8.267   -19.053 9.957   1.00 137.39 ? 26  ARG A NH1 1 
ATOM   32   N  NH2 . ARG A 1 24  ? 10.215  -17.893 9.683   1.00 139.04 ? 26  ARG A NH2 1 
ATOM   33   N  N   . GLY A 1 25  ? 5.984   -15.753 8.402   1.00 80.57  ? 27  GLY A N   1 
ATOM   34   C  CA  . GLY A 1 25  ? 6.141   -15.124 9.723   1.00 75.54  ? 27  GLY A CA  1 
ATOM   35   C  C   . GLY A 1 25  ? 5.706   -13.672 9.740   1.00 77.79  ? 27  GLY A C   1 
ATOM   36   O  O   . GLY A 1 25  ? 6.385   -12.893 10.422  1.00 82.74  ? 27  GLY A O   1 
ATOM   37   N  N   . VAL A 1 26  ? 4.620   -13.306 9.041   1.00 79.89  ? 28  VAL A N   1 
ATOM   38   C  CA  . VAL A 1 26  ? 4.026   -11.933 9.134   1.00 81.75  ? 28  VAL A CA  1 
ATOM   39   C  C   . VAL A 1 26  ? 2.570   -12.029 9.611   1.00 77.22  ? 28  VAL A C   1 
ATOM   40   O  O   . VAL A 1 26  ? 1.883   -13.002 9.274   1.00 76.36  ? 28  VAL A O   1 
ATOM   41   C  CB  . VAL A 1 26  ? 4.115   -11.106 7.828   1.00 83.80  ? 28  VAL A CB  1 
ATOM   42   C  CG1 . VAL A 1 26  ? 5.463   -11.218 7.131   1.00 82.22  ? 28  VAL A CG1 1 
ATOM   43   C  CG2 . VAL A 1 26  ? 2.984   -11.425 6.863   1.00 83.32  ? 28  VAL A CG2 1 
ATOM   44   N  N   . THR A 1 27  ? 2.130   -11.004 10.342  1.00 83.69  ? 29  THR A N   1 
ATOM   45   C  CA  . THR A 1 27  ? 0.729   -10.779 10.792  1.00 88.11  ? 29  THR A CA  1 
ATOM   46   C  C   . THR A 1 27  ? -0.071  -10.165 9.644   1.00 76.97  ? 29  THR A C   1 
ATOM   47   O  O   . THR A 1 27  ? 0.362   -9.131  9.148   1.00 83.61  ? 29  THR A O   1 
ATOM   48   C  CB  . THR A 1 27  ? 0.654   -9.782  11.961  1.00 103.55 ? 29  THR A CB  1 
ATOM   49   O  OG1 . THR A 1 27  ? 1.120   -8.508  11.499  1.00 101.45 ? 29  THR A OG1 1 
ATOM   50   C  CG2 . THR A 1 27  ? 1.451   -10.201 13.180  1.00 108.74 ? 29  THR A CG2 1 
ATOM   51   N  N   . VAL A 1 28  ? -1.199  -10.757 9.262   1.00 75.49  ? 30  VAL A N   1 
ATOM   52   C  CA  . VAL A 1 28  ? -2.185  -10.118 8.344   1.00 74.31  ? 30  VAL A CA  1 
ATOM   53   C  C   . VAL A 1 28  ? -3.397  -9.693  9.176   1.00 70.71  ? 30  VAL A C   1 
ATOM   54   O  O   . VAL A 1 28  ? -3.788  -10.451 10.065  1.00 83.50  ? 30  VAL A O   1 
ATOM   55   C  CB  . VAL A 1 28  ? -2.589  -11.068 7.205   1.00 76.75  ? 30  VAL A CB  1 
ATOM   56   C  CG1 . VAL A 1 28  ? -3.417  -10.350 6.151   1.00 74.89  ? 30  VAL A CG1 1 
ATOM   57   C  CG2 . VAL A 1 28  ? -1.375  -11.733 6.580   1.00 74.51  ? 30  VAL A CG2 1 
ATOM   58   N  N   . VAL A 1 29  ? -3.968  -8.521  8.902   1.00 71.88  ? 31  VAL A N   1 
ATOM   59   C  CA  . VAL A 1 29  ? -5.156  -8.002  9.642   1.00 65.77  ? 31  VAL A CA  1 
ATOM   60   C  C   . VAL A 1 29  ? -6.309  -8.983  9.411   1.00 70.10  ? 31  VAL A C   1 
ATOM   61   O  O   . VAL A 1 29  ? -6.508  -9.379  8.229   1.00 67.16  ? 31  VAL A O   1 
ATOM   62   C  CB  . VAL A 1 29  ? -5.513  -6.566  9.210   1.00 65.81  ? 31  VAL A CB  1 
ATOM   63   C  CG1 . VAL A 1 29  ? -6.790  -6.081  9.885   1.00 72.11  ? 31  VAL A CG1 1 
ATOM   64   C  CG2 . VAL A 1 29  ? -4.369  -5.588  9.466   1.00 61.42  ? 31  VAL A CG2 1 
ATOM   65   N  N   . ASN A 1 30  ? -7.025  -9.357  10.484  1.00 77.52  ? 32  ASN A N   1 
ATOM   66   C  CA  . ASN A 1 30  ? -7.980  -10.505 10.511  1.00 85.02  ? 32  ASN A CA  1 
ATOM   67   C  C   . ASN A 1 30  ? -9.391  -10.067 10.944  1.00 85.60  ? 32  ASN A C   1 
ATOM   68   O  O   . ASN A 1 30  ? -10.257 -10.958 11.086  1.00 98.32  ? 32  ASN A O   1 
ATOM   69   C  CB  . ASN A 1 30  ? -7.464  -11.645 11.406  1.00 94.50  ? 32  ASN A CB  1 
ATOM   70   C  CG  . ASN A 1 30  ? -7.046  -12.883 10.632  1.00 104.40 ? 32  ASN A CG  1 
ATOM   71   O  OD1 . ASN A 1 30  ? -5.895  -13.011 10.212  1.00 101.98 ? 32  ASN A OD1 1 
ATOM   72   N  ND2 . ASN A 1 30  ? -7.973  -13.815 10.444  1.00 105.86 ? 32  ASN A ND2 1 
ATOM   73   N  N   . ASN A 1 31  ? -9.647  -8.767  11.110  1.00 84.45  ? 33  ASN A N   1 
ATOM   74   C  CA  . ASN A 1 31  ? -10.987 -8.228  11.486  1.00 87.71  ? 33  ASN A CA  1 
ATOM   75   C  C   . ASN A 1 31  ? -11.461 -7.265  10.381  1.00 78.84  ? 33  ASN A C   1 
ATOM   76   O  O   . ASN A 1 31  ? -12.041 -6.210  10.702  1.00 66.36  ? 33  ASN A O   1 
ATOM   77   C  CB  . ASN A 1 31  ? -10.928 -7.588  12.880  1.00 97.87  ? 33  ASN A CB  1 
ATOM   78   C  CG  . ASN A 1 31  ? -9.822  -6.555  13.038  1.00 112.02 ? 33  ASN A CG  1 
ATOM   79   O  OD1 . ASN A 1 31  ? -8.959  -6.404  12.167  1.00 109.28 ? 33  ASN A OD1 1 
ATOM   80   N  ND2 . ASN A 1 31  ? -9.830  -5.836  14.153  1.00 107.41 ? 33  ASN A ND2 1 
ATOM   81   N  N   . PHE A 1 32  ? -11.214 -7.606  9.112   1.00 80.51  ? 34  PHE A N   1 
ATOM   82   C  CA  . PHE A 1 32  ? -11.062 -6.615  8.007   1.00 79.65  ? 34  PHE A CA  1 
ATOM   83   C  C   . PHE A 1 32  ? -12.438 -6.235  7.435   1.00 74.36  ? 34  PHE A C   1 
ATOM   84   O  O   . PHE A 1 32  ? -13.212 -7.120  7.001   1.00 69.79  ? 34  PHE A O   1 
ATOM   85   C  CB  . PHE A 1 32  ? -10.078 -7.131  6.948   1.00 77.86  ? 34  PHE A CB  1 
ATOM   86   C  CG  . PHE A 1 32  ? -9.719  -6.154  5.853   1.00 75.90  ? 34  PHE A CG  1 
ATOM   87   C  CD1 . PHE A 1 32  ? -9.136  -4.930  6.151   1.00 69.14  ? 34  PHE A CD1 1 
ATOM   88   C  CD2 . PHE A 1 32  ? -9.957  -6.468  4.520   1.00 74.98  ? 34  PHE A CD2 1 
ATOM   89   C  CE1 . PHE A 1 32  ? -8.810  -4.038  5.140   1.00 66.68  ? 34  PHE A CE1 1 
ATOM   90   C  CE2 . PHE A 1 32  ? -9.629  -5.575  3.511   1.00 70.35  ? 34  PHE A CE2 1 
ATOM   91   C  CZ  . PHE A 1 32  ? -9.058  -4.363  3.825   1.00 69.48  ? 34  PHE A CZ  1 
ATOM   92   N  N   . ASP A 1 33  ? -12.721 -4.929  7.443   1.00 69.33  ? 35  ASP A N   1 
ATOM   93   C  CA  . ASP A 1 33  ? -13.909 -4.314  6.801   1.00 69.06  ? 35  ASP A CA  1 
ATOM   94   C  C   . ASP A 1 33  ? -13.483 -3.619  5.497   1.00 60.90  ? 35  ASP A C   1 
ATOM   95   O  O   . ASP A 1 33  ? -13.013 -2.456  5.543   1.00 57.84  ? 35  ASP A O   1 
ATOM   96   C  CB  . ASP A 1 33  ? -14.600 -3.356  7.771   1.00 76.12  ? 35  ASP A CB  1 
ATOM   97   C  CG  . ASP A 1 33  ? -16.018 -3.016  7.355   1.00 78.11  ? 35  ASP A CG  1 
ATOM   98   O  OD1 . ASP A 1 33  ? -16.472 -3.542  6.312   1.00 78.45  ? 35  ASP A OD1 1 
ATOM   99   O  OD2 . ASP A 1 33  ? -16.657 -2.247  8.082   1.00 83.36  ? 35  ASP A OD2 1 
ATOM   100  N  N   . CYS A 1 34  ? -13.689 -4.311  4.376   1.00 63.58  ? 36  CYS A N   1 
ATOM   101  C  CA  . CYS A 1 34  ? -13.359 -3.881  2.995   1.00 62.35  ? 36  CYS A CA  1 
ATOM   102  C  C   . CYS A 1 34  ? -13.907 -2.482  2.701   1.00 62.90  ? 36  CYS A C   1 
ATOM   103  O  O   . CYS A 1 34  ? -13.140 -1.635  2.242   1.00 60.00  ? 36  CYS A O   1 
ATOM   104  C  CB  . CYS A 1 34  ? -13.942 -4.860  1.992   1.00 73.38  ? 36  CYS A CB  1 
ATOM   105  S  SG  . CYS A 1 34  ? -13.036 -4.867  0.430   1.00 86.83  ? 36  CYS A SG  1 
ATOM   106  N  N   . LYS A 1 35  ? -15.197 -2.263  2.953   1.00 63.67  ? 37  LYS A N   1 
ATOM   107  C  CA  . LYS A 1 35  ? -15.896 -1.000  2.621   1.00 71.35  ? 37  LYS A CA  1 
ATOM   108  C  C   . LYS A 1 35  ? -15.124 0.164   3.244   1.00 70.82  ? 37  LYS A C   1 
ATOM   109  O  O   . LYS A 1 35  ? -15.116 1.255   2.638   1.00 78.58  ? 37  LYS A O   1 
ATOM   110  C  CB  . LYS A 1 35  ? -17.359 -1.057  3.082   1.00 87.63  ? 37  LYS A CB  1 
ATOM   111  C  CG  . LYS A 1 35  ? -18.099 0.279   3.150   1.00 100.23 ? 37  LYS A CG  1 
ATOM   112  C  CD  . LYS A 1 35  ? -19.455 0.296   2.445   1.00 111.64 ? 37  LYS A CD  1 
ATOM   113  C  CE  . LYS A 1 35  ? -20.460 -0.705  2.982   1.00 117.37 ? 37  LYS A CE  1 
ATOM   114  N  NZ  . LYS A 1 35  ? -20.951 -0.325  4.329   1.00 124.95 ? 37  LYS A NZ  1 
ATOM   115  N  N   . ARG A 1 36  ? -14.496 -0.038  4.403   1.00 64.46  ? 38  ARG A N   1 
ATOM   116  C  CA  . ARG A 1 36  ? -13.879 1.084   5.162   1.00 66.94  ? 38  ARG A CA  1 
ATOM   117  C  C   . ARG A 1 36  ? -12.468 1.369   4.623   1.00 59.26  ? 38  ARG A C   1 
ATOM   118  O  O   . ARG A 1 36  ? -11.989 2.487   4.849   1.00 49.03  ? 38  ARG A O   1 
ATOM   119  C  CB  . ARG A 1 36  ? -13.914 0.801   6.667   1.00 69.35  ? 38  ARG A CB  1 
ATOM   120  C  CG  . ARG A 1 36  ? -15.304 0.888   7.287   1.00 68.39  ? 38  ARG A CG  1 
ATOM   121  C  CD  . ARG A 1 36  ? -15.266 0.696   8.797   1.00 69.38  ? 38  ARG A CD  1 
ATOM   122  N  NE  . ARG A 1 36  ? -14.707 1.879   9.452   1.00 71.70  ? 38  ARG A NE  1 
ATOM   123  C  CZ  . ARG A 1 36  ? -14.078 1.897   10.629  1.00 69.66  ? 38  ARG A CZ  1 
ATOM   124  N  NH1 . ARG A 1 36  ? -13.900 0.784   11.332  1.00 66.68  ? 38  ARG A NH1 1 
ATOM   125  N  NH2 . ARG A 1 36  ? -13.607 3.045   11.088  1.00 66.00  ? 38  ARG A NH2 1 
ATOM   126  N  N   . TYR A 1 37  ? -11.860 0.405   3.915   1.00 57.63  ? 39  TYR A N   1 
ATOM   127  C  CA  . TYR A 1 37  ? -10.566 0.529   3.187   1.00 58.59  ? 39  TYR A CA  1 
ATOM   128  C  C   . TYR A 1 37  ? -10.692 1.304   1.861   1.00 56.24  ? 39  TYR A C   1 
ATOM   129  O  O   . TYR A 1 37  ? -9.659  1.756   1.410   1.00 49.92  ? 39  TYR A O   1 
ATOM   130  C  CB  . TYR A 1 37  ? -9.998  -0.856  2.858   1.00 59.36  ? 39  TYR A CB  1 
ATOM   131  C  CG  . TYR A 1 37  ? -8.514  -0.881  2.569   1.00 59.62  ? 39  TYR A CG  1 
ATOM   132  C  CD1 . TYR A 1 37  ? -7.588  -0.478  3.516   1.00 54.01  ? 39  TYR A CD1 1 
ATOM   133  C  CD2 . TYR A 1 37  ? -8.030  -1.334  1.353   1.00 57.06  ? 39  TYR A CD2 1 
ATOM   134  C  CE1 . TYR A 1 37  ? -6.228  -0.501  3.253   1.00 53.86  ? 39  TYR A CE1 1 
ATOM   135  C  CE2 . TYR A 1 37  ? -6.676  -1.366  1.079   1.00 56.56  ? 39  TYR A CE2 1 
ATOM   136  C  CZ  . TYR A 1 37  ? -5.766  -0.953  2.031   1.00 53.96  ? 39  TYR A CZ  1 
ATOM   137  O  OH  . TYR A 1 37  ? -4.432  -1.000  1.750   1.00 52.18  ? 39  TYR A OH  1 
ATOM   138  N  N   . LEU A 1 38  ? -11.889 1.453   1.272   1.00 52.69  ? 40  LEU A N   1 
ATOM   139  C  CA  . LEU A 1 38  ? -12.113 2.051   -0.079  1.00 50.62  ? 40  LEU A CA  1 
ATOM   140  C  C   . LEU A 1 38  ? -11.762 3.545   -0.141  1.00 49.93  ? 40  LEU A C   1 
ATOM   141  O  O   . LEU A 1 38  ? -11.580 4.204   0.916   1.00 50.04  ? 40  LEU A O   1 
ATOM   142  C  CB  . LEU A 1 38  ? -13.569 1.841   -0.502  1.00 48.36  ? 40  LEU A CB  1 
ATOM   143  C  CG  . LEU A 1 38  ? -14.021 0.389   -0.525  1.00 50.79  ? 40  LEU A CG  1 
ATOM   144  C  CD1 . LEU A 1 38  ? -15.414 0.283   -1.123  1.00 56.14  ? 40  LEU A CD1 1 
ATOM   145  C  CD2 . LEU A 1 38  ? -13.027 -0.496  -1.275  1.00 49.43  ? 40  LEU A CD2 1 
ATOM   146  N  N   . GLY A 1 39  ? -11.628 4.044   -1.373  1.00 50.17  ? 41  GLY A N   1 
ATOM   147  C  CA  . GLY A 1 39  ? -11.202 5.426   -1.660  1.00 52.95  ? 41  GLY A CA  1 
ATOM   148  C  C   . GLY A 1 39  ? -9.690  5.545   -1.781  1.00 46.62  ? 41  GLY A C   1 
ATOM   149  O  O   . GLY A 1 39  ? -9.035  4.564   -2.101  1.00 42.47  ? 41  GLY A O   1 
ATOM   150  N  N   . THR A 1 40  ? -9.175  6.727   -1.476  1.00 46.83  ? 42  THR A N   1 
ATOM   151  C  CA  . THR A 1 40  ? -7.853  7.236   -1.898  1.00 50.46  ? 42  THR A CA  1 
ATOM   152  C  C   . THR A 1 40  ? -6.901  7.182   -0.706  1.00 51.86  ? 42  THR A C   1 
ATOM   153  O  O   . THR A 1 40  ? -7.296  7.651   0.374   1.00 49.37  ? 42  THR A O   1 
ATOM   154  C  CB  . THR A 1 40  ? -7.970  8.664   -2.446  1.00 52.43  ? 42  THR A CB  1 
ATOM   155  O  OG1 . THR A 1 40  ? -8.739  8.575   -3.643  1.00 59.46  ? 42  THR A OG1 1 
ATOM   156  C  CG2 . THR A 1 40  ? -6.630  9.318   -2.721  1.00 52.37  ? 42  THR A CG2 1 
ATOM   157  N  N   . TRP A 1 41  ? -5.705  6.636   -0.941  1.00 47.87  ? 43  TRP A N   1 
ATOM   158  C  CA  . TRP A 1 41  ? -4.556  6.569   -0.007  1.00 46.16  ? 43  TRP A CA  1 
ATOM   159  C  C   . TRP A 1 41  ? -3.341  7.182   -0.708  1.00 45.23  ? 43  TRP A C   1 
ATOM   160  O  O   . TRP A 1 41  ? -3.060  6.743   -1.845  1.00 39.80  ? 43  TRP A O   1 
ATOM   161  C  CB  . TRP A 1 41  ? -4.259  5.113   0.344   1.00 43.23  ? 43  TRP A CB  1 
ATOM   162  C  CG  . TRP A 1 41  ? -5.343  4.366   1.054   1.00 48.31  ? 43  TRP A CG  1 
ATOM   163  C  CD1 . TRP A 1 41  ? -6.409  3.729   0.488   1.00 50.43  ? 43  TRP A CD1 1 
ATOM   164  C  CD2 . TRP A 1 41  ? -5.396  4.073   2.462   1.00 45.37  ? 43  TRP A CD2 1 
ATOM   165  N  NE1 . TRP A 1 41  ? -7.146  3.101   1.458   1.00 51.39  ? 43  TRP A NE1 1 
ATOM   166  C  CE2 . TRP A 1 41  ? -6.553  3.297   2.675   1.00 50.62  ? 43  TRP A CE2 1 
ATOM   167  C  CE3 . TRP A 1 41  ? -4.596  4.420   3.559   1.00 47.86  ? 43  TRP A CE3 1 
ATOM   168  C  CZ2 . TRP A 1 41  ? -6.922  2.852   3.945   1.00 53.09  ? 43  TRP A CZ2 1 
ATOM   169  C  CZ3 . TRP A 1 41  ? -4.972  4.001   4.815   1.00 47.71  ? 43  TRP A CZ3 1 
ATOM   170  C  CH2 . TRP A 1 41  ? -6.121  3.230   5.003   1.00 51.11  ? 43  TRP A CH2 1 
ATOM   171  N  N   . TYR A 1 42  ? -2.691  8.168   -0.087  1.00 38.04  ? 44  TYR A N   1 
ATOM   172  C  CA  . TYR A 1 42  ? -1.360  8.677   -0.485  1.00 40.59  ? 44  TYR A CA  1 
ATOM   173  C  C   . TYR A 1 42  ? -0.305  7.629   -0.120  1.00 48.77  ? 44  TYR A C   1 
ATOM   174  O  O   . TYR A 1 42  ? -0.450  6.938   0.921   1.00 48.66  ? 44  TYR A O   1 
ATOM   175  C  CB  . TYR A 1 42  ? -1.015  9.999   0.195   1.00 44.06  ? 44  TYR A CB  1 
ATOM   176  C  CG  . TYR A 1 42  ? -1.924  11.147  -0.159  1.00 47.01  ? 44  TYR A CG  1 
ATOM   177  C  CD1 . TYR A 1 42  ? -1.675  11.933  -1.271  1.00 44.15  ? 44  TYR A CD1 1 
ATOM   178  C  CD2 . TYR A 1 42  ? -3.040  11.443  0.609   1.00 46.17  ? 44  TYR A CD2 1 
ATOM   179  C  CE1 . TYR A 1 42  ? -2.497  12.995  -1.603  1.00 45.56  ? 44  TYR A CE1 1 
ATOM   180  C  CE2 . TYR A 1 42  ? -3.876  12.497  0.280   1.00 49.02  ? 44  TYR A CE2 1 
ATOM   181  C  CZ  . TYR A 1 42  ? -3.607  13.278  -0.829  1.00 45.34  ? 44  TYR A CZ  1 
ATOM   182  O  OH  . TYR A 1 42  ? -4.422  14.322  -1.166  1.00 46.71  ? 44  TYR A OH  1 
ATOM   183  N  N   . GLU A 1 43  ? 0.699   7.500   -0.996  1.00 47.58  ? 45  GLU A N   1 
ATOM   184  C  CA  . GLU A 1 43  ? 1.897   6.643   -0.822  1.00 46.21  ? 45  GLU A CA  1 
ATOM   185  C  C   . GLU A 1 43  ? 2.940   7.490   -0.083  1.00 45.13  ? 45  GLU A C   1 
ATOM   186  O  O   . GLU A 1 43  ? 3.490   8.434   -0.704  1.00 39.02  ? 45  GLU A O   1 
ATOM   187  C  CB  . GLU A 1 43  ? 2.372   6.167   -2.204  1.00 47.60  ? 45  GLU A CB  1 
ATOM   188  C  CG  . GLU A 1 43  ? 3.344   5.001   -2.154  1.00 48.25  ? 45  GLU A CG  1 
ATOM   189  C  CD  . GLU A 1 43  ? 4.112   4.671   -3.433  1.00 44.61  ? 45  GLU A CD  1 
ATOM   190  O  OE1 . GLU A 1 43  ? 4.075   3.497   -3.834  1.00 37.62  ? 45  GLU A OE1 1 
ATOM   191  O  OE2 . GLU A 1 43  ? 4.804   5.571   -3.986  1.00 41.09  ? 45  GLU A OE2 1 
ATOM   192  N  N   . ILE A 1 44  ? 3.156   7.228   1.214   1.00 46.24  ? 46  ILE A N   1 
ATOM   193  C  CA  . ILE A 1 44  ? 4.168   7.979   2.025   1.00 45.77  ? 46  ILE A CA  1 
ATOM   194  C  C   . ILE A 1 44  ? 5.574   7.450   1.697   1.00 37.86  ? 46  ILE A C   1 
ATOM   195  O  O   . ILE A 1 44  ? 6.484   8.279   1.587   1.00 38.04  ? 46  ILE A O   1 
ATOM   196  C  CB  . ILE A 1 44  ? 3.871   7.911   3.547   1.00 47.45  ? 46  ILE A CB  1 
ATOM   197  C  CG1 . ILE A 1 44  ? 2.458   8.402   3.873   1.00 46.08  ? 46  ILE A CG1 1 
ATOM   198  C  CG2 . ILE A 1 44  ? 4.912   8.702   4.335   1.00 47.28  ? 46  ILE A CG2 1 
ATOM   199  C  CD1 . ILE A 1 44  ? 2.160   9.804   3.419   1.00 44.78  ? 46  ILE A CD1 1 
ATOM   200  N  N   . ALA A 1 45  ? 5.741   6.130   1.578   1.00 35.04  ? 47  ALA A N   1 
ATOM   201  C  CA  . ALA A 1 45  ? 7.060   5.468   1.471   1.00 38.61  ? 47  ALA A CA  1 
ATOM   202  C  C   . ALA A 1 45  ? 6.941   4.136   0.751   1.00 38.10  ? 47  ALA A C   1 
ATOM   203  O  O   . ALA A 1 45  ? 5.962   3.418   0.992   1.00 41.38  ? 47  ALA A O   1 
ATOM   204  C  CB  . ALA A 1 45  ? 7.643   5.225   2.838   1.00 40.83  ? 47  ALA A CB  1 
ATOM   205  N  N   . ARG A 1 46  ? 7.974   3.779   -0.006  1.00 40.57  ? 48  ARG A N   1 
ATOM   206  C  CA  . ARG A 1 46  ? 7.988   2.527   -0.815  1.00 39.40  ? 48  ARG A CA  1 
ATOM   207  C  C   . ARG A 1 46  ? 9.409   1.963   -0.882  1.00 35.29  ? 48  ARG A C   1 
ATOM   208  O  O   . ARG A 1 46  ? 10.377  2.749   -0.904  1.00 36.40  ? 48  ARG A O   1 
ATOM   209  C  CB  . ARG A 1 46  ? 7.435   2.814   -2.221  1.00 38.00  ? 48  ARG A CB  1 
ATOM   210  C  CG  . ARG A 1 46  ? 8.247   3.819   -3.023  1.00 37.89  ? 48  ARG A CG  1 
ATOM   211  C  CD  . ARG A 1 46  ? 7.946   3.751   -4.517  1.00 39.45  ? 48  ARG A CD  1 
ATOM   212  N  NE  . ARG A 1 46  ? 8.678   4.803   -5.213  1.00 38.35  ? 48  ARG A NE  1 
ATOM   213  C  CZ  . ARG A 1 46  ? 8.182   5.917   -5.734  1.00 41.17  ? 48  ARG A CZ  1 
ATOM   214  N  NH1 . ARG A 1 46  ? 6.886   6.190   -5.702  1.00 48.89  ? 48  ARG A NH1 1 
ATOM   215  N  NH2 . ARG A 1 46  ? 9.005   6.765   -6.326  1.00 40.13  ? 48  ARG A NH2 1 
ATOM   216  N  N   . PHE A 1 47  ? 9.531   0.642   -0.897  1.00 37.00  ? 49  PHE A N   1 
ATOM   217  C  CA  . PHE A 1 47  ? 10.739  -0.052  -1.412  1.00 41.17  ? 49  PHE A CA  1 
ATOM   218  C  C   . PHE A 1 47  ? 10.700  0.083   -2.943  1.00 43.32  ? 49  PHE A C   1 
ATOM   219  O  O   . PHE A 1 47  ? 9.670   -0.334  -3.515  1.00 41.81  ? 49  PHE A O   1 
ATOM   220  C  CB  . PHE A 1 47  ? 10.724  -1.505  -0.942  1.00 44.42  ? 49  PHE A CB  1 
ATOM   221  C  CG  . PHE A 1 47  ? 10.996  -1.726  0.525   1.00 47.81  ? 49  PHE A CG  1 
ATOM   222  C  CD1 . PHE A 1 47  ? 10.947  -0.683  1.439   1.00 46.90  ? 49  PHE A CD1 1 
ATOM   223  C  CD2 . PHE A 1 47  ? 11.289  -3.000  0.991   1.00 47.22  ? 49  PHE A CD2 1 
ATOM   224  C  CE1 . PHE A 1 47  ? 11.216  -0.901  2.777   1.00 45.22  ? 49  PHE A CE1 1 
ATOM   225  C  CE2 . PHE A 1 47  ? 11.526  -3.221  2.338   1.00 46.67  ? 49  PHE A CE2 1 
ATOM   226  C  CZ  . PHE A 1 47  ? 11.507  -2.163  3.219   1.00 46.28  ? 49  PHE A CZ  1 
ATOM   227  N  N   . ASP A 1 48  ? 11.729  0.656   -3.577  1.00 44.34  ? 50  ASP A N   1 
ATOM   228  C  CA  . ASP A 1 48  ? 11.698  0.993   -5.037  1.00 49.55  ? 50  ASP A CA  1 
ATOM   229  C  C   . ASP A 1 48  ? 11.804  -0.240  -5.949  1.00 51.31  ? 50  ASP A C   1 
ATOM   230  O  O   . ASP A 1 48  ? 12.495  -1.214  -5.617  1.00 52.32  ? 50  ASP A O   1 
ATOM   231  C  CB  . ASP A 1 48  ? 12.747  2.038   -5.430  1.00 45.29  ? 50  ASP A CB  1 
ATOM   232  C  CG  . ASP A 1 48  ? 12.128  3.356   -5.871  1.00 45.66  ? 50  ASP A CG  1 
ATOM   233  O  OD1 . ASP A 1 48  ? 10.914  3.355   -6.081  1.00 55.08  ? 50  ASP A OD1 1 
ATOM   234  O  OD2 . ASP A 1 48  ? 12.860  4.364   -6.043  1.00 50.51  ? 50  ASP A OD2 1 
ATOM   235  N  N   . HIS A 1 49  ? 11.093  -0.191  -7.080  1.00 56.66  ? 51  HIS A N   1 
ATOM   236  C  CA  . HIS A 1 49  ? 11.192  -1.144  -8.219  1.00 53.13  ? 51  HIS A CA  1 
ATOM   237  C  C   . HIS A 1 49  ? 10.955  -0.370  -9.523  1.00 50.97  ? 51  HIS A C   1 
ATOM   238  O  O   . HIS A 1 49  ? 10.637  0.829   -9.430  1.00 57.70  ? 51  HIS A O   1 
ATOM   239  C  CB  . HIS A 1 49  ? 10.242  -2.324  -7.991  1.00 55.90  ? 51  HIS A CB  1 
ATOM   240  C  CG  . HIS A 1 49  ? 10.499  -3.090  -6.738  1.00 60.75  ? 51  HIS A CG  1 
ATOM   241  N  ND1 . HIS A 1 49  ? 11.328  -4.199  -6.702  1.00 60.50  ? 51  HIS A ND1 1 
ATOM   242  C  CD2 . HIS A 1 49  ? 10.020  -2.931  -5.484  1.00 61.85  ? 51  HIS A CD2 1 
ATOM   243  C  CE1 . HIS A 1 49  ? 11.345  -4.689  -5.477  1.00 63.92  ? 51  HIS A CE1 1 
ATOM   244  N  NE2 . HIS A 1 49  ? 10.544  -3.935  -4.711  1.00 63.74  ? 51  HIS A NE2 1 
ATOM   245  N  N   . ARG A 1 50  ? 11.134  -0.988  -10.701 1.00 54.58  ? 52  ARG A N   1 
ATOM   246  C  CA  . ARG A 1 50  ? 11.142  -0.234  -11.991 1.00 51.77  ? 52  ARG A CA  1 
ATOM   247  C  C   . ARG A 1 50  ? 9.769   0.425   -12.152 1.00 37.43  ? 52  ARG A C   1 
ATOM   248  O  O   . ARG A 1 50  ? 9.697   1.571   -12.597 1.00 35.84  ? 52  ARG A O   1 
ATOM   249  C  CB  . ARG A 1 50  ? 11.271  -1.077  -13.265 1.00 56.90  ? 52  ARG A CB  1 
ATOM   250  C  CG  . ARG A 1 50  ? 12.414  -2.071  -13.366 1.00 66.35  ? 52  ARG A CG  1 
ATOM   251  C  CD  . ARG A 1 50  ? 11.894  -3.352  -14.032 1.00 73.97  ? 52  ARG A CD  1 
ATOM   252  N  NE  . ARG A 1 50  ? 12.886  -4.433  -14.102 1.00 88.88  ? 52  ARG A NE  1 
ATOM   253  C  CZ  . ARG A 1 50  ? 13.839  -4.557  -15.036 1.00 90.87  ? 52  ARG A CZ  1 
ATOM   254  N  NH1 . ARG A 1 50  ? 13.961  -3.668  -16.010 1.00 88.25  ? 52  ARG A NH1 1 
ATOM   255  N  NH2 . ARG A 1 50  ? 14.679  -5.577  -14.986 1.00 89.24  ? 52  ARG A NH2 1 
ATOM   256  N  N   . ALA A 1 51  ? 8.715   -0.324  -11.855 1.00 34.44  ? 53  ALA A N   1 
ATOM   257  C  CA  . ALA A 1 51  ? 7.318   0.143   -11.997 1.00 40.01  ? 53  ALA A CA  1 
ATOM   258  C  C   . ALA A 1 51  ? 7.176   1.568   -11.415 1.00 43.66  ? 53  ALA A C   1 
ATOM   259  O  O   . ALA A 1 51  ? 6.606   2.466   -12.112 1.00 46.22  ? 53  ALA A O   1 
ATOM   260  C  CB  . ALA A 1 51  ? 6.389   -0.869  -11.373 1.00 38.46  ? 53  ALA A CB  1 
ATOM   261  N  N   . GLU A 1 52  ? 7.743   1.830   -10.233 1.00 42.76  ? 54  GLU A N   1 
ATOM   262  C  CA  . GLU A 1 52  ? 7.481   3.101   -9.504  1.00 44.57  ? 54  GLU A CA  1 
ATOM   263  C  C   . GLU A 1 52  ? 8.663   4.067   -9.563  1.00 47.01  ? 54  GLU A C   1 
ATOM   264  O  O   . GLU A 1 52  ? 8.445   5.244   -9.191  1.00 44.06  ? 54  GLU A O   1 
ATOM   265  C  CB  . GLU A 1 52  ? 7.158   2.834   -8.034  1.00 43.91  ? 54  GLU A CB  1 
ATOM   266  C  CG  . GLU A 1 52  ? 5.963   1.939   -7.807  1.00 42.51  ? 54  GLU A CG  1 
ATOM   267  C  CD  . GLU A 1 52  ? 5.344   2.127   -6.421  1.00 48.87  ? 54  GLU A CD  1 
ATOM   268  O  OE1 . GLU A 1 52  ? 5.494   1.231   -5.580  1.00 48.85  ? 54  GLU A OE1 1 
ATOM   269  O  OE2 . GLU A 1 52  ? 4.722   3.187   -6.170  1.00 46.34  ? 54  GLU A OE2 1 
ATOM   270  N  N   . ARG A 1 53  ? 9.877   3.626   -9.926  1.00 50.80  ? 55  ARG A N   1 
ATOM   271  C  CA  . ARG A 1 53  ? 11.088  4.449   -9.629  1.00 48.07  ? 55  ARG A CA  1 
ATOM   272  C  C   . ARG A 1 53  ? 10.929  5.818   -10.300 1.00 42.35  ? 55  ARG A C   1 
ATOM   273  O  O   . ARG A 1 53  ? 10.428  5.893   -11.437 1.00 46.72  ? 55  ARG A O   1 
ATOM   274  C  CB  . ARG A 1 53  ? 12.385  3.727   -10.004 1.00 56.19  ? 55  ARG A CB  1 
ATOM   275  C  CG  . ARG A 1 53  ? 13.650  4.509   -9.651  1.00 63.27  ? 55  ARG A CG  1 
ATOM   276  C  CD  . ARG A 1 53  ? 14.980  3.786   -9.901  1.00 63.84  ? 55  ARG A CD  1 
ATOM   277  N  NE  . ARG A 1 53  ? 15.262  2.745   -8.908  1.00 67.09  ? 55  ARG A NE  1 
ATOM   278  C  CZ  . ARG A 1 53  ? 15.061  1.424   -9.059  1.00 80.98  ? 55  ARG A CZ  1 
ATOM   279  N  NH1 . ARG A 1 53  ? 14.581  0.914   -10.186 1.00 83.40  ? 55  ARG A NH1 1 
ATOM   280  N  NH2 . ARG A 1 53  ? 15.352  0.605   -8.062  1.00 85.40  ? 55  ARG A NH2 1 
ATOM   281  N  N   . GLY A 1 54  ? 11.279  6.880   -9.587  1.00 41.65  ? 56  GLY A N   1 
ATOM   282  C  CA  . GLY A 1 54  ? 11.187  8.275   -10.056 1.00 37.81  ? 56  GLY A CA  1 
ATOM   283  C  C   . GLY A 1 54  ? 9.792   8.880   -9.972  1.00 38.42  ? 56  GLY A C   1 
ATOM   284  O  O   . GLY A 1 54  ? 9.690   10.098  -10.238 1.00 43.39  ? 56  GLY A O   1 
ATOM   285  N  N   . LEU A 1 55  ? 8.735   8.106   -9.687  1.00 37.75  ? 57  LEU A N   1 
ATOM   286  C  CA  . LEU A 1 55  ? 7.351   8.666   -9.656  1.00 40.97  ? 57  LEU A CA  1 
ATOM   287  C  C   . LEU A 1 55  ? 7.141   9.449   -8.342  1.00 41.79  ? 57  LEU A C   1 
ATOM   288  O  O   . LEU A 1 55  ? 7.659   9.011   -7.281  1.00 41.09  ? 57  LEU A O   1 
ATOM   289  C  CB  . LEU A 1 55  ? 6.299   7.557   -9.797  1.00 41.46  ? 57  LEU A CB  1 
ATOM   290  C  CG  . LEU A 1 55  ? 6.225   6.813   -11.134 1.00 39.40  ? 57  LEU A CG  1 
ATOM   291  C  CD1 . LEU A 1 55  ? 5.007   5.896   -11.162 1.00 38.06  ? 57  LEU A CD1 1 
ATOM   292  C  CD2 . LEU A 1 55  ? 6.194   7.771   -12.314 1.00 41.06  ? 57  LEU A CD2 1 
ATOM   293  N  N   . GLU A 1 56  ? 6.371   10.539  -8.444  1.00 40.09  ? 58  GLU A N   1 
ATOM   294  C  CA  . GLU A 1 56  ? 6.050   11.535  -7.386  1.00 45.84  ? 58  GLU A CA  1 
ATOM   295  C  C   . GLU A 1 56  ? 4.524   11.620  -7.182  1.00 44.90  ? 58  GLU A C   1 
ATOM   296  O  O   . GLU A 1 56  ? 3.744   11.226  -8.096  1.00 44.13  ? 58  GLU A O   1 
ATOM   297  C  CB  . GLU A 1 56  ? 6.586   12.907  -7.795  1.00 49.90  ? 58  GLU A CB  1 
ATOM   298  C  CG  . GLU A 1 56  ? 8.091   12.973  -8.013  1.00 54.75  ? 58  GLU A CG  1 
ATOM   299  C  CD  . GLU A 1 56  ? 8.608   14.332  -8.486  1.00 61.77  ? 58  GLU A CD  1 
ATOM   300  O  OE1 . GLU A 1 56  ? 7.779   15.171  -8.906  1.00 63.93  ? 58  GLU A OE1 1 
ATOM   301  O  OE2 . GLU A 1 56  ? 9.851   14.558  -8.454  1.00 62.09  ? 58  GLU A OE2 1 
ATOM   302  N  N   . LYS A 1 57  ? 4.110   12.075  -6.002  1.00 42.24  ? 59  LYS A N   1 
ATOM   303  C  CA  . LYS A 1 57  ? 2.715   12.432  -5.668  1.00 41.09  ? 59  LYS A CA  1 
ATOM   304  C  C   . LYS A 1 57  ? 1.799   11.258  -5.979  1.00 38.79  ? 59  LYS A C   1 
ATOM   305  O  O   . LYS A 1 57  ? 0.775   11.462  -6.670  1.00 46.51  ? 59  LYS A O   1 
ATOM   306  C  CB  . LYS A 1 57  ? 2.288   13.676  -6.450  1.00 49.93  ? 59  LYS A CB  1 
ATOM   307  C  CG  . LYS A 1 57  ? 3.037   14.955  -6.110  1.00 55.55  ? 59  LYS A CG  1 
ATOM   308  C  CD  . LYS A 1 57  ? 3.023   15.969  -7.245  1.00 65.13  ? 59  LYS A CD  1 
ATOM   309  C  CE  . LYS A 1 57  ? 3.147   17.399  -6.767  1.00 72.43  ? 59  LYS A CE  1 
ATOM   310  N  NZ  . LYS A 1 57  ? 1.978   17.804  -5.943  1.00 72.79  ? 59  LYS A NZ  1 
ATOM   311  N  N   . VAL A 1 58  ? 2.162   10.081  -5.489  1.00 35.34  ? 60  VAL A N   1 
ATOM   312  C  CA  . VAL A 1 58  ? 1.500   8.786   -5.812  1.00 39.45  ? 60  VAL A CA  1 
ATOM   313  C  C   . VAL A 1 58  ? 0.338   8.546   -4.840  1.00 40.33  ? 60  VAL A C   1 
ATOM   314  O  O   . VAL A 1 58  ? 0.487   8.814   -3.618  1.00 41.97  ? 60  VAL A O   1 
ATOM   315  C  CB  . VAL A 1 58  ? 2.502   7.623   -5.746  1.00 39.43  ? 60  VAL A CB  1 
ATOM   316  C  CG1 . VAL A 1 58  ? 1.818   6.274   -5.851  1.00 41.69  ? 60  VAL A CG1 1 
ATOM   317  C  CG2 . VAL A 1 58  ? 3.603   7.768   -6.777  1.00 36.10  ? 60  VAL A CG2 1 
ATOM   318  N  N   . THR A 1 59  ? -0.756  8.018   -5.390  1.00 40.05  ? 61  THR A N   1 
ATOM   319  C  CA  . THR A 1 59  ? -1.992  7.601   -4.697  1.00 39.27  ? 61  THR A CA  1 
ATOM   320  C  C   . THR A 1 59  ? -2.433  6.292   -5.327  1.00 37.25  ? 61  THR A C   1 
ATOM   321  O  O   . THR A 1 59  ? -2.099  6.068   -6.492  1.00 38.20  ? 61  THR A O   1 
ATOM   322  C  CB  . THR A 1 59  ? -3.118  8.639   -4.831  1.00 39.81  ? 61  THR A CB  1 
ATOM   323  O  OG1 . THR A 1 59  ? -3.397  8.786   -6.223  1.00 47.39  ? 61  THR A OG1 1 
ATOM   324  C  CG2 . THR A 1 59  ? -2.771  9.992   -4.259  1.00 40.03  ? 61  THR A CG2 1 
ATOM   325  N  N   . ALA A 1 60  ? -3.136  5.469   -4.561  1.00 42.70  ? 62  ALA A N   1 
ATOM   326  C  CA  . ALA A 1 60  ? -3.882  4.288   -5.045  1.00 43.99  ? 62  ALA A CA  1 
ATOM   327  C  C   . ALA A 1 60  ? -5.326  4.463   -4.588  1.00 45.07  ? 62  ALA A C   1 
ATOM   328  O  O   . ALA A 1 60  ? -5.504  4.842   -3.431  1.00 46.01  ? 62  ALA A O   1 
ATOM   329  C  CB  . ALA A 1 60  ? -3.273  3.024   -4.505  1.00 41.03  ? 62  ALA A CB  1 
ATOM   330  N  N   . THR A 1 61  ? -6.285  4.241   -5.487  1.00 49.93  ? 63  THR A N   1 
ATOM   331  C  CA  . THR A 1 61  ? -7.748  4.397   -5.261  1.00 49.47  ? 63  THR A CA  1 
ATOM   332  C  C   . THR A 1 61  ? -8.406  3.022   -5.433  1.00 49.24  ? 63  THR A C   1 
ATOM   333  O  O   . THR A 1 61  ? -8.271  2.434   -6.529  1.00 43.74  ? 63  THR A O   1 
ATOM   334  C  CB  . THR A 1 61  ? -8.355  5.458   -6.190  1.00 51.75  ? 63  THR A CB  1 
ATOM   335  O  OG1 . THR A 1 61  ? -7.919  6.739   -5.749  1.00 43.15  ? 63  THR A OG1 1 
ATOM   336  C  CG2 . THR A 1 61  ? -9.872  5.460   -6.199  1.00 55.45  ? 63  THR A CG2 1 
ATOM   337  N  N   . TYR A 1 62  ? -9.073  2.539   -4.380  1.00 45.53  ? 64  TYR A N   1 
ATOM   338  C  CA  . TYR A 1 62  ? -9.677  1.191   -4.301  1.00 45.77  ? 64  TYR A CA  1 
ATOM   339  C  C   . TYR A 1 62  ? -11.197 1.331   -4.405  1.00 49.66  ? 64  TYR A C   1 
ATOM   340  O  O   . TYR A 1 62  ? -11.760 2.244   -3.776  1.00 48.96  ? 64  TYR A O   1 
ATOM   341  C  CB  . TYR A 1 62  ? -9.280  0.543   -2.978  1.00 50.89  ? 64  TYR A CB  1 
ATOM   342  C  CG  . TYR A 1 62  ? -7.793  0.362   -2.791  1.00 43.85  ? 64  TYR A CG  1 
ATOM   343  C  CD1 . TYR A 1 62  ? -7.161  -0.789  -3.225  1.00 43.81  ? 64  TYR A CD1 1 
ATOM   344  C  CD2 . TYR A 1 62  ? -7.026  1.347   -2.198  1.00 40.61  ? 64  TYR A CD2 1 
ATOM   345  C  CE1 . TYR A 1 62  ? -5.792  -0.956  -3.083  1.00 42.57  ? 64  TYR A CE1 1 
ATOM   346  C  CE2 . TYR A 1 62  ? -5.660  1.199   -2.043  1.00 41.44  ? 64  TYR A CE2 1 
ATOM   347  C  CZ  . TYR A 1 62  ? -5.041  0.046   -2.489  1.00 44.97  ? 64  TYR A CZ  1 
ATOM   348  O  OH  . TYR A 1 62  ? -3.695  -0.107  -2.324  1.00 52.61  ? 64  TYR A OH  1 
ATOM   349  N  N   . SER A 1 63  ? -11.838 0.458   -5.180  1.00 50.99  ? 65  SER A N   1 
ATOM   350  C  CA  . SER A 1 63  ? -13.309 0.457   -5.390  1.00 55.18  ? 65  SER A CA  1 
ATOM   351  C  C   . SER A 1 63  ? -13.795 -0.981  -5.571  1.00 53.43  ? 65  SER A C   1 
ATOM   352  O  O   . SER A 1 63  ? -13.019 -1.842  -6.037  1.00 51.63  ? 65  SER A O   1 
ATOM   353  C  CB  . SER A 1 63  ? -13.711 1.341   -6.552  1.00 55.54  ? 65  SER A CB  1 
ATOM   354  O  OG  . SER A 1 63  ? -13.315 0.750   -7.787  1.00 56.58  ? 65  SER A OG  1 
ATOM   355  N  N   . LEU A 1 64  ? -15.054 -1.213  -5.227  1.00 60.84  ? 66  LEU A N   1 
ATOM   356  C  CA  . LEU A 1 64  ? -15.651 -2.564  -5.171  1.00 60.95  ? 66  LEU A CA  1 
ATOM   357  C  C   . LEU A 1 64  ? -16.159 -2.954  -6.565  1.00 53.88  ? 66  LEU A C   1 
ATOM   358  O  O   . LEU A 1 64  ? -16.917 -2.194  -7.137  1.00 58.34  ? 66  LEU A O   1 
ATOM   359  C  CB  . LEU A 1 64  ? -16.748 -2.506  -4.100  1.00 67.12  ? 66  LEU A CB  1 
ATOM   360  C  CG  . LEU A 1 64  ? -17.375 -3.835  -3.670  1.00 77.75  ? 66  LEU A CG  1 
ATOM   361  C  CD1 . LEU A 1 64  ? -16.333 -4.932  -3.451  1.00 77.40  ? 66  LEU A CD1 1 
ATOM   362  C  CD2 . LEU A 1 64  ? -18.218 -3.631  -2.416  1.00 79.00  ? 66  LEU A CD2 1 
ATOM   363  N  N   . ARG A 1 65  ? -15.756 -4.119  -7.066  1.00 55.32  ? 67  ARG A N   1 
ATOM   364  C  CA  . ARG A 1 65  ? -16.227 -4.737  -8.334  1.00 69.16  ? 67  ARG A CA  1 
ATOM   365  C  C   . ARG A 1 65  ? -17.502 -5.571  -8.112  1.00 78.45  ? 67  ARG A C   1 
ATOM   366  O  O   . ARG A 1 65  ? -17.676 -6.084  -6.995  1.00 74.36  ? 67  ARG A O   1 
ATOM   367  C  CB  . ARG A 1 65  ? -15.166 -5.700  -8.878  1.00 67.85  ? 67  ARG A CB  1 
ATOM   368  C  CG  . ARG A 1 65  ? -13.842 -5.050  -9.247  1.00 73.72  ? 67  ARG A CG  1 
ATOM   369  C  CD  . ARG A 1 65  ? -12.735 -6.065  -9.486  1.00 68.55  ? 67  ARG A CD  1 
ATOM   370  N  NE  . ARG A 1 65  ? -13.049 -7.105  -10.466 1.00 69.04  ? 67  ARG A NE  1 
ATOM   371  C  CZ  . ARG A 1 65  ? -12.821 -7.027  -11.775 1.00 62.48  ? 67  ARG A CZ  1 
ATOM   372  N  NH1 . ARG A 1 65  ? -12.304 -5.939  -12.308 1.00 69.23  ? 67  ARG A NH1 1 
ATOM   373  N  NH2 . ARG A 1 65  ? -13.121 -8.042  -12.554 1.00 67.15  ? 67  ARG A NH2 1 
ATOM   374  N  N   . ASP A 1 66  ? -18.298 -5.773  -9.173  1.00 81.75  ? 68  ASP A N   1 
ATOM   375  C  CA  . ASP A 1 66  ? -19.456 -6.715  -9.237  1.00 86.86  ? 68  ASP A CA  1 
ATOM   376  C  C   . ASP A 1 66  ? -19.062 -8.121  -8.768  1.00 79.83  ? 68  ASP A C   1 
ATOM   377  O  O   . ASP A 1 66  ? -19.877 -8.761  -8.105  1.00 85.32  ? 68  ASP A O   1 
ATOM   378  C  CB  . ASP A 1 66  ? -19.989 -6.901  -10.663 1.00 88.95  ? 68  ASP A CB  1 
ATOM   379  C  CG  . ASP A 1 66  ? -20.998 -5.863  -11.117 1.00 93.01  ? 68  ASP A CG  1 
ATOM   380  O  OD1 . ASP A 1 66  ? -21.341 -4.975  -10.310 1.00 89.78  ? 68  ASP A OD1 1 
ATOM   381  O  OD2 . ASP A 1 66  ? -21.429 -5.957  -12.286 1.00 101.19 ? 68  ASP A OD2 1 
ATOM   382  N  N   . ASP A 1 67  ? -17.878 -8.604  -9.145  1.00 75.48  ? 69  ASP A N   1 
ATOM   383  C  CA  . ASP A 1 67  ? -17.439 -10.001 -8.888  1.00 68.73  ? 69  ASP A CA  1 
ATOM   384  C  C   . ASP A 1 67  ? -16.884 -10.138 -7.455  1.00 65.50  ? 69  ASP A C   1 
ATOM   385  O  O   . ASP A 1 67  ? -16.324 -11.212 -7.156  1.00 61.88  ? 69  ASP A O   1 
ATOM   386  C  CB  . ASP A 1 67  ? -16.444 -10.464 -9.962  1.00 64.72  ? 69  ASP A CB  1 
ATOM   387  C  CG  . ASP A 1 67  ? -15.121 -9.706  -10.029 1.00 69.49  ? 69  ASP A CG  1 
ATOM   388  O  OD1 . ASP A 1 67  ? -14.945 -8.683  -9.303  1.00 63.88  ? 69  ASP A OD1 1 
ATOM   389  O  OD2 . ASP A 1 67  ? -14.262 -10.144 -10.804 1.00 71.88  ? 69  ASP A OD2 1 
ATOM   390  N  N   . GLY A 1 68  ? -17.014 -9.100  -6.617  1.00 67.61  ? 70  GLY A N   1 
ATOM   391  C  CA  . GLY A 1 68  ? -16.578 -9.092  -5.203  1.00 70.72  ? 70  GLY A CA  1 
ATOM   392  C  C   . GLY A 1 68  ? -15.103 -8.740  -5.026  1.00 71.54  ? 70  GLY A C   1 
ATOM   393  O  O   . GLY A 1 68  ? -14.651 -8.693  -3.865  1.00 70.81  ? 70  GLY A O   1 
ATOM   394  N  N   . GLY A 1 69  ? -14.364 -8.528  -6.123  1.00 70.20  ? 71  GLY A N   1 
ATOM   395  C  CA  . GLY A 1 69  ? -12.945 -8.122  -6.119  1.00 58.74  ? 71  GLY A CA  1 
ATOM   396  C  C   . GLY A 1 69  ? -12.827 -6.632  -5.892  1.00 58.30  ? 71  GLY A C   1 
ATOM   397  O  O   . GLY A 1 69  ? -13.872 -5.988  -5.721  1.00 56.09  ? 71  GLY A O   1 
ATOM   398  N  N   . LEU A 1 70  ? -11.603 -6.097  -5.886  1.00 54.36  ? 72  LEU A N   1 
ATOM   399  C  CA  . LEU A 1 70  ? -11.367 -4.633  -5.815  1.00 56.68  ? 72  LEU A CA  1 
ATOM   400  C  C   . LEU A 1 70  ? -10.762 -4.171  -7.147  1.00 61.48  ? 72  LEU A C   1 
ATOM   401  O  O   . LEU A 1 70  ? -9.935  -4.923  -7.715  1.00 58.25  ? 72  LEU A O   1 
ATOM   402  C  CB  . LEU A 1 70  ? -10.425 -4.321  -4.647  1.00 57.25  ? 72  LEU A CB  1 
ATOM   403  C  CG  . LEU A 1 70  ? -10.941 -4.673  -3.253  1.00 56.95  ? 72  LEU A CG  1 
ATOM   404  C  CD1 . LEU A 1 70  ? -9.975  -4.169  -2.195  1.00 56.10  ? 72  LEU A CD1 1 
ATOM   405  C  CD2 . LEU A 1 70  ? -12.328 -4.094  -3.013  1.00 61.52  ? 72  LEU A CD2 1 
ATOM   406  N  N   . ASN A 1 71  ? -11.183 -3.005  -7.648  1.00 57.29  ? 73  ASN A N   1 
ATOM   407  C  CA  . ASN A 1 71  ? -10.418 -2.255  -8.679  1.00 56.30  ? 73  ASN A CA  1 
ATOM   408  C  C   . ASN A 1 71  ? -9.331  -1.467  -7.957  1.00 51.86  ? 73  ASN A C   1 
ATOM   409  O  O   . ASN A 1 71  ? -9.640  -0.886  -6.894  1.00 49.06  ? 73  ASN A O   1 
ATOM   410  C  CB  . ASN A 1 71  ? -11.247 -1.257  -9.488  1.00 54.04  ? 73  ASN A CB  1 
ATOM   411  C  CG  . ASN A 1 71  ? -12.348 -1.889  -10.306 1.00 55.45  ? 73  ASN A CG  1 
ATOM   412  O  OD1 . ASN A 1 71  ? -13.464 -1.385  -10.276 1.00 58.64  ? 73  ASN A OD1 1 
ATOM   413  N  ND2 . ASN A 1 71  ? -12.053 -2.973  -11.021 1.00 52.68  ? 73  ASN A ND2 1 
ATOM   414  N  N   . VAL A 1 72  ? -8.130  -1.440  -8.533  1.00 52.36  ? 74  VAL A N   1 
ATOM   415  C  CA  . VAL A 1 72  ? -6.969  -0.640  -8.041  1.00 55.08  ? 74  VAL A CA  1 
ATOM   416  C  C   . VAL A 1 72  ? -6.543  0.318   -9.153  1.00 52.05  ? 74  VAL A C   1 
ATOM   417  O  O   . VAL A 1 72  ? -6.159  -0.157  -10.234 1.00 52.07  ? 74  VAL A O   1 
ATOM   418  C  CB  . VAL A 1 72  ? -5.801  -1.549  -7.612  1.00 56.18  ? 74  VAL A CB  1 
ATOM   419  C  CG1 . VAL A 1 72  ? -4.735  -0.777  -6.845  1.00 54.15  ? 74  VAL A CG1 1 
ATOM   420  C  CG2 . VAL A 1 72  ? -6.304  -2.720  -6.787  1.00 62.22  ? 74  VAL A CG2 1 
ATOM   421  N  N   . ILE A 1 73  ? -6.630  1.618   -8.895  1.00 52.35  ? 75  ILE A N   1 
ATOM   422  C  CA  . ILE A 1 73  ? -6.113  2.655   -9.820  1.00 50.73  ? 75  ILE A CA  1 
ATOM   423  C  C   . ILE A 1 73  ? -4.949  3.358   -9.132  1.00 53.31  ? 75  ILE A C   1 
ATOM   424  O  O   . ILE A 1 73  ? -5.177  4.153   -8.179  1.00 51.69  ? 75  ILE A O   1 
ATOM   425  C  CB  . ILE A 1 73  ? -7.215  3.622   -10.268 1.00 52.98  ? 75  ILE A CB  1 
ATOM   426  C  CG1 . ILE A 1 73  ? -8.289  2.878   -11.059 1.00 55.27  ? 75  ILE A CG1 1 
ATOM   427  C  CG2 . ILE A 1 73  ? -6.594  4.762   -11.065 1.00 53.59  ? 75  ILE A CG2 1 
ATOM   428  C  CD1 . ILE A 1 73  ? -9.563  3.665   -11.234 1.00 66.63  ? 75  ILE A CD1 1 
ATOM   429  N  N   . PHE A 1 74  ? -3.752  3.040   -9.617  1.00 45.74  ? 76  PHE A N   1 
ATOM   430  C  CA  . PHE A 1 74  ? -2.469  3.629   -9.205  1.00 44.48  ? 76  PHE A CA  1 
ATOM   431  C  C   . PHE A 1 74  ? -2.214  4.866   -10.066 1.00 46.80  ? 76  PHE A C   1 
ATOM   432  O  O   . PHE A 1 74  ? -2.290  4.793   -11.307 1.00 50.95  ? 76  PHE A O   1 
ATOM   433  C  CB  . PHE A 1 74  ? -1.381  2.573   -9.335  1.00 47.27  ? 76  PHE A CB  1 
ATOM   434  C  CG  . PHE A 1 74  ? -0.021  3.086   -8.961  1.00 56.13  ? 76  PHE A CG  1 
ATOM   435  C  CD1 . PHE A 1 74  ? 0.653   3.972   -9.797  1.00 63.48  ? 76  PHE A CD1 1 
ATOM   436  C  CD2 . PHE A 1 74  ? 0.572   2.710   -7.763  1.00 62.09  ? 76  PHE A CD2 1 
ATOM   437  C  CE1 . PHE A 1 74  ? 1.901   4.466   -9.451  1.00 61.34  ? 76  PHE A CE1 1 
ATOM   438  C  CE2 . PHE A 1 74  ? 1.824   3.196   -7.424  1.00 65.96  ? 76  PHE A CE2 1 
ATOM   439  C  CZ  . PHE A 1 74  ? 2.486   4.069   -8.268  1.00 65.27  ? 76  PHE A CZ  1 
ATOM   440  N  N   . LYS A 1 75  ? -1.870  5.977   -9.436  1.00 46.28  ? 77  LYS A N   1 
ATOM   441  C  CA  . LYS A 1 75  ? -1.635  7.244   -10.152 1.00 45.46  ? 77  LYS A CA  1 
ATOM   442  C  C   . LYS A 1 75  ? -0.380  7.888   -9.574  1.00 44.01  ? 77  LYS A C   1 
ATOM   443  O  O   . LYS A 1 75  ? -0.223  7.865   -8.363  1.00 42.69  ? 77  LYS A O   1 
ATOM   444  C  CB  . LYS A 1 75  ? -2.891  8.116   -10.053 1.00 52.25  ? 77  LYS A CB  1 
ATOM   445  C  CG  . LYS A 1 75  ? -2.758  9.516   -10.654 1.00 57.58  ? 77  LYS A CG  1 
ATOM   446  C  CD  . LYS A 1 75  ? -4.076  10.232  -10.845 1.00 58.85  ? 77  LYS A CD  1 
ATOM   447  C  CE  . LYS A 1 75  ? -3.916  11.545  -11.571 1.00 60.74  ? 77  LYS A CE  1 
ATOM   448  N  NZ  . LYS A 1 75  ? -5.217  12.236  -11.727 1.00 65.08  ? 77  LYS A NZ  1 
ATOM   449  N  N   . GLY A 1 76  ? 0.478   8.417   -10.450 1.00 44.92  ? 78  GLY A N   1 
ATOM   450  C  CA  . GLY A 1 76  ? 1.696   9.159   -10.095 1.00 42.61  ? 78  GLY A CA  1 
ATOM   451  C  C   . GLY A 1 76  ? 2.055   10.185  -11.151 1.00 43.43  ? 78  GLY A C   1 
ATOM   452  O  O   . GLY A 1 76  ? 1.583   10.057  -12.306 1.00 42.35  ? 78  GLY A O   1 
ATOM   453  N  N   . TYR A 1 77  ? 2.876   11.164  -10.772 1.00 40.43  ? 79  TYR A N   1 
ATOM   454  C  CA  . TYR A 1 77  ? 3.424   12.178  -11.690 1.00 44.04  ? 79  TYR A CA  1 
ATOM   455  C  C   . TYR A 1 77  ? 4.806   11.726  -12.166 1.00 47.26  ? 79  TYR A C   1 
ATOM   456  O  O   . TYR A 1 77  ? 5.623   11.326  -11.327 1.00 46.83  ? 79  TYR A O   1 
ATOM   457  C  CB  . TYR A 1 77  ? 3.556   13.545  -11.027 1.00 46.64  ? 79  TYR A CB  1 
ATOM   458  C  CG  . TYR A 1 77  ? 4.030   14.597  -11.994 1.00 46.83  ? 79  TYR A CG  1 
ATOM   459  C  CD1 . TYR A 1 77  ? 3.224   14.957  -13.059 1.00 49.90  ? 79  TYR A CD1 1 
ATOM   460  C  CD2 . TYR A 1 77  ? 5.277   15.186  -11.895 1.00 44.06  ? 79  TYR A CD2 1 
ATOM   461  C  CE1 . TYR A 1 77  ? 3.614   15.903  -13.985 1.00 48.17  ? 79  TYR A CE1 1 
ATOM   462  C  CE2 . TYR A 1 77  ? 5.690   16.129  -12.821 1.00 48.50  ? 79  TYR A CE2 1 
ATOM   463  C  CZ  . TYR A 1 77  ? 4.853   16.484  -13.868 1.00 50.27  ? 79  TYR A CZ  1 
ATOM   464  O  OH  . TYR A 1 77  ? 5.198   17.384  -14.827 1.00 58.01  ? 79  TYR A OH  1 
ATOM   465  N  N   . ASN A 1 78  ? 5.053   11.832  -13.475 1.00 43.96  ? 80  ASN A N   1 
ATOM   466  C  CA  . ASN A 1 78  ? 6.317   11.415  -14.132 1.00 43.68  ? 80  ASN A CA  1 
ATOM   467  C  C   . ASN A 1 78  ? 7.059   12.669  -14.572 1.00 47.12  ? 80  ASN A C   1 
ATOM   468  O  O   . ASN A 1 78  ? 6.744   13.239  -15.610 1.00 46.81  ? 80  ASN A O   1 
ATOM   469  C  CB  . ASN A 1 78  ? 6.055   10.479  -15.305 1.00 45.40  ? 80  ASN A CB  1 
ATOM   470  C  CG  . ASN A 1 78  ? 7.341   9.923   -15.853 1.00 42.49  ? 80  ASN A CG  1 
ATOM   471  O  OD1 . ASN A 1 78  ? 8.344   10.631  -15.867 1.00 42.03  ? 80  ASN A OD1 1 
ATOM   472  N  ND2 . ASN A 1 78  ? 7.312   8.676   -16.297 1.00 33.66  ? 80  ASN A ND2 1 
ATOM   473  N  N   . PRO A 1 79  ? 8.046   13.155  -13.782 1.00 48.84  ? 81  PRO A N   1 
ATOM   474  C  CA  . PRO A 1 79  ? 8.709   14.416  -14.099 1.00 53.61  ? 81  PRO A CA  1 
ATOM   475  C  C   . PRO A 1 79  ? 9.445   14.400  -15.465 1.00 52.04  ? 81  PRO A C   1 
ATOM   476  O  O   . PRO A 1 79  ? 9.421   15.432  -16.141 1.00 46.51  ? 81  PRO A O   1 
ATOM   477  C  CB  . PRO A 1 79  ? 9.639   14.645  -12.890 1.00 49.74  ? 81  PRO A CB  1 
ATOM   478  C  CG  . PRO A 1 79  ? 9.851   13.266  -12.302 1.00 51.92  ? 81  PRO A CG  1 
ATOM   479  C  CD  . PRO A 1 79  ? 8.558   12.522  -12.553 1.00 46.01  ? 81  PRO A CD  1 
ATOM   480  N  N   . ASP A 1 80  ? 10.040  13.269  -15.869 1.00 52.22  ? 82  ASP A N   1 
ATOM   481  C  CA  . ASP A 1 80  ? 10.808  13.137  -17.145 1.00 50.95  ? 82  ASP A CA  1 
ATOM   482  C  C   . ASP A 1 80  ? 9.860   13.220  -18.353 1.00 53.49  ? 82  ASP A C   1 
ATOM   483  O  O   . ASP A 1 80  ? 10.253  13.843  -19.360 1.00 60.40  ? 82  ASP A O   1 
ATOM   484  C  CB  . ASP A 1 80  ? 11.657  11.861  -17.140 1.00 51.81  ? 82  ASP A CB  1 
ATOM   485  C  CG  . ASP A 1 80  ? 12.857  11.926  -16.196 1.00 55.81  ? 82  ASP A CG  1 
ATOM   486  O  OD1 . ASP A 1 80  ? 13.253  13.039  -15.816 1.00 55.73  ? 82  ASP A OD1 1 
ATOM   487  O  OD2 . ASP A 1 80  ? 13.403  10.862  -15.858 1.00 54.73  ? 82  ASP A OD2 1 
ATOM   488  N  N   . ARG A 1 81  ? 8.630   12.693  -18.251 1.00 50.18  ? 83  ARG A N   1 
ATOM   489  C  CA  . ARG A 1 81  ? 7.612   12.774  -19.343 1.00 48.61  ? 83  ARG A CA  1 
ATOM   490  C  C   . ARG A 1 81  ? 6.704   13.996  -19.176 1.00 46.28  ? 83  ARG A C   1 
ATOM   491  O  O   . ARG A 1 81  ? 5.926   14.278  -20.103 1.00 50.71  ? 83  ARG A O   1 
ATOM   492  C  CB  . ARG A 1 81  ? 6.742   11.514  -19.376 1.00 43.49  ? 83  ARG A CB  1 
ATOM   493  C  CG  . ARG A 1 81  ? 7.520   10.247  -19.688 1.00 40.54  ? 83  ARG A CG  1 
ATOM   494  C  CD  . ARG A 1 81  ? 6.600   9.054   -19.786 1.00 38.76  ? 83  ARG A CD  1 
ATOM   495  N  NE  . ARG A 1 81  ? 7.434   7.928   -20.129 1.00 35.28  ? 83  ARG A NE  1 
ATOM   496  C  CZ  . ARG A 1 81  ? 7.922   7.670   -21.336 1.00 36.23  ? 83  ARG A CZ  1 
ATOM   497  N  NH1 . ARG A 1 81  ? 7.627   8.421   -22.389 1.00 39.28  ? 83  ARG A NH1 1 
ATOM   498  N  NH2 . ARG A 1 81  ? 8.705   6.628   -21.484 1.00 35.11  ? 83  ARG A NH2 1 
ATOM   499  N  N   . GLY A 1 82  ? 6.745   14.653  -18.022 1.00 44.76  ? 84  GLY A N   1 
ATOM   500  C  CA  . GLY A 1 82  ? 5.867   15.791  -17.693 1.00 44.69  ? 84  GLY A CA  1 
ATOM   501  C  C   . GLY A 1 82  ? 4.398   15.430  -17.748 1.00 49.54  ? 84  GLY A C   1 
ATOM   502  O  O   . GLY A 1 82  ? 3.610   16.310  -18.139 1.00 45.99  ? 84  GLY A O   1 
ATOM   503  N  N   . MET A 1 83  ? 4.021   14.201  -17.351 1.00 50.01  ? 85  MET A N   1 
ATOM   504  C  CA  . MET A 1 83  ? 2.600   13.734  -17.388 1.00 43.56  ? 85  MET A CA  1 
ATOM   505  C  C   . MET A 1 83  ? 2.265   12.966  -16.120 1.00 43.67  ? 85  MET A C   1 
ATOM   506  O  O   . MET A 1 83  ? 3.132   12.210  -15.667 1.00 39.17  ? 85  MET A O   1 
ATOM   507  C  CB  . MET A 1 83  ? 2.361   12.767  -18.551 1.00 47.80  ? 85  MET A CB  1 
ATOM   508  C  CG  . MET A 1 83  ? 2.721   13.344  -19.927 1.00 45.59  ? 85  MET A CG  1 
ATOM   509  S  SD  . MET A 1 83  ? 1.440   14.462  -20.481 1.00 47.44  ? 85  MET A SD  1 
ATOM   510  C  CE  . MET A 1 83  ? 0.242   13.289  -21.118 1.00 50.42  ? 85  MET A CE  1 
ATOM   511  N  N   . TRP A 1 84  ? 1.031   13.128  -15.632 1.00 44.54  ? 86  TRP A N   1 
ATOM   512  C  CA  . TRP A 1 84  ? 0.303   12.156  -14.771 1.00 47.07  ? 86  TRP A CA  1 
ATOM   513  C  C   . TRP A 1 84  ? 0.049   10.852  -15.543 1.00 45.44  ? 86  TRP A C   1 
ATOM   514  O  O   . TRP A 1 84  ? -0.498  10.916  -16.674 1.00 54.93  ? 86  TRP A O   1 
ATOM   515  C  CB  . TRP A 1 84  ? -1.014  12.764  -14.257 1.00 48.39  ? 86  TRP A CB  1 
ATOM   516  C  CG  . TRP A 1 84  ? -0.791  13.954  -13.376 1.00 48.73  ? 86  TRP A CG  1 
ATOM   517  C  CD1 . TRP A 1 84  ? -0.799  15.265  -13.754 1.00 48.95  ? 86  TRP A CD1 1 
ATOM   518  C  CD2 . TRP A 1 84  ? -0.461  13.945  -11.977 1.00 50.73  ? 86  TRP A CD2 1 
ATOM   519  N  NE1 . TRP A 1 84  ? -0.510  16.069  -12.685 1.00 55.18  ? 86  TRP A NE1 1 
ATOM   520  C  CE2 . TRP A 1 84  ? -0.308  15.288  -11.579 1.00 51.91  ? 86  TRP A CE2 1 
ATOM   521  C  CE3 . TRP A 1 84  ? -0.305  12.944  -11.015 1.00 52.40  ? 86  TRP A CE3 1 
ATOM   522  C  CZ2 . TRP A 1 84  ? 0.011   15.647  -10.272 1.00 54.99  ? 86  TRP A CZ2 1 
ATOM   523  C  CZ3 . TRP A 1 84  ? -0.016  13.301  -9.718  1.00 53.32  ? 86  TRP A CZ3 1 
ATOM   524  C  CH2 . TRP A 1 84  ? 0.146   14.632  -9.354  1.00 51.12  ? 86  TRP A CH2 1 
ATOM   525  N  N   . GLN A 1 85  ? 0.386   9.704   -14.943 1.00 43.28  ? 87  GLN A N   1 
ATOM   526  C  CA  . GLN A 1 85  ? 0.200   8.361   -15.556 1.00 39.98  ? 87  GLN A CA  1 
ATOM   527  C  C   . GLN A 1 85  ? -0.499  7.432   -14.566 1.00 40.79  ? 87  GLN A C   1 
ATOM   528  O  O   . GLN A 1 85  ? -0.330  7.585   -13.342 1.00 37.85  ? 87  GLN A O   1 
ATOM   529  C  CB  . GLN A 1 85  ? 1.527   7.794   -16.033 1.00 39.82  ? 87  GLN A CB  1 
ATOM   530  C  CG  . GLN A 1 85  ? 2.539   7.432   -14.956 1.00 43.83  ? 87  GLN A CG  1 
ATOM   531  C  CD  . GLN A 1 85  ? 3.778   6.789   -15.553 1.00 44.08  ? 87  GLN A CD  1 
ATOM   532  O  OE1 . GLN A 1 85  ? 4.548   7.411   -16.286 1.00 46.20  ? 87  GLN A OE1 1 
ATOM   533  N  NE2 . GLN A 1 85  ? 3.984   5.526   -15.245 1.00 46.60  ? 87  GLN A NE2 1 
ATOM   534  N  N   . GLN A 1 86  ? -1.262  6.476   -15.065 1.00 41.82  ? 88  GLN A N   1 
ATOM   535  C  CA  . GLN A 1 86  ? -1.949  5.547   -14.145 1.00 43.95  ? 88  GLN A CA  1 
ATOM   536  C  C   . GLN A 1 86  ? -1.767  4.119   -14.626 1.00 38.02  ? 88  GLN A C   1 
ATOM   537  O  O   . GLN A 1 86  ? -1.485  3.925   -15.793 1.00 40.76  ? 88  GLN A O   1 
ATOM   538  C  CB  . GLN A 1 86  ? -3.397  5.975   -13.914 1.00 49.10  ? 88  GLN A CB  1 
ATOM   539  C  CG  . GLN A 1 86  ? -4.213  6.210   -15.166 1.00 55.70  ? 88  GLN A CG  1 
ATOM   540  C  CD  . GLN A 1 86  ? -5.658  6.483   -14.802 1.00 56.89  ? 88  GLN A CD  1 
ATOM   541  O  OE1 . GLN A 1 86  ? -6.568  5.819   -15.300 1.00 62.25  ? 88  GLN A OE1 1 
ATOM   542  N  NE2 . GLN A 1 86  ? -5.876  7.441   -13.913 1.00 41.25  ? 88  GLN A NE2 1 
ATOM   543  N  N   . TYR A 1 87  ? -1.846  3.184   -13.684 1.00 40.64  ? 89  TYR A N   1 
ATOM   544  C  CA  . TYR A 1 87  ? -1.825  1.719   -13.892 1.00 46.03  ? 89  TYR A CA  1 
ATOM   545  C  C   . TYR A 1 87  ? -3.171  1.215   -13.372 1.00 48.36  ? 89  TYR A C   1 
ATOM   546  O  O   . TYR A 1 87  ? -3.559  1.626   -12.261 1.00 46.82  ? 89  TYR A O   1 
ATOM   547  C  CB  . TYR A 1 87  ? -0.707  1.028   -13.089 1.00 48.15  ? 89  TYR A CB  1 
ATOM   548  C  CG  . TYR A 1 87  ? 0.716   1.475   -13.310 1.00 47.11  ? 89  TYR A CG  1 
ATOM   549  C  CD1 . TYR A 1 87  ? 1.228   1.631   -14.594 1.00 50.73  ? 89  TYR A CD1 1 
ATOM   550  C  CD2 . TYR A 1 87  ? 1.589   1.672   -12.241 1.00 49.82  ? 89  TYR A CD2 1 
ATOM   551  C  CE1 . TYR A 1 87  ? 2.550   1.992   -14.815 1.00 46.86  ? 89  TYR A CE1 1 
ATOM   552  C  CE2 . TYR A 1 87  ? 2.908   2.054   -12.447 1.00 45.51  ? 89  TYR A CE2 1 
ATOM   553  C  CZ  . TYR A 1 87  ? 3.402   2.185   -13.741 1.00 47.73  ? 89  TYR A CZ  1 
ATOM   554  O  OH  . TYR A 1 87  ? 4.688   2.567   -13.999 1.00 41.92  ? 89  TYR A OH  1 
ATOM   555  N  N   . VAL A 1 88  ? -3.855  0.380   -14.140 1.00 53.62  ? 90  VAL A N   1 
ATOM   556  C  CA  . VAL A 1 88  ? -5.214  -0.130  -13.809 1.00 54.49  ? 90  VAL A CA  1 
ATOM   557  C  C   . VAL A 1 88  ? -5.081  -1.612  -13.466 1.00 52.95  ? 90  VAL A C   1 
ATOM   558  O  O   . VAL A 1 88  ? -4.567  -2.362  -14.319 1.00 50.36  ? 90  VAL A O   1 
ATOM   559  C  CB  . VAL A 1 88  ? -6.179  0.105   -14.981 1.00 54.08  ? 90  VAL A CB  1 
ATOM   560  C  CG1 . VAL A 1 88  ? -7.493  -0.637  -14.787 1.00 54.41  ? 90  VAL A CG1 1 
ATOM   561  C  CG2 . VAL A 1 88  ? -6.418  1.592   -15.181 1.00 55.86  ? 90  VAL A CG2 1 
ATOM   562  N  N   . GLY A 1 89  ? -5.509  -2.007  -12.265 1.00 52.62  ? 91  GLY A N   1 
ATOM   563  C  CA  . GLY A 1 89  ? -5.403  -3.403  -11.803 1.00 57.51  ? 91  GLY A CA  1 
ATOM   564  C  C   . GLY A 1 89  ? -6.664  -3.874  -11.114 1.00 59.05  ? 91  GLY A C   1 
ATOM   565  O  O   . GLY A 1 89  ? -7.543  -3.042  -10.836 1.00 53.98  ? 91  GLY A O   1 
ATOM   566  N  N   . LYS A 1 90  ? -6.734  -5.173  -10.835 1.00 59.66  ? 92  LYS A N   1 
ATOM   567  C  CA  . LYS A 1 90  ? -7.782  -5.782  -9.986  1.00 60.31  ? 92  LYS A CA  1 
ATOM   568  C  C   . LYS A 1 90  ? -7.114  -6.653  -8.921  1.00 59.45  ? 92  LYS A C   1 
ATOM   569  O  O   . LYS A 1 90  ? -6.039  -7.260  -9.229  1.00 49.56  ? 92  LYS A O   1 
ATOM   570  C  CB  . LYS A 1 90  ? -8.758  -6.608  -10.827 1.00 64.75  ? 92  LYS A CB  1 
ATOM   571  C  CG  . LYS A 1 90  ? -8.139  -7.724  -11.656 1.00 61.99  ? 92  LYS A CG  1 
ATOM   572  C  CD  . LYS A 1 90  ? -9.155  -8.380  -12.574 1.00 70.34  ? 92  LYS A CD  1 
ATOM   573  C  CE  . LYS A 1 90  ? -8.510  -9.239  -13.637 1.00 72.70  ? 92  LYS A CE  1 
ATOM   574  N  NZ  . LYS A 1 90  ? -9.263  -10.499 -13.834 1.00 76.88  ? 92  LYS A NZ  1 
ATOM   575  N  N   . ALA A 1 91  ? -7.757  -6.728  -7.747  1.00 58.19  ? 93  ALA A N   1 
ATOM   576  C  CA  . ALA A 1 91  ? -7.309  -7.486  -6.556  1.00 58.50  ? 93  ALA A CA  1 
ATOM   577  C  C   . ALA A 1 91  ? -8.365  -8.522  -6.169  1.00 61.98  ? 93  ALA A C   1 
ATOM   578  O  O   . ALA A 1 91  ? -9.568  -8.156  -6.173  1.00 64.96  ? 93  ALA A O   1 
ATOM   579  C  CB  . ALA A 1 91  ? -7.059  -6.531  -5.424  1.00 58.47  ? 93  ALA A CB  1 
ATOM   580  N  N   . TYR A 1 92  ? -7.938  -9.741  -5.803  1.00 62.28  ? 94  TYR A N   1 
ATOM   581  C  CA  . TYR A 1 92  ? -8.838  -10.807 -5.274  1.00 67.48  ? 94  TYR A CA  1 
ATOM   582  C  C   . TYR A 1 92  ? -8.346  -11.337 -3.919  1.00 64.21  ? 94  TYR A C   1 
ATOM   583  O  O   . TYR A 1 92  ? -7.173  -11.740 -3.831  1.00 62.54  ? 94  TYR A O   1 
ATOM   584  C  CB  . TYR A 1 92  ? -8.992  -11.930 -6.298  1.00 62.55  ? 94  TYR A CB  1 
ATOM   585  C  CG  . TYR A 1 92  ? -9.748  -11.491 -7.524  1.00 66.23  ? 94  TYR A CG  1 
ATOM   586  C  CD1 . TYR A 1 92  ? -11.002 -10.916 -7.404  1.00 70.77  ? 94  TYR A CD1 1 
ATOM   587  C  CD2 . TYR A 1 92  ? -9.206  -11.614 -8.792  1.00 66.42  ? 94  TYR A CD2 1 
ATOM   588  C  CE1 . TYR A 1 92  ? -11.719 -10.506 -8.513  1.00 71.32  ? 94  TYR A CE1 1 
ATOM   589  C  CE2 . TYR A 1 92  ? -9.903  -11.192 -9.914  1.00 73.78  ? 94  TYR A CE2 1 
ATOM   590  C  CZ  . TYR A 1 92  ? -11.165 -10.638 -9.772  1.00 73.34  ? 94  TYR A CZ  1 
ATOM   591  O  OH  . TYR A 1 92  ? -11.880 -10.209 -10.854 1.00 75.37  ? 94  TYR A OH  1 
ATOM   592  N  N   . PHE A 1 93  ? -9.230  -11.339 -2.911  1.00 59.78  ? 95  PHE A N   1 
ATOM   593  C  CA  . PHE A 1 93  ? -9.021  -12.012 -1.598  1.00 58.95  ? 95  PHE A CA  1 
ATOM   594  C  C   . PHE A 1 93  ? -8.644  -13.469 -1.859  1.00 61.85  ? 95  PHE A C   1 
ATOM   595  O  O   . PHE A 1 93  ? -9.372  -14.129 -2.652  1.00 60.72  ? 95  PHE A O   1 
ATOM   596  C  CB  . PHE A 1 93  ? -10.270 -11.942 -0.718  1.00 54.32  ? 95  PHE A CB  1 
ATOM   597  C  CG  . PHE A 1 93  ? -10.585 -10.582 -0.151  1.00 56.81  ? 95  PHE A CG  1 
ATOM   598  C  CD1 . PHE A 1 93  ? -9.864  -10.071 0.915   1.00 56.54  ? 95  PHE A CD1 1 
ATOM   599  C  CD2 . PHE A 1 93  ? -11.636 -9.824  -0.654  1.00 56.68  ? 95  PHE A CD2 1 
ATOM   600  C  CE1 . PHE A 1 93  ? -10.168 -8.823  1.444   1.00 59.48  ? 95  PHE A CE1 1 
ATOM   601  C  CE2 . PHE A 1 93  ? -11.945 -8.581  -0.120  1.00 55.07  ? 95  PHE A CE2 1 
ATOM   602  C  CZ  . PHE A 1 93  ? -11.212 -8.084  0.936   1.00 56.68  ? 95  PHE A CZ  1 
ATOM   603  N  N   . THR A 1 94  ? -7.529  -13.928 -1.266  1.00 66.17  ? 96  THR A N   1 
ATOM   604  C  CA  . THR A 1 94  ? -6.998  -15.320 -1.381  1.00 71.78  ? 96  THR A CA  1 
ATOM   605  C  C   . THR A 1 94  ? -7.800  -16.278 -0.483  1.00 68.93  ? 96  THR A C   1 
ATOM   606  O  O   . THR A 1 94  ? -7.846  -17.487 -0.785  1.00 62.80  ? 96  THR A O   1 
ATOM   607  C  CB  . THR A 1 94  ? -5.517  -15.388 -0.988  1.00 70.86  ? 96  THR A CB  1 
ATOM   608  O  OG1 . THR A 1 94  ? -5.389  -14.765 0.293   1.00 75.36  ? 96  THR A OG1 1 
ATOM   609  C  CG2 . THR A 1 94  ? -4.614  -14.724 -2.002  1.00 67.22  ? 96  THR A CG2 1 
ATOM   610  N  N   . GLY A 1 95  ? -8.359  -15.750 0.606   1.00 69.96  ? 97  GLY A N   1 
ATOM   611  C  CA  . GLY A 1 95  ? -9.238  -16.466 1.548   1.00 67.96  ? 97  GLY A CA  1 
ATOM   612  C  C   . GLY A 1 95  ? -10.506 -15.669 1.772   1.00 67.87  ? 97  GLY A C   1 
ATOM   613  O  O   . GLY A 1 95  ? -11.145 -15.288 0.773   1.00 56.85  ? 97  GLY A O   1 
ATOM   614  N  N   . ALA A 1 96  ? -10.851 -15.380 3.024   1.00 67.62  ? 98  ALA A N   1 
ATOM   615  C  CA  . ALA A 1 96  ? -12.131 -14.721 3.374   1.00 75.69  ? 98  ALA A CA  1 
ATOM   616  C  C   . ALA A 1 96  ? -11.968 -13.196 3.361   1.00 73.14  ? 98  ALA A C   1 
ATOM   617  O  O   . ALA A 1 96  ? -10.908 -12.672 3.706   1.00 58.72  ? 98  ALA A O   1 
ATOM   618  C  CB  . ALA A 1 96  ? -12.613 -15.238 4.708   1.00 79.87  ? 98  ALA A CB  1 
ATOM   619  N  N   . PRO A 1 97  ? -13.029 -12.433 2.999   1.00 77.23  ? 99  PRO A N   1 
ATOM   620  C  CA  . PRO A 1 97  ? -12.961 -10.969 3.005   1.00 78.72  ? 99  PRO A CA  1 
ATOM   621  C  C   . PRO A 1 97  ? -12.663 -10.328 4.376   1.00 77.56  ? 99  PRO A C   1 
ATOM   622  O  O   . PRO A 1 97  ? -12.445 -9.126  4.417   1.00 76.32  ? 99  PRO A O   1 
ATOM   623  C  CB  . PRO A 1 97  ? -14.335 -10.490 2.496   1.00 76.47  ? 99  PRO A CB  1 
ATOM   624  C  CG  . PRO A 1 97  ? -15.234 -11.725 2.474   1.00 81.34  ? 99  PRO A CG  1 
ATOM   625  C  CD  . PRO A 1 97  ? -14.328 -12.941 2.528   1.00 80.32  ? 99  PRO A CD  1 
ATOM   626  N  N   . THR A 1 98  ? -12.657 -11.105 5.461   1.00 73.23  ? 100 THR A N   1 
ATOM   627  C  CA  . THR A 1 98  ? -12.345 -10.602 6.830   1.00 74.47  ? 100 THR A CA  1 
ATOM   628  C  C   . THR A 1 98  ? -10.828 -10.629 7.065   1.00 71.12  ? 100 THR A C   1 
ATOM   629  O  O   . THR A 1 98  ? -10.390 -9.976  8.043   1.00 58.33  ? 100 THR A O   1 
ATOM   630  C  CB  . THR A 1 98  ? -13.091 -11.402 7.905   1.00 74.03  ? 100 THR A CB  1 
ATOM   631  O  OG1 . THR A 1 98  ? -12.570 -12.733 7.877   1.00 65.88  ? 100 THR A OG1 1 
ATOM   632  C  CG2 . THR A 1 98  ? -14.590 -11.407 7.694   1.00 68.43  ? 100 THR A CG2 1 
ATOM   633  N  N   . ARG A 1 99  ? -10.074 -11.349 6.217   1.00 70.92  ? 101 ARG A N   1 
ATOM   634  C  CA  . ARG A 1 99  ? -8.585  -11.419 6.238   1.00 71.59  ? 101 ARG A CA  1 
ATOM   635  C  C   . ARG A 1 99  ? -8.012  -10.646 5.038   1.00 67.62  ? 101 ARG A C   1 
ATOM   636  O  O   . ARG A 1 99  ? -8.283  -11.057 3.892   1.00 65.12  ? 101 ARG A O   1 
ATOM   637  C  CB  . ARG A 1 99  ? -8.128  -12.882 6.202   1.00 74.46  ? 101 ARG A CB  1 
ATOM   638  C  CG  . ARG A 1 99  ? -6.660  -13.095 6.545   1.00 79.18  ? 101 ARG A CG  1 
ATOM   639  C  CD  . ARG A 1 99  ? -6.253  -14.563 6.587   1.00 80.28  ? 101 ARG A CD  1 
ATOM   640  N  NE  . ARG A 1 99  ? -4.826  -14.711 6.883   1.00 80.95  ? 101 ARG A NE  1 
ATOM   641  C  CZ  . ARG A 1 99  ? -3.884  -15.123 6.030   1.00 74.45  ? 101 ARG A CZ  1 
ATOM   642  N  NH1 . ARG A 1 99  ? -4.193  -15.468 4.789   1.00 84.78  ? 101 ARG A NH1 1 
ATOM   643  N  NH2 . ARG A 1 99  ? -2.625  -15.192 6.424   1.00 66.77  ? 101 ARG A NH2 1 
ATOM   644  N  N   . ALA A 1 100 ? -7.181  -9.626  5.300   1.00 58.11  ? 102 ALA A N   1 
ATOM   645  C  CA  . ALA A 1 100 ? -6.583  -8.713  4.294   1.00 55.15  ? 102 ALA A CA  1 
ATOM   646  C  C   . ALA A 1 100 ? -5.334  -9.322  3.629   1.00 55.43  ? 102 ALA A C   1 
ATOM   647  O  O   . ALA A 1 100 ? -4.270  -8.665  3.615   1.00 51.18  ? 102 ALA A O   1 
ATOM   648  C  CB  . ALA A 1 100 ? -6.274  -7.385  4.934   1.00 56.19  ? 102 ALA A CB  1 
ATOM   649  N  N   . ALA A 1 101 ? -5.469  -10.517 3.058   1.00 54.96  ? 103 ALA A N   1 
ATOM   650  C  CA  . ALA A 1 101 ? -4.503  -11.117 2.117   1.00 61.82  ? 103 ALA A CA  1 
ATOM   651  C  C   . ALA A 1 101 ? -5.154  -11.150 0.730   1.00 61.47  ? 103 ALA A C   1 
ATOM   652  O  O   . ALA A 1 101 ? -6.332  -11.603 0.634   1.00 60.48  ? 103 ALA A O   1 
ATOM   653  C  CB  . ALA A 1 101 ? -4.117  -12.495 2.592   1.00 64.84  ? 103 ALA A CB  1 
ATOM   654  N  N   . LEU A 1 102 ? -4.439  -10.668 -0.296  1.00 56.69  ? 104 LEU A N   1 
ATOM   655  C  CA  . LEU A 1 102 ? -4.998  -10.473 -1.666  1.00 57.87  ? 104 LEU A CA  1 
ATOM   656  C  C   . LEU A 1 102 ? -3.934  -10.779 -2.724  1.00 58.23  ? 104 LEU A C   1 
ATOM   657  O  O   . LEU A 1 102 ? -2.745  -10.769 -2.376  1.00 58.84  ? 104 LEU A O   1 
ATOM   658  C  CB  . LEU A 1 102 ? -5.501  -9.028  -1.798  1.00 56.48  ? 104 LEU A CB  1 
ATOM   659  C  CG  . LEU A 1 102 ? -6.746  -8.662  -0.981  1.00 53.11  ? 104 LEU A CG  1 
ATOM   660  C  CD1 . LEU A 1 102 ? -6.383  -7.830  0.238   1.00 53.53  ? 104 LEU A CD1 1 
ATOM   661  C  CD2 . LEU A 1 102 ? -7.761  -7.905  -1.823  1.00 59.58  ? 104 LEU A CD2 1 
ATOM   662  N  N   . LYS A 1 103 ? -4.363  -11.052 -3.963  1.00 62.54  ? 105 LYS A N   1 
ATOM   663  C  CA  . LYS A 1 103 ? -3.501  -11.065 -5.181  1.00 63.18  ? 105 LYS A CA  1 
ATOM   664  C  C   . LYS A 1 103 ? -3.967  -9.923  -6.107  1.00 61.82  ? 105 LYS A C   1 
ATOM   665  O  O   . LYS A 1 103 ? -5.200  -9.674  -6.201  1.00 54.24  ? 105 LYS A O   1 
ATOM   666  C  CB  . LYS A 1 103 ? -3.473  -12.450 -5.851  1.00 70.27  ? 105 LYS A CB  1 
ATOM   667  C  CG  . LYS A 1 103 ? -4.825  -13.064 -6.209  1.00 78.27  ? 105 LYS A CG  1 
ATOM   668  C  CD  . LYS A 1 103 ? -4.763  -14.342 -7.067  1.00 84.12  ? 105 LYS A CD  1 
ATOM   669  C  CE  . LYS A 1 103 ? -6.143  -14.891 -7.409  1.00 84.91  ? 105 LYS A CE  1 
ATOM   670  N  NZ  . LYS A 1 103 ? -6.099  -16.113 -8.252  1.00 79.39  ? 105 LYS A NZ  1 
ATOM   671  N  N   . VAL A 1 104 ? -3.007  -9.206  -6.699  1.00 62.75  ? 106 VAL A N   1 
ATOM   672  C  CA  . VAL A 1 104 ? -3.216  -8.023  -7.586  1.00 60.75  ? 106 VAL A CA  1 
ATOM   673  C  C   . VAL A 1 104 ? -2.664  -8.381  -8.959  1.00 55.55  ? 106 VAL A C   1 
ATOM   674  O  O   . VAL A 1 104 ? -1.593  -8.980  -8.982  1.00 59.36  ? 106 VAL A O   1 
ATOM   675  C  CB  . VAL A 1 104 ? -2.507  -6.769  -7.046  1.00 64.02  ? 106 VAL A CB  1 
ATOM   676  C  CG1 . VAL A 1 104 ? -2.683  -5.582  -7.974  1.00 66.20  ? 106 VAL A CG1 1 
ATOM   677  C  CG2 . VAL A 1 104 ? -2.980  -6.405  -5.652  1.00 69.28  ? 106 VAL A CG2 1 
ATOM   678  N  N   . ALA A 1 105 ? -3.379  -8.041  -10.036 1.00 59.79  ? 107 ALA A N   1 
ATOM   679  C  CA  . ALA A 1 105 ? -2.884  -8.082  -11.438 1.00 59.46  ? 107 ALA A CA  1 
ATOM   680  C  C   . ALA A 1 105 ? -3.155  -6.741  -12.136 1.00 55.54  ? 107 ALA A C   1 
ATOM   681  O  O   . ALA A 1 105 ? -4.198  -6.109  -11.837 1.00 54.65  ? 107 ALA A O   1 
ATOM   682  C  CB  . ALA A 1 105 ? -3.521  -9.225  -12.180 1.00 60.04  ? 107 ALA A CB  1 
ATOM   683  N  N   . PHE A 1 106 ? -2.235  -6.311  -13.007 1.00 60.32  ? 108 PHE A N   1 
ATOM   684  C  CA  . PHE A 1 106 ? -2.284  -5.026  -13.767 1.00 64.86  ? 108 PHE A CA  1 
ATOM   685  C  C   . PHE A 1 106 ? -2.238  -5.326  -15.267 1.00 67.58  ? 108 PHE A C   1 
ATOM   686  O  O   . PHE A 1 106 ? -1.350  -6.089  -15.637 1.00 77.01  ? 108 PHE A O   1 
ATOM   687  C  CB  . PHE A 1 106 ? -1.102  -4.134  -13.378 1.00 57.53  ? 108 PHE A CB  1 
ATOM   688  C  CG  . PHE A 1 106 ? -1.181  -3.558  -11.986 1.00 61.62  ? 108 PHE A CG  1 
ATOM   689  C  CD1 . PHE A 1 106 ? -1.838  -2.355  -11.754 1.00 61.46  ? 108 PHE A CD1 1 
ATOM   690  C  CD2 . PHE A 1 106 ? -0.582  -4.201  -10.908 1.00 59.04  ? 108 PHE A CD2 1 
ATOM   691  C  CE1 . PHE A 1 106 ? -1.900  -1.816  -10.475 1.00 60.10  ? 108 PHE A CE1 1 
ATOM   692  C  CE2 . PHE A 1 106 ? -0.645  -3.660  -9.630  1.00 55.56  ? 108 PHE A CE2 1 
ATOM   693  C  CZ  . PHE A 1 106 ? -1.310  -2.474  -9.416  1.00 57.02  ? 108 PHE A CZ  1 
ATOM   694  N  N   . PHE A 1 107 ? -3.117  -4.736  -16.089 1.00 72.88  ? 109 PHE A N   1 
ATOM   695  C  CA  . PHE A 1 107 ? -3.302  -5.100  -17.528 1.00 81.32  ? 109 PHE A CA  1 
ATOM   696  C  C   . PHE A 1 107 ? -3.445  -3.836  -18.401 1.00 81.40  ? 109 PHE A C   1 
ATOM   697  O  O   . PHE A 1 107 ? -3.692  -2.701  -17.968 1.00 68.17  ? 109 PHE A O   1 
ATOM   698  C  CB  . PHE A 1 107 ? -4.502  -6.047  -17.691 1.00 78.09  ? 109 PHE A CB  1 
ATOM   699  C  CG  . PHE A 1 107 ? -5.750  -5.584  -16.977 1.00 83.70  ? 109 PHE A CG  1 
ATOM   700  C  CD1 . PHE A 1 107 ? -5.969  -5.909  -15.644 1.00 84.20  ? 109 PHE A CD1 1 
ATOM   701  C  CD2 . PHE A 1 107 ? -6.680  -4.777  -17.618 1.00 87.71  ? 109 PHE A CD2 1 
ATOM   702  C  CE1 . PHE A 1 107 ? -7.098  -5.451  -14.979 1.00 88.05  ? 109 PHE A CE1 1 
ATOM   703  C  CE2 . PHE A 1 107 ? -7.810  -4.319  -16.952 1.00 93.91  ? 109 PHE A CE2 1 
ATOM   704  C  CZ  . PHE A 1 107 ? -8.020  -4.658  -15.634 1.00 92.19  ? 109 PHE A CZ  1 
ATOM   705  N  N   . GLY B 2 6   ? 0.511   -10.880 -8.324  1.00 53.93  ? 114 GLY B N   1 
ATOM   706  C  CA  . GLY B 2 6   ? 1.408   -10.611 -7.161  1.00 53.05  ? 114 GLY B CA  1 
ATOM   707  C  C   . GLY B 2 6   ? 0.643   -10.495 -5.841  1.00 55.68  ? 114 GLY B C   1 
ATOM   708  O  O   . GLY B 2 6   ? -0.531  -10.012 -5.842  1.00 55.74  ? 114 GLY B O   1 
ATOM   709  N  N   . GLY B 2 7   ? 1.267   -10.914 -4.737  1.00 54.74  ? 115 GLY B N   1 
ATOM   710  C  CA  . GLY B 2 7   ? 0.638   -10.900 -3.401  1.00 50.49  ? 115 GLY B CA  1 
ATOM   711  C  C   . GLY B 2 7   ? 0.525   -9.490  -2.848  1.00 46.01  ? 115 GLY B C   1 
ATOM   712  O  O   . GLY B 2 7   ? 1.404   -8.663  -3.118  1.00 41.19  ? 115 GLY B O   1 
ATOM   713  N  N   . TYR B 2 8   ? -0.533  -9.232  -2.089  1.00 49.48  ? 116 TYR B N   1 
ATOM   714  C  CA  . TYR B 2 8   ? -0.868  -7.911  -1.503  1.00 53.88  ? 116 TYR B CA  1 
ATOM   715  C  C   . TYR B 2 8   ? -1.522  -8.201  -0.156  1.00 54.58  ? 116 TYR B C   1 
ATOM   716  O  O   . TYR B 2 8   ? -2.494  -8.963  -0.121  1.00 60.00  ? 116 TYR B O   1 
ATOM   717  C  CB  . TYR B 2 8   ? -1.779  -7.120  -2.457  1.00 51.08  ? 116 TYR B CB  1 
ATOM   718  C  CG  . TYR B 2 8   ? -2.254  -5.772  -1.967  1.00 46.86  ? 116 TYR B CG  1 
ATOM   719  C  CD1 . TYR B 2 8   ? -3.222  -5.670  -0.987  1.00 47.13  ? 116 TYR B CD1 1 
ATOM   720  C  CD2 . TYR B 2 8   ? -1.729  -4.595  -2.480  1.00 45.51  ? 116 TYR B CD2 1 
ATOM   721  C  CE1 . TYR B 2 8   ? -3.658  -4.441  -0.529  1.00 45.04  ? 116 TYR B CE1 1 
ATOM   722  C  CE2 . TYR B 2 8   ? -2.170  -3.355  -2.053  1.00 44.00  ? 116 TYR B CE2 1 
ATOM   723  C  CZ  . TYR B 2 8   ? -3.136  -3.281  -1.070  1.00 46.58  ? 116 TYR B CZ  1 
ATOM   724  O  OH  . TYR B 2 8   ? -3.559  -2.074  -0.605  1.00 47.49  ? 116 TYR B OH  1 
ATOM   725  N  N   . ASN B 2 9   ? -0.976  -7.633  0.911   1.00 61.78  ? 117 ASN B N   1 
ATOM   726  C  CA  . ASN B 2 9   ? -1.296  -8.007  2.314   1.00 57.60  ? 117 ASN B CA  1 
ATOM   727  C  C   . ASN B 2 9   ? -1.195  -6.765  3.195   1.00 53.22  ? 117 ASN B C   1 
ATOM   728  O  O   . ASN B 2 9   ? -0.112  -6.137  3.203   1.00 53.13  ? 117 ASN B O   1 
ATOM   729  C  CB  . ASN B 2 9   ? -0.335  -9.053  2.884   1.00 51.28  ? 117 ASN B CB  1 
ATOM   730  C  CG  . ASN B 2 9   ? -0.176  -10.255 1.990   1.00 53.21  ? 117 ASN B CG  1 
ATOM   731  O  OD1 . ASN B 2 9   ? -1.115  -11.029 1.831   1.00 60.78  ? 117 ASN B OD1 1 
ATOM   732  N  ND2 . ASN B 2 9   ? 1.009   -10.416 1.421   1.00 56.44  ? 117 ASN B ND2 1 
ATOM   733  N  N   . VAL B 2 10  ? -2.272  -6.454  3.909   1.00 50.04  ? 118 VAL B N   1 
ATOM   734  C  CA  . VAL B 2 10  ? -2.306  -5.366  4.923   1.00 52.17  ? 118 VAL B CA  1 
ATOM   735  C  C   . VAL B 2 10  ? -1.790  -5.989  6.219   1.00 56.22  ? 118 VAL B C   1 
ATOM   736  O  O   . VAL B 2 10  ? -2.425  -6.969  6.696   1.00 51.61  ? 118 VAL B O   1 
ATOM   737  C  CB  . VAL B 2 10  ? -3.716  -4.769  5.088   1.00 53.06  ? 118 VAL B CB  1 
ATOM   738  C  CG1 . VAL B 2 10  ? -3.640  -3.399  5.736   1.00 49.87  ? 118 VAL B CG1 1 
ATOM   739  C  CG2 . VAL B 2 10  ? -4.466  -4.700  3.762   1.00 54.98  ? 118 VAL B CG2 1 
ATOM   740  N  N   . ILE B 2 11  ? -0.650  -5.504  6.721   1.00 56.76  ? 119 ILE B N   1 
ATOM   741  C  CA  . ILE B 2 11  ? 0.048   -6.141  7.880   1.00 61.29  ? 119 ILE B CA  1 
ATOM   742  C  C   . ILE B 2 11  ? 0.005   -5.217  9.108   1.00 58.51  ? 119 ILE B C   1 
ATOM   743  O  O   . ILE B 2 11  ? 0.430   -5.655  10.192  1.00 57.62  ? 119 ILE B O   1 
ATOM   744  C  CB  . ILE B 2 11  ? 1.471   -6.585  7.490   1.00 58.73  ? 119 ILE B CB  1 
ATOM   745  C  CG1 . ILE B 2 11  ? 2.394   -5.411  7.146   1.00 59.69  ? 119 ILE B CG1 1 
ATOM   746  C  CG2 . ILE B 2 11  ? 1.399   -7.612  6.367   1.00 59.53  ? 119 ILE B CG2 1 
ATOM   747  C  CD1 . ILE B 2 11  ? 3.864   -5.793  7.030   1.00 64.24  ? 119 ILE B CD1 1 
ATOM   748  N  N   . ALA B 2 12  ? -0.505  -3.997  8.938   1.00 53.27  ? 120 ALA B N   1 
ATOM   749  C  CA  . ALA B 2 12  ? -0.896  -3.081  10.031  1.00 55.88  ? 120 ALA B CA  1 
ATOM   750  C  C   . ALA B 2 12  ? -1.972  -2.118  9.509   1.00 56.81  ? 120 ALA B C   1 
ATOM   751  O  O   . ALA B 2 12  ? -1.952  -1.812  8.293   1.00 54.52  ? 120 ALA B O   1 
ATOM   752  C  CB  . ALA B 2 12  ? 0.304   -2.336  10.552  1.00 51.50  ? 120 ALA B CB  1 
ATOM   753  N  N   . LEU B 2 13  ? -2.843  -1.645  10.410  1.00 56.31  ? 121 LEU B N   1 
ATOM   754  C  CA  . LEU B 2 13  ? -3.969  -0.722  10.129  1.00 55.29  ? 121 LEU B CA  1 
ATOM   755  C  C   . LEU B 2 13  ? -4.528  -0.187  11.455  1.00 58.88  ? 121 LEU B C   1 
ATOM   756  O  O   . LEU B 2 13  ? -4.928  -1.011  12.282  1.00 56.18  ? 121 LEU B O   1 
ATOM   757  C  CB  . LEU B 2 13  ? -5.008  -1.551  9.372   1.00 62.25  ? 121 LEU B CB  1 
ATOM   758  C  CG  . LEU B 2 13  ? -6.231  -0.816  8.842   1.00 60.85  ? 121 LEU B CG  1 
ATOM   759  C  CD1 . LEU B 2 13  ? -5.849  0.103   7.694   1.00 58.75  ? 121 LEU B CD1 1 
ATOM   760  C  CD2 . LEU B 2 13  ? -7.282  -1.826  8.406   1.00 67.43  ? 121 LEU B CD2 1 
ATOM   761  N  N   . ASP B 2 14  ? -4.562  1.133   11.647  1.00 55.91  ? 122 ASP B N   1 
ATOM   762  C  CA  . ASP B 2 14  ? -5.211  1.783   12.813  1.00 62.25  ? 122 ASP B CA  1 
ATOM   763  C  C   . ASP B 2 14  ? -6.729  1.534   12.747  1.00 68.59  ? 122 ASP B C   1 
ATOM   764  O  O   . ASP B 2 14  ? -7.193  0.886   11.777  1.00 61.16  ? 122 ASP B O   1 
ATOM   765  C  CB  . ASP B 2 14  ? -4.790  3.255   12.945  1.00 59.52  ? 122 ASP B CB  1 
ATOM   766  C  CG  . ASP B 2 14  ? -5.293  4.194   11.859  1.00 69.78  ? 122 ASP B CG  1 
ATOM   767  O  OD1 . ASP B 2 14  ? -5.824  3.699   10.844  1.00 66.94  ? 122 ASP B OD1 1 
ATOM   768  O  OD2 . ASP B 2 14  ? -5.135  5.421   12.035  1.00 77.09  ? 122 ASP B OD2 1 
ATOM   769  N  N   . ARG B 2 15  ? -7.455  2.016   13.765  1.00 82.79  ? 123 ARG B N   1 
ATOM   770  C  CA  . ARG B 2 15  ? -8.868  1.657   14.099  1.00 89.21  ? 123 ARG B CA  1 
ATOM   771  C  C   . ARG B 2 15  ? -9.836  2.437   13.198  1.00 81.93  ? 123 ARG B C   1 
ATOM   772  O  O   . ARG B 2 15  ? -10.930 1.897   12.939  1.00 78.23  ? 123 ARG B O   1 
ATOM   773  C  CB  . ARG B 2 15  ? -9.119  1.876   15.602  1.00 97.74  ? 123 ARG B CB  1 
ATOM   774  C  CG  . ARG B 2 15  ? -10.545 2.234   16.007  1.00 107.48 ? 123 ARG B CG  1 
ATOM   775  C  CD  . ARG B 2 15  ? -10.756 2.092   17.511  1.00 113.27 ? 123 ARG B CD  1 
ATOM   776  N  NE  . ARG B 2 15  ? -11.176 0.732   17.844  1.00 119.20 ? 123 ARG B NE  1 
ATOM   777  C  CZ  . ARG B 2 15  ? -12.317 0.388   18.443  1.00 113.14 ? 123 ARG B CZ  1 
ATOM   778  N  NH1 . ARG B 2 15  ? -13.182 1.311   18.833  1.00 108.72 ? 123 ARG B NH1 1 
ATOM   779  N  NH2 . ARG B 2 15  ? -12.581 -0.890  18.666  1.00 107.91 ? 123 ARG B NH2 1 
ATOM   780  N  N   . GLU B 2 16  ? -9.449  3.630   12.721  1.00 80.15  ? 124 GLU B N   1 
ATOM   781  C  CA  . GLU B 2 16  ? -10.277 4.462   11.799  1.00 77.39  ? 124 GLU B CA  1 
ATOM   782  C  C   . GLU B 2 16  ? -9.722  4.378   10.366  1.00 69.36  ? 124 GLU B C   1 
ATOM   783  O  O   . GLU B 2 16  ? -9.931  5.347   9.625   1.00 68.28  ? 124 GLU B O   1 
ATOM   784  C  CB  . GLU B 2 16  ? -10.351 5.928   12.248  1.00 83.81  ? 124 GLU B CB  1 
ATOM   785  C  CG  . GLU B 2 16  ? -10.412 6.139   13.753  1.00 87.41  ? 124 GLU B CG  1 
ATOM   786  C  CD  . GLU B 2 16  ? -9.056  6.450   14.368  1.00 95.85  ? 124 GLU B CD  1 
ATOM   787  O  OE1 . GLU B 2 16  ? -8.377  5.496   14.813  1.00 95.72  ? 124 GLU B OE1 1 
ATOM   788  O  OE2 . GLU B 2 16  ? -8.672  7.641   14.374  1.00 88.96  ? 124 GLU B OE2 1 
ATOM   789  N  N   . TYR B 2 17  ? -9.060  3.271   9.992   1.00 57.36  ? 125 TYR B N   1 
ATOM   790  C  CA  . TYR B 2 17  ? -8.545  2.987   8.623   1.00 56.47  ? 125 TYR B CA  1 
ATOM   791  C  C   . TYR B 2 17  ? -7.967  4.268   8.005   1.00 50.31  ? 125 TYR B C   1 
ATOM   792  O  O   . TYR B 2 17  ? -8.385  4.626   6.902   1.00 51.15  ? 125 TYR B O   1 
ATOM   793  C  CB  . TYR B 2 17  ? -9.659  2.437   7.724   1.00 54.91  ? 125 TYR B CB  1 
ATOM   794  C  CG  . TYR B 2 17  ? -10.083 1.021   8.021   1.00 58.16  ? 125 TYR B CG  1 
ATOM   795  C  CD1 . TYR B 2 17  ? -10.475 0.628   9.292   1.00 56.19  ? 125 TYR B CD1 1 
ATOM   796  C  CD2 . TYR B 2 17  ? -10.110 0.068   7.015   1.00 59.09  ? 125 TYR B CD2 1 
ATOM   797  C  CE1 . TYR B 2 17  ? -10.879 -0.670  9.553   1.00 56.94  ? 125 TYR B CE1 1 
ATOM   798  C  CE2 . TYR B 2 17  ? -10.507 -1.236  7.259   1.00 56.83  ? 125 TYR B CE2 1 
ATOM   799  C  CZ  . TYR B 2 17  ? -10.887 -1.609  8.535   1.00 60.77  ? 125 TYR B CZ  1 
ATOM   800  O  OH  . TYR B 2 17  ? -11.284 -2.897  8.766   1.00 62.27  ? 125 TYR B OH  1 
ATOM   801  N  N   . ARG B 2 18  ? -7.079  4.966   8.714   1.00 47.94  ? 126 ARG B N   1 
ATOM   802  C  CA  . ARG B 2 18  ? -6.418  6.195   8.208   1.00 52.95  ? 126 ARG B CA  1 
ATOM   803  C  C   . ARG B 2 18  ? -4.932  5.962   7.861   1.00 53.52  ? 126 ARG B C   1 
ATOM   804  O  O   . ARG B 2 18  ? -4.355  6.827   7.155   1.00 50.70  ? 126 ARG B O   1 
ATOM   805  C  CB  . ARG B 2 18  ? -6.579  7.317   9.227   1.00 56.31  ? 126 ARG B CB  1 
ATOM   806  C  CG  . ARG B 2 18  ? -8.026  7.757   9.409   1.00 65.79  ? 126 ARG B CG  1 
ATOM   807  C  CD  . ARG B 2 18  ? -8.139  9.141   10.022  1.00 66.52  ? 126 ARG B CD  1 
ATOM   808  N  NE  . ARG B 2 18  ? -8.226  10.151  8.973   1.00 76.02  ? 126 ARG B NE  1 
ATOM   809  C  CZ  . ARG B 2 18  ? -7.340  11.110  8.744   1.00 70.44  ? 126 ARG B CZ  1 
ATOM   810  N  NH1 . ARG B 2 18  ? -6.256  11.222  9.486   1.00 75.59  ? 126 ARG B NH1 1 
ATOM   811  N  NH2 . ARG B 2 18  ? -7.539  11.963  7.761   1.00 72.28  ? 126 ARG B NH2 1 
ATOM   812  N  N   . HIS B 2 19  ? -4.316  4.864   8.318   1.00 48.67  ? 127 HIS B N   1 
ATOM   813  C  CA  . HIS B 2 19  ? -2.861  4.604   8.152   1.00 45.43  ? 127 HIS B CA  1 
ATOM   814  C  C   . HIS B 2 19  ? -2.652  3.111   7.984   1.00 44.90  ? 127 HIS B C   1 
ATOM   815  O  O   . HIS B 2 19  ? -3.205  2.364   8.768   1.00 48.19  ? 127 HIS B O   1 
ATOM   816  C  CB  . HIS B 2 19  ? -2.083  5.161   9.329   1.00 44.99  ? 127 HIS B CB  1 
ATOM   817  C  CG  . HIS B 2 19  ? -2.283  6.617   9.535   1.00 48.75  ? 127 HIS B CG  1 
ATOM   818  N  ND1 . HIS B 2 19  ? -3.295  7.109   10.325  1.00 55.89  ? 127 HIS B ND1 1 
ATOM   819  C  CD2 . HIS B 2 19  ? -1.582  7.691   9.098   1.00 56.73  ? 127 HIS B CD2 1 
ATOM   820  C  CE1 . HIS B 2 19  ? -3.227  8.429   10.352  1.00 56.93  ? 127 HIS B CE1 1 
ATOM   821  N  NE2 . HIS B 2 19  ? -2.185  8.813   9.605   1.00 57.84  ? 127 HIS B NE2 1 
ATOM   822  N  N   . ALA B 2 20  ? -1.954  2.699   6.935   1.00 47.64  ? 128 ALA B N   1 
ATOM   823  C  CA  . ALA B 2 20  ? -1.766  1.271   6.612   1.00 47.11  ? 128 ALA B CA  1 
ATOM   824  C  C   . ALA B 2 20  ? -0.301  0.986   6.250   1.00 52.73  ? 128 ALA B C   1 
ATOM   825  O  O   . ALA B 2 20  ? 0.331   1.843   5.558   1.00 50.77  ? 128 ALA B O   1 
ATOM   826  C  CB  . ALA B 2 20  ? -2.698  0.891   5.501   1.00 50.36  ? 128 ALA B CB  1 
ATOM   827  N  N   . LEU B 2 21  ? 0.205   -0.163  6.733   1.00 52.74  ? 129 LEU B N   1 
ATOM   828  C  CA  . LEU B 2 21  ? 1.433   -0.846  6.254   1.00 48.78  ? 129 LEU B CA  1 
ATOM   829  C  C   . LEU B 2 21  ? 1.032   -2.001  5.345   1.00 47.92  ? 129 LEU B C   1 
ATOM   830  O  O   . LEU B 2 21  ? 0.185   -2.810  5.772   1.00 44.72  ? 129 LEU B O   1 
ATOM   831  C  CB  . LEU B 2 21  ? 2.222   -1.383  7.445   1.00 50.78  ? 129 LEU B CB  1 
ATOM   832  C  CG  . LEU B 2 21  ? 3.670   -1.771  7.151   1.00 49.79  ? 129 LEU B CG  1 
ATOM   833  C  CD1 . LEU B 2 21  ? 4.446   -0.643  6.481   1.00 41.41  ? 129 LEU B CD1 1 
ATOM   834  C  CD2 . LEU B 2 21  ? 4.368   -2.190  8.438   1.00 54.66  ? 129 LEU B CD2 1 
ATOM   835  N  N   . VAL B 2 22  ? 1.610   -2.052  4.135   1.00 49.81  ? 130 VAL B N   1 
ATOM   836  C  CA  . VAL B 2 22  ? 1.247   -3.038  3.066   1.00 48.60  ? 130 VAL B CA  1 
ATOM   837  C  C   . VAL B 2 22  ? 2.539   -3.635  2.501   1.00 45.34  ? 130 VAL B C   1 
ATOM   838  O  O   . VAL B 2 22  ? 3.488   -2.865  2.182   1.00 41.60  ? 130 VAL B O   1 
ATOM   839  C  CB  . VAL B 2 22  ? 0.431   -2.391  1.926   1.00 49.08  ? 130 VAL B CB  1 
ATOM   840  C  CG1 . VAL B 2 22  ? -0.072  -3.436  0.950   1.00 53.89  ? 130 VAL B CG1 1 
ATOM   841  C  CG2 . VAL B 2 22  ? -0.715  -1.522  2.411   1.00 49.29  ? 130 VAL B CG2 1 
ATOM   842  N  N   . CYS B 2 23  ? 2.568   -4.953  2.357   1.00 47.03  ? 131 CYS B N   1 
ATOM   843  C  CA  . CYS B 2 23  ? 3.741   -5.679  1.820   1.00 52.49  ? 131 CYS B CA  1 
ATOM   844  C  C   . CYS B 2 23  ? 3.290   -6.583  0.667   1.00 50.33  ? 131 CYS B C   1 
ATOM   845  O  O   . CYS B 2 23  ? 2.110   -6.944  0.629   1.00 47.63  ? 131 CYS B O   1 
ATOM   846  C  CB  . CYS B 2 23  ? 4.437   -6.474  2.920   1.00 45.66  ? 131 CYS B CB  1 
ATOM   847  S  SG  . CYS B 2 23  ? 3.590   -8.014  3.335   1.00 52.37  ? 131 CYS B SG  1 
ATOM   848  N  N   . GLY B 2 24  ? 4.235   -6.980  -0.185  1.00 53.57  ? 132 GLY B N   1 
ATOM   849  C  CA  . GLY B 2 24  ? 3.990   -7.897  -1.306  1.00 56.22  ? 132 GLY B CA  1 
ATOM   850  C  C   . GLY B 2 24  ? 4.079   -9.351  -0.865  1.00 59.62  ? 132 GLY B C   1 
ATOM   851  O  O   . GLY B 2 24  ? 3.737   -9.691  0.265   1.00 53.73  ? 132 GLY B O   1 
ATOM   852  N  N   . PRO B 2 25  ? 4.559   -10.241 -1.757  1.00 57.79  ? 133 PRO B N   1 
ATOM   853  C  CA  . PRO B 2 25  ? 4.695   -11.660 -1.432  1.00 61.89  ? 133 PRO B CA  1 
ATOM   854  C  C   . PRO B 2 25  ? 6.005   -12.012 -0.700  1.00 61.55  ? 133 PRO B C   1 
ATOM   855  O  O   . PRO B 2 25  ? 6.172   -13.159 -0.354  1.00 60.35  ? 133 PRO B O   1 
ATOM   856  C  CB  . PRO B 2 25  ? 4.649   -12.273 -2.838  1.00 61.59  ? 133 PRO B CB  1 
ATOM   857  C  CG  . PRO B 2 25  ? 5.411   -11.269 -3.684  1.00 62.53  ? 133 PRO B CG  1 
ATOM   858  C  CD  . PRO B 2 25  ? 5.023   -9.915  -3.118  1.00 60.87  ? 133 PRO B CD  1 
ATOM   859  N  N   . ASP B 2 26  ? 6.882   -11.023 -0.470  1.00 61.84  ? 134 ASP B N   1 
ATOM   860  C  CA  . ASP B 2 26  ? 8.228   -11.191 0.139   1.00 56.96  ? 134 ASP B CA  1 
ATOM   861  C  C   . ASP B 2 26  ? 8.739   -9.842  0.668   1.00 56.70  ? 134 ASP B C   1 
ATOM   862  O  O   . ASP B 2 26  ? 8.103   -8.812  0.451   1.00 60.06  ? 134 ASP B O   1 
ATOM   863  C  CB  . ASP B 2 26  ? 9.190   -11.829 -0.868  1.00 62.01  ? 134 ASP B CB  1 
ATOM   864  C  CG  . ASP B 2 26  ? 9.677   -10.937 -2.004  1.00 59.41  ? 134 ASP B CG  1 
ATOM   865  O  OD1 . ASP B 2 26  ? 9.906   -9.740  -1.771  1.00 63.23  ? 134 ASP B OD1 1 
ATOM   866  O  OD2 . ASP B 2 26  ? 9.863   -11.468 -3.110  1.00 64.71  ? 134 ASP B OD2 1 
ATOM   867  N  N   . ARG B 2 27  ? 9.894   -9.831  1.316   1.00 59.67  ? 135 ARG B N   1 
ATOM   868  C  CA  . ARG B 2 27  ? 10.320  -8.670  2.133   1.00 63.46  ? 135 ARG B CA  1 
ATOM   869  C  C   . ARG B 2 27  ? 11.055  -7.651  1.256   1.00 60.58  ? 135 ARG B C   1 
ATOM   870  O  O   . ARG B 2 27  ? 11.644  -6.697  1.829   1.00 60.69  ? 135 ARG B O   1 
ATOM   871  C  CB  . ARG B 2 27  ? 11.116  -9.157  3.354   1.00 66.04  ? 135 ARG B CB  1 
ATOM   872  C  CG  . ARG B 2 27  ? 10.235  -9.764  4.442   1.00 68.84  ? 135 ARG B CG  1 
ATOM   873  C  CD  . ARG B 2 27  ? 10.941  -9.914  5.779   1.00 67.72  ? 135 ARG B CD  1 
ATOM   874  N  NE  . ARG B 2 27  ? 10.150  -10.496 6.862   1.00 60.55  ? 135 ARG B NE  1 
ATOM   875  C  CZ  . ARG B 2 27  ? 9.755   -11.771 6.942   1.00 63.31  ? 135 ARG B CZ  1 
ATOM   876  N  NH1 . ARG B 2 27  ? 10.027  -12.625 5.971   1.00 62.20  ? 135 ARG B NH1 1 
ATOM   877  N  NH2 . ARG B 2 27  ? 9.056   -12.190 7.985   1.00 62.22  ? 135 ARG B NH2 1 
ATOM   878  N  N   . ASP B 2 28  ? 10.998  -7.805  -0.072  1.00 60.74  ? 136 ASP B N   1 
ATOM   879  C  CA  . ASP B 2 28  ? 11.491  -6.761  -1.021  1.00 58.25  ? 136 ASP B CA  1 
ATOM   880  C  C   . ASP B 2 28  ? 10.360  -5.766  -1.347  1.00 49.15  ? 136 ASP B C   1 
ATOM   881  O  O   . ASP B 2 28  ? 10.673  -4.697  -1.887  1.00 47.86  ? 136 ASP B O   1 
ATOM   882  C  CB  . ASP B 2 28  ? 12.076  -7.386  -2.291  1.00 61.39  ? 136 ASP B CB  1 
ATOM   883  C  CG  . ASP B 2 28  ? 13.113  -8.459  -2.017  1.00 64.51  ? 136 ASP B CG  1 
ATOM   884  O  OD1 . ASP B 2 28  ? 13.987  -8.224  -1.152  1.00 71.33  ? 136 ASP B OD1 1 
ATOM   885  O  OD2 . ASP B 2 28  ? 13.019  -9.533  -2.646  1.00 65.62  ? 136 ASP B OD2 1 
ATOM   886  N  N   . TYR B 2 29  ? 9.100   -6.069  -1.008  1.00 47.47  ? 137 TYR B N   1 
ATOM   887  C  CA  . TYR B 2 29  ? 7.927   -5.203  -1.334  1.00 50.69  ? 137 TYR B CA  1 
ATOM   888  C  C   . TYR B 2 29  ? 7.242   -4.717  -0.053  1.00 47.13  ? 137 TYR B C   1 
ATOM   889  O  O   . TYR B 2 29  ? 6.681   -5.548  0.675   1.00 47.31  ? 137 TYR B O   1 
ATOM   890  C  CB  . TYR B 2 29  ? 6.955   -5.969  -2.231  1.00 52.10  ? 137 TYR B CB  1 
ATOM   891  C  CG  . TYR B 2 29  ? 7.562   -6.330  -3.561  1.00 53.06  ? 137 TYR B CG  1 
ATOM   892  C  CD1 . TYR B 2 29  ? 7.556   -5.422  -4.611  1.00 62.64  ? 137 TYR B CD1 1 
ATOM   893  C  CD2 . TYR B 2 29  ? 8.165   -7.556  -3.763  1.00 54.71  ? 137 TYR B CD2 1 
ATOM   894  C  CE1 . TYR B 2 29  ? 8.126   -5.727  -5.836  1.00 62.15  ? 137 TYR B CE1 1 
ATOM   895  C  CE2 . TYR B 2 29  ? 8.743   -7.877  -4.984  1.00 60.11  ? 137 TYR B CE2 1 
ATOM   896  C  CZ  . TYR B 2 29  ? 8.724   -6.961  -6.021  1.00 58.18  ? 137 TYR B CZ  1 
ATOM   897  O  OH  . TYR B 2 29  ? 9.308   -7.244  -7.218  1.00 55.00  ? 137 TYR B OH  1 
ATOM   898  N  N   . LEU B 2 30  ? 7.256   -3.406  0.200   1.00 43.23  ? 138 LEU B N   1 
ATOM   899  C  CA  . LEU B 2 30  ? 6.587   -2.812  1.387   1.00 44.49  ? 138 LEU B CA  1 
ATOM   900  C  C   . LEU B 2 30  ? 6.217   -1.349  1.130   1.00 40.64  ? 138 LEU B C   1 
ATOM   901  O  O   . LEU B 2 30  ? 7.064   -0.611  0.595   1.00 39.32  ? 138 LEU B O   1 
ATOM   902  C  CB  . LEU B 2 30  ? 7.532   -2.908  2.589   1.00 51.13  ? 138 LEU B CB  1 
ATOM   903  C  CG  . LEU B 2 30  ? 6.920   -2.487  3.927   1.00 53.64  ? 138 LEU B CG  1 
ATOM   904  C  CD1 . LEU B 2 30  ? 5.952   -3.553  4.419   1.00 50.06  ? 138 LEU B CD1 1 
ATOM   905  C  CD2 . LEU B 2 30  ? 8.004   -2.213  4.973   1.00 56.39  ? 138 LEU B CD2 1 
ATOM   906  N  N   . TRP B 2 31  ? 5.035   -0.928  1.585   1.00 38.31  ? 139 TRP B N   1 
ATOM   907  C  CA  . TRP B 2 31  ? 4.550   0.471   1.430   1.00 44.23  ? 139 TRP B CA  1 
ATOM   908  C  C   . TRP B 2 31  ? 3.935   0.965   2.755   1.00 41.11  ? 139 TRP B C   1 
ATOM   909  O  O   . TRP B 2 31  ? 3.258   0.132   3.434   1.00 41.88  ? 139 TRP B O   1 
ATOM   910  C  CB  . TRP B 2 31  ? 3.514   0.544   0.288   1.00 41.53  ? 139 TRP B CB  1 
ATOM   911  C  CG  . TRP B 2 31  ? 3.975   0.100   -1.066  1.00 40.44  ? 139 TRP B CG  1 
ATOM   912  C  CD1 . TRP B 2 31  ? 4.448   0.883   -2.087  1.00 40.80  ? 139 TRP B CD1 1 
ATOM   913  C  CD2 . TRP B 2 31  ? 3.933   -1.243  -1.580  1.00 41.59  ? 139 TRP B CD2 1 
ATOM   914  N  NE1 . TRP B 2 31  ? 4.744   0.114   -3.185  1.00 40.88  ? 139 TRP B NE1 1 
ATOM   915  C  CE2 . TRP B 2 31  ? 4.432   -1.192  -2.908  1.00 42.54  ? 139 TRP B CE2 1 
ATOM   916  C  CE3 . TRP B 2 31  ? 3.563   -2.482  -1.038  1.00 40.64  ? 139 TRP B CE3 1 
ATOM   917  C  CZ2 . TRP B 2 31  ? 4.559   -2.336  -3.695  1.00 40.76  ? 139 TRP B CZ2 1 
ATOM   918  C  CZ3 . TRP B 2 31  ? 3.655   -3.606  -1.833  1.00 43.60  ? 139 TRP B CZ3 1 
ATOM   919  C  CH2 . TRP B 2 31  ? 4.134   -3.529  -3.149  1.00 41.18  ? 139 TRP B CH2 1 
ATOM   920  N  N   . ILE B 2 32  ? 4.158   2.246   3.082   1.00 39.79  ? 140 ILE B N   1 
ATOM   921  C  CA  . ILE B 2 32  ? 3.442   3.063   4.114   1.00 41.66  ? 140 ILE B CA  1 
ATOM   922  C  C   . ILE B 2 32  ? 2.456   3.991   3.394   1.00 40.80  ? 140 ILE B C   1 
ATOM   923  O  O   . ILE B 2 32  ? 2.909   4.812   2.596   1.00 44.13  ? 140 ILE B O   1 
ATOM   924  C  CB  . ILE B 2 32  ? 4.419   3.869   4.994   1.00 42.85  ? 140 ILE B CB  1 
ATOM   925  C  CG1 . ILE B 2 32  ? 5.335   2.966   5.830   1.00 44.42  ? 140 ILE B CG1 1 
ATOM   926  C  CG2 . ILE B 2 32  ? 3.661   4.824   5.901   1.00 45.08  ? 140 ILE B CG2 1 
ATOM   927  C  CD1 . ILE B 2 32  ? 6.437   3.725   6.549   1.00 43.86  ? 140 ILE B CD1 1 
ATOM   928  N  N   . ASN B 2 33  ? 1.162   3.856   3.687   1.00 46.12  ? 141 ASN B N   1 
ATOM   929  C  CA  . ASN B 2 33  ? 0.052   4.629   3.057   1.00 48.29  ? 141 ASN B CA  1 
ATOM   930  C  C   . ASN B 2 33  ? -0.732  5.400   4.128   1.00 44.25  ? 141 ASN B C   1 
ATOM   931  O  O   . ASN B 2 33  ? -0.853  4.908   5.266   1.00 51.06  ? 141 ASN B O   1 
ATOM   932  C  CB  . ASN B 2 33  ? -0.846  3.703   2.236   1.00 47.97  ? 141 ASN B CB  1 
ATOM   933  C  CG  . ASN B 2 33  ? -0.051  2.839   1.271   1.00 46.47  ? 141 ASN B CG  1 
ATOM   934  O  OD1 . ASN B 2 33  ? -0.131  1.623   1.329   1.00 47.41  ? 141 ASN B OD1 1 
ATOM   935  N  ND2 . ASN B 2 33  ? 0.758   3.446   0.417   1.00 41.39  ? 141 ASN B ND2 1 
ATOM   936  N  N   . SER B 2 34  ? -1.259  6.565   3.768   1.00 44.17  ? 142 SER B N   1 
ATOM   937  C  CA  . SER B 2 34  ? -2.059  7.460   4.647   1.00 46.04  ? 142 SER B CA  1 
ATOM   938  C  C   . SER B 2 34  ? -3.214  8.073   3.836   1.00 50.94  ? 142 SER B C   1 
ATOM   939  O  O   . SER B 2 34  ? -3.110  8.140   2.601   1.00 42.76  ? 142 SER B O   1 
ATOM   940  C  CB  . SER B 2 34  ? -1.170  8.506   5.266   1.00 47.50  ? 142 SER B CB  1 
ATOM   941  O  OG  . SER B 2 34  ? -1.915  9.538   5.899   1.00 53.27  ? 142 SER B OG  1 
ATOM   942  N  N   . ARG B 2 35  ? -4.298  8.471   4.511   1.00 48.22  ? 143 ARG B N   1 
ATOM   943  C  CA  . ARG B 2 35  ? -5.439  9.205   3.905   1.00 45.88  ? 143 ARG B CA  1 
ATOM   944  C  C   . ARG B 2 35  ? -5.015  10.659  3.722   1.00 42.09  ? 143 ARG B C   1 
ATOM   945  O  O   . ARG B 2 35  ? -5.690  11.353  2.987   1.00 43.11  ? 143 ARG B O   1 
ATOM   946  C  CB  . ARG B 2 35  ? -6.692  9.097   4.775   1.00 47.87  ? 143 ARG B CB  1 
ATOM   947  C  CG  . ARG B 2 35  ? -7.212  7.675   4.949   1.00 44.04  ? 143 ARG B CG  1 
ATOM   948  C  CD  . ARG B 2 35  ? -8.109  7.248   3.822   1.00 39.81  ? 143 ARG B CD  1 
ATOM   949  N  NE  . ARG B 2 35  ? -8.847  6.028   4.102   1.00 37.23  ? 143 ARG B NE  1 
ATOM   950  C  CZ  . ARG B 2 35  ? -9.643  5.423   3.221   1.00 43.90  ? 143 ARG B CZ  1 
ATOM   951  N  NH1 . ARG B 2 35  ? -9.813  5.936   2.011   1.00 44.68  ? 143 ARG B NH1 1 
ATOM   952  N  NH2 . ARG B 2 35  ? -10.248 4.285   3.518   1.00 46.65  ? 143 ARG B NH2 1 
ATOM   953  N  N   . THR B 2 36  ? -3.896  11.062  4.328   1.00 44.35  ? 144 THR B N   1 
ATOM   954  C  CA  . THR B 2 36  ? -3.291  12.417  4.224   1.00 45.89  ? 144 THR B CA  1 
ATOM   955  C  C   . THR B 2 36  ? -1.937  12.316  3.524   1.00 45.24  ? 144 THR B C   1 
ATOM   956  O  O   . THR B 2 36  ? -1.259  11.301  3.656   1.00 44.58  ? 144 THR B O   1 
ATOM   957  C  CB  . THR B 2 36  ? -3.088  13.044  5.615   1.00 48.61  ? 144 THR B CB  1 
ATOM   958  O  OG1 . THR B 2 36  ? -2.165  12.248  6.366   1.00 45.24  ? 144 THR B OG1 1 
ATOM   959  C  CG2 . THR B 2 36  ? -4.378  13.177  6.393   1.00 50.50  ? 144 THR B CG2 1 
ATOM   960  N  N   . PRO B 2 37  ? -1.491  13.379  2.810   1.00 50.91  ? 145 PRO B N   1 
ATOM   961  C  CA  . PRO B 2 37  ? -0.223  13.371  2.073   1.00 53.63  ? 145 PRO B CA  1 
ATOM   962  C  C   . PRO B 2 37  ? 1.024   13.278  2.963   1.00 60.46  ? 145 PRO B C   1 
ATOM   963  O  O   . PRO B 2 37  ? 2.045   12.809  2.498   1.00 61.25  ? 145 PRO B O   1 
ATOM   964  C  CB  . PRO B 2 37  ? -0.216  14.729  1.342   1.00 53.14  ? 145 PRO B CB  1 
ATOM   965  C  CG  . PRO B 2 37  ? -1.110  15.614  2.196   1.00 51.93  ? 145 PRO B CG  1 
ATOM   966  C  CD  . PRO B 2 37  ? -2.194  14.671  2.687   1.00 53.66  ? 145 PRO B CD  1 
ATOM   967  N  N   . THR B 2 38  ? 0.908   13.713  4.218   1.00 59.07  ? 146 THR B N   1 
ATOM   968  C  CA  . THR B 2 38  ? 1.986   13.679  5.238   1.00 54.75  ? 146 THR B CA  1 
ATOM   969  C  C   . THR B 2 38  ? 1.511   12.887  6.452   1.00 58.08  ? 146 THR B C   1 
ATOM   970  O  O   . THR B 2 38  ? 0.291   12.906  6.720   1.00 58.68  ? 146 THR B O   1 
ATOM   971  C  CB  . THR B 2 38  ? 2.324   15.107  5.642   1.00 53.02  ? 146 THR B CB  1 
ATOM   972  O  OG1 . THR B 2 38  ? 1.074   15.603  6.124   1.00 63.75  ? 146 THR B OG1 1 
ATOM   973  C  CG2 . THR B 2 38  ? 2.825   15.938  4.487   1.00 53.96  ? 146 THR B CG2 1 
ATOM   974  N  N   . ILE B 2 39  ? 2.432   12.225  7.157   1.00 62.93  ? 147 ILE B N   1 
ATOM   975  C  CA  . ILE B 2 39  ? 2.163   11.645  8.503   1.00 55.76  ? 147 ILE B CA  1 
ATOM   976  C  C   . ILE B 2 39  ? 3.089   12.331  9.508   1.00 64.28  ? 147 ILE B C   1 
ATOM   977  O  O   . ILE B 2 39  ? 4.024   13.018  9.058   1.00 60.31  ? 147 ILE B O   1 
ATOM   978  C  CB  . ILE B 2 39  ? 2.310   10.114  8.535   1.00 56.41  ? 147 ILE B CB  1 
ATOM   979  C  CG1 . ILE B 2 39  ? 3.744   9.669   8.234   1.00 55.54  ? 147 ILE B CG1 1 
ATOM   980  C  CG2 . ILE B 2 39  ? 1.284   9.454   7.621   1.00 55.76  ? 147 ILE B CG2 1 
ATOM   981  C  CD1 . ILE B 2 39  ? 3.988   8.211   8.511   1.00 54.59  ? 147 ILE B CD1 1 
ATOM   982  N  N   . SER B 2 40  ? 2.774   12.186  10.806  1.00 62.80  ? 148 SER B N   1 
ATOM   983  C  CA  . SER B 2 40  ? 3.551   12.675  11.978  1.00 60.89  ? 148 SER B CA  1 
ATOM   984  C  C   . SER B 2 40  ? 4.722   11.725  12.245  1.00 59.78  ? 148 SER B C   1 
ATOM   985  O  O   . SER B 2 40  ? 4.576   10.497  11.946  1.00 53.41  ? 148 SER B O   1 
ATOM   986  C  CB  . SER B 2 40  ? 2.666   12.780  13.215  1.00 58.52  ? 148 SER B CB  1 
ATOM   987  O  OG  . SER B 2 40  ? 2.125   11.503  13.576  1.00 49.65  ? 148 SER B OG  1 
ATOM   988  N  N   . ASP B 2 41  ? 5.798   12.247  12.848  1.00 59.97  ? 149 ASP B N   1 
ATOM   989  C  CA  . ASP B 2 41  ? 6.950   11.427  13.311  1.00 64.05  ? 149 ASP B CA  1 
ATOM   990  C  C   . ASP B 2 41  ? 6.383   10.284  14.160  1.00 63.22  ? 149 ASP B C   1 
ATOM   991  O  O   . ASP B 2 41  ? 6.745   9.115   13.908  1.00 64.46  ? 149 ASP B O   1 
ATOM   992  C  CB  . ASP B 2 41  ? 8.010   12.233  14.070  1.00 69.29  ? 149 ASP B CB  1 
ATOM   993  C  CG  . ASP B 2 41  ? 8.441   13.520  13.382  1.00 80.55  ? 149 ASP B CG  1 
ATOM   994  O  OD1 . ASP B 2 41  ? 8.330   13.597  12.145  1.00 85.35  ? 149 ASP B OD1 1 
ATOM   995  O  OD2 . ASP B 2 41  ? 8.868   14.447  14.093  1.00 100.15 ? 149 ASP B OD2 1 
ATOM   996  N  N   . GLU B 2 42  ? 5.460   10.594  15.073  1.00 61.06  ? 150 GLU B N   1 
ATOM   997  C  CA  . GLU B 2 42  ? 4.904   9.600   16.025  1.00 58.59  ? 150 GLU B CA  1 
ATOM   998  C  C   . GLU B 2 42  ? 4.417   8.419   15.187  1.00 60.76  ? 150 GLU B C   1 
ATOM   999  O  O   . GLU B 2 42  ? 4.816   7.273   15.486  1.00 53.88  ? 150 GLU B O   1 
ATOM   1000 C  CB  . GLU B 2 42  ? 3.762   10.209  16.835  1.00 66.78  ? 150 GLU B CB  1 
ATOM   1001 C  CG  . GLU B 2 42  ? 4.019   11.637  17.301  1.00 73.92  ? 150 GLU B CG  1 
ATOM   1002 C  CD  . GLU B 2 42  ? 2.774   12.468  17.574  1.00 79.15  ? 150 GLU B CD  1 
ATOM   1003 O  OE1 . GLU B 2 42  ? 1.670   12.108  17.067  1.00 79.66  ? 150 GLU B OE1 1 
ATOM   1004 O  OE2 . GLU B 2 42  ? 2.905   13.475  18.297  1.00 72.84  ? 150 GLU B OE2 1 
ATOM   1005 N  N   . VAL B 2 43  ? 3.626   8.725   14.137  1.00 63.19  ? 151 VAL B N   1 
ATOM   1006 C  CA  . VAL B 2 43  ? 2.950   7.735   13.241  1.00 57.56  ? 151 VAL B CA  1 
ATOM   1007 C  C   . VAL B 2 43  ? 4.033   7.002   12.444  1.00 50.66  ? 151 VAL B C   1 
ATOM   1008 O  O   . VAL B 2 43  ? 3.942   5.767   12.342  1.00 47.29  ? 151 VAL B O   1 
ATOM   1009 C  CB  . VAL B 2 43  ? 1.900   8.395   12.313  1.00 61.07  ? 151 VAL B CB  1 
ATOM   1010 C  CG1 . VAL B 2 43  ? 1.417   7.450   11.218  1.00 49.62  ? 151 VAL B CG1 1 
ATOM   1011 C  CG2 . VAL B 2 43  ? 0.703   8.947   13.090  1.00 58.85  ? 151 VAL B CG2 1 
ATOM   1012 N  N   . LYS B 2 44  ? 5.030   7.735   11.948  1.00 49.77  ? 152 LYS B N   1 
ATOM   1013 C  CA  . LYS B 2 44  ? 6.188   7.163   11.211  1.00 55.69  ? 152 LYS B CA  1 
ATOM   1014 C  C   . LYS B 2 44  ? 6.853   6.096   12.086  1.00 56.22  ? 152 LYS B C   1 
ATOM   1015 O  O   . LYS B 2 44  ? 6.801   4.863   11.707  1.00 52.88  ? 152 LYS B O   1 
ATOM   1016 C  CB  . LYS B 2 44  ? 7.142   8.287   10.814  1.00 61.15  ? 152 LYS B CB  1 
ATOM   1017 C  CG  . LYS B 2 44  ? 8.292   7.867   9.914   1.00 66.91  ? 152 LYS B CG  1 
ATOM   1018 C  CD  . LYS B 2 44  ? 9.102   9.049   9.442   1.00 71.85  ? 152 LYS B CD  1 
ATOM   1019 C  CE  . LYS B 2 44  ? 10.538  8.699   9.110   1.00 87.26  ? 152 LYS B CE  1 
ATOM   1020 N  NZ  . LYS B 2 44  ? 11.239  9.833   8.455   1.00 90.16  ? 152 LYS B NZ  1 
ATOM   1021 N  N   . GLN B 2 45  ? 7.329   6.512   13.264  1.00 55.19  ? 153 GLN B N   1 
ATOM   1022 C  CA  . GLN B 2 45  ? 8.115   5.647   14.177  1.00 53.68  ? 153 GLN B CA  1 
ATOM   1023 C  C   . GLN B 2 45  ? 7.306   4.375   14.447  1.00 51.80  ? 153 GLN B C   1 
ATOM   1024 O  O   . GLN B 2 45  ? 7.891   3.278   14.354  1.00 61.31  ? 153 GLN B O   1 
ATOM   1025 C  CB  . GLN B 2 45  ? 8.546   6.375   15.458  1.00 67.95  ? 153 GLN B CB  1 
ATOM   1026 C  CG  . GLN B 2 45  ? 9.126   7.793   15.294  1.00 76.47  ? 153 GLN B CG  1 
ATOM   1027 C  CD  . GLN B 2 45  ? 10.163  8.034   14.209  1.00 94.17  ? 153 GLN B CD  1 
ATOM   1028 O  OE1 . GLN B 2 45  ? 10.304  9.148   13.693  1.00 97.45  ? 153 GLN B OE1 1 
ATOM   1029 N  NE2 . GLN B 2 45  ? 10.937  7.015   13.873  1.00 93.52  ? 153 GLN B NE2 1 
ATOM   1030 N  N   . GLU B 2 46  ? 6.005   4.468   14.717  1.00 56.45  ? 154 GLU B N   1 
ATOM   1031 C  CA  . GLU B 2 46  ? 5.178   3.255   15.003  1.00 59.35  ? 154 GLU B CA  1 
ATOM   1032 C  C   . GLU B 2 46  ? 5.167   2.329   13.784  1.00 56.12  ? 154 GLU B C   1 
ATOM   1033 O  O   . GLU B 2 46  ? 5.090   1.086   13.972  1.00 54.05  ? 154 GLU B O   1 
ATOM   1034 C  CB  . GLU B 2 46  ? 3.717   3.593   15.326  1.00 62.21  ? 154 GLU B CB  1 
ATOM   1035 C  CG  . GLU B 2 46  ? 3.527   4.331   16.629  1.00 72.18  ? 154 GLU B CG  1 
ATOM   1036 C  CD  . GLU B 2 46  ? 2.193   5.048   16.765  1.00 80.04  ? 154 GLU B CD  1 
ATOM   1037 O  OE1 . GLU B 2 46  ? 2.209   6.274   17.104  1.00 64.50  ? 154 GLU B OE1 1 
ATOM   1038 O  OE2 . GLU B 2 46  ? 1.142   4.378   16.540  1.00 72.70  ? 154 GLU B OE2 1 
ATOM   1039 N  N   . MET B 2 47  ? 5.124   2.919   12.581  1.00 59.14  ? 155 MET B N   1 
ATOM   1040 C  CA  . MET B 2 47  ? 5.104   2.163   11.301  1.00 58.89  ? 155 MET B CA  1 
ATOM   1041 C  C   . MET B 2 47  ? 6.452   1.446   11.139  1.00 50.86  ? 155 MET B C   1 
ATOM   1042 O  O   . MET B 2 47  ? 6.442   0.191   11.133  1.00 50.46  ? 155 MET B O   1 
ATOM   1043 C  CB  . MET B 2 47  ? 4.820   3.096   10.119  1.00 64.88  ? 155 MET B CB  1 
ATOM   1044 C  CG  . MET B 2 47  ? 3.363   3.546   10.048  1.00 63.32  ? 155 MET B CG  1 
ATOM   1045 S  SD  . MET B 2 47  ? 2.242   2.173   9.689   1.00 77.56  ? 155 MET B SD  1 
ATOM   1046 C  CE  . MET B 2 47  ? 0.824   3.111   9.132   1.00 81.09  ? 155 MET B CE  1 
ATOM   1047 N  N   . LEU B 2 48  ? 7.561   2.192   11.090  1.00 47.57  ? 156 LEU B N   1 
ATOM   1048 C  CA  . LEU B 2 48  ? 8.945   1.613   11.121  1.00 54.15  ? 156 LEU B CA  1 
ATOM   1049 C  C   . LEU B 2 48  ? 9.039   0.512   12.170  1.00 62.58  ? 156 LEU B C   1 
ATOM   1050 O  O   . LEU B 2 48  ? 9.557   -0.577  11.830  1.00 74.01  ? 156 LEU B O   1 
ATOM   1051 C  CB  . LEU B 2 48  ? 9.973   2.698   11.415  1.00 50.94  ? 156 LEU B CB  1 
ATOM   1052 C  CG  . LEU B 2 48  ? 10.072  3.740   10.317  1.00 51.39  ? 156 LEU B CG  1 
ATOM   1053 C  CD1 . LEU B 2 48  ? 11.107  4.793   10.642  1.00 54.25  ? 156 LEU B CD1 1 
ATOM   1054 C  CD2 . LEU B 2 48  ? 10.379  3.058   8.996   1.00 58.80  ? 156 LEU B CD2 1 
ATOM   1055 N  N   . ALA B 2 49  ? 8.503   0.753   13.371  1.00 61.11  ? 157 ALA B N   1 
ATOM   1056 C  CA  . ALA B 2 49  ? 8.583   -0.198  14.503  1.00 58.04  ? 157 ALA B CA  1 
ATOM   1057 C  C   . ALA B 2 49  ? 7.816   -1.477  14.168  1.00 53.62  ? 157 ALA B C   1 
ATOM   1058 O  O   . ALA B 2 49  ? 8.301   -2.549  14.524  1.00 56.47  ? 157 ALA B O   1 
ATOM   1059 C  CB  . ALA B 2 49  ? 8.102   0.443   15.785  1.00 60.99  ? 157 ALA B CB  1 
ATOM   1060 N  N   . VAL B 2 50  ? 6.678   -1.406  13.483  1.00 57.71  ? 158 VAL B N   1 
ATOM   1061 C  CA  . VAL B 2 50  ? 5.988   -2.655  13.028  1.00 61.04  ? 158 VAL B CA  1 
ATOM   1062 C  C   . VAL B 2 50  ? 6.831   -3.331  11.927  1.00 54.55  ? 158 VAL B C   1 
ATOM   1063 O  O   . VAL B 2 50  ? 6.947   -4.589  11.953  1.00 54.17  ? 158 VAL B O   1 
ATOM   1064 C  CB  . VAL B 2 50  ? 4.528   -2.404  12.588  1.00 67.46  ? 158 VAL B CB  1 
ATOM   1065 C  CG1 . VAL B 2 50  ? 3.840   -3.695  12.152  1.00 63.67  ? 158 VAL B CG1 1 
ATOM   1066 C  CG2 . VAL B 2 50  ? 3.708   -1.731  13.689  1.00 64.70  ? 158 VAL B CG2 1 
ATOM   1067 N  N   . ALA B 2 51  ? 7.427   -2.554  11.013  1.00 53.02  ? 159 ALA B N   1 
ATOM   1068 C  CA  . ALA B 2 51  ? 8.186   -3.084  9.845   1.00 57.27  ? 159 ALA B CA  1 
ATOM   1069 C  C   . ALA B 2 51  ? 9.367   -3.921  10.350  1.00 58.72  ? 159 ALA B C   1 
ATOM   1070 O  O   . ALA B 2 51  ? 9.476   -5.105  9.987   1.00 52.81  ? 159 ALA B O   1 
ATOM   1071 C  CB  . ALA B 2 51  ? 8.667   -1.956  8.977   1.00 56.99  ? 159 ALA B CB  1 
ATOM   1072 N  N   . THR B 2 52  ? 10.180  -3.314  11.216  1.00 64.27  ? 160 THR B N   1 
ATOM   1073 C  CA  . THR B 2 52  ? 11.372  -3.910  11.882  1.00 59.37  ? 160 THR B CA  1 
ATOM   1074 C  C   . THR B 2 52  ? 10.960  -5.175  12.633  1.00 57.53  ? 160 THR B C   1 
ATOM   1075 O  O   . THR B 2 52  ? 11.551  -6.226  12.351  1.00 56.03  ? 160 THR B O   1 
ATOM   1076 C  CB  . THR B 2 52  ? 12.032  -2.851  12.768  1.00 65.24  ? 160 THR B CB  1 
ATOM   1077 O  OG1 . THR B 2 52  ? 12.712  -1.935  11.907  1.00 56.60  ? 160 THR B OG1 1 
ATOM   1078 C  CG2 . THR B 2 52  ? 12.999  -3.420  13.775  1.00 71.03  ? 160 THR B CG2 1 
ATOM   1079 N  N   . ARG B 2 53  ? 9.943   -5.100  13.495  1.00 55.70  ? 161 ARG B N   1 
ATOM   1080 C  CA  . ARG B 2 53  ? 9.428   -6.261  14.278  1.00 58.17  ? 161 ARG B CA  1 
ATOM   1081 C  C   . ARG B 2 53  ? 9.117   -7.474  13.388  1.00 60.34  ? 161 ARG B C   1 
ATOM   1082 O  O   . ARG B 2 53  ? 9.161   -8.636  13.920  1.00 60.41  ? 161 ARG B O   1 
ATOM   1083 C  CB  . ARG B 2 53  ? 8.158   -5.865  15.041  1.00 68.99  ? 161 ARG B CB  1 
ATOM   1084 C  CG  . ARG B 2 53  ? 7.561   -6.963  15.913  1.00 74.85  ? 161 ARG B CG  1 
ATOM   1085 C  CD  . ARG B 2 53  ? 6.260   -6.506  16.560  1.00 89.36  ? 161 ARG B CD  1 
ATOM   1086 N  NE  . ARG B 2 53  ? 5.075   -7.115  15.944  1.00 96.76  ? 161 ARG B NE  1 
ATOM   1087 C  CZ  . ARG B 2 53  ? 3.907   -6.502  15.709  1.00 90.86  ? 161 ARG B CZ  1 
ATOM   1088 N  NH1 . ARG B 2 53  ? 3.728   -5.225  16.020  1.00 89.38  ? 161 ARG B NH1 1 
ATOM   1089 N  NH2 . ARG B 2 53  ? 2.919   -7.176  15.142  1.00 84.04  ? 161 ARG B NH2 1 
ATOM   1090 N  N   . GLU B 2 54  ? 8.716   -7.254  12.129  1.00 63.31  ? 162 GLU B N   1 
ATOM   1091 C  CA  . GLU B 2 54  ? 8.317   -8.356  11.201  1.00 65.85  ? 162 GLU B CA  1 
ATOM   1092 C  C   . GLU B 2 54  ? 9.461   -8.664  10.218  1.00 63.80  ? 162 GLU B C   1 
ATOM   1093 O  O   . GLU B 2 54  ? 9.302   -9.574  9.382   1.00 65.08  ? 162 GLU B O   1 
ATOM   1094 C  CB  . GLU B 2 54  ? 7.021   -8.013  10.460  1.00 70.49  ? 162 GLU B CB  1 
ATOM   1095 C  CG  . GLU B 2 54  ? 5.899   -7.519  11.358  1.00 74.72  ? 162 GLU B CG  1 
ATOM   1096 C  CD  . GLU B 2 54  ? 4.580   -8.273  11.281  1.00 79.79  ? 162 GLU B CD  1 
ATOM   1097 O  OE1 . GLU B 2 54  ? 4.411   -9.125  10.383  1.00 79.62  ? 162 GLU B OE1 1 
ATOM   1098 O  OE2 . GLU B 2 54  ? 3.715   -7.999  12.133  1.00 83.07  ? 162 GLU B OE2 1 
ATOM   1099 N  N   . GLY B 2 55  ? 10.579  -7.944  10.313  1.00 62.61  ? 163 GLY B N   1 
ATOM   1100 C  CA  . GLY B 2 55  ? 11.857  -8.326  9.680   1.00 61.89  ? 163 GLY B CA  1 
ATOM   1101 C  C   . GLY B 2 55  ? 12.059  -7.674  8.325   1.00 58.13  ? 163 GLY B C   1 
ATOM   1102 O  O   . GLY B 2 55  ? 12.707  -8.301  7.495   1.00 52.51  ? 163 GLY B O   1 
ATOM   1103 N  N   . PHE B 2 56  ? 11.539  -6.456  8.123   1.00 55.12  ? 164 PHE B N   1 
ATOM   1104 C  CA  . PHE B 2 56  ? 11.673  -5.675  6.868   1.00 50.87  ? 164 PHE B CA  1 
ATOM   1105 C  C   . PHE B 2 56  ? 12.889  -4.770  7.025   1.00 57.57  ? 164 PHE B C   1 
ATOM   1106 O  O   . PHE B 2 56  ? 13.037  -4.165  8.112   1.00 48.74  ? 164 PHE B O   1 
ATOM   1107 C  CB  . PHE B 2 56  ? 10.409  -4.859  6.570   1.00 46.73  ? 164 PHE B CB  1 
ATOM   1108 C  CG  . PHE B 2 56  ? 9.258   -5.690  6.064   1.00 45.54  ? 164 PHE B CG  1 
ATOM   1109 C  CD1 . PHE B 2 56  ? 8.382   -6.301  6.943   1.00 43.79  ? 164 PHE B CD1 1 
ATOM   1110 C  CD2 . PHE B 2 56  ? 9.085   -5.904  4.704   1.00 46.60  ? 164 PHE B CD2 1 
ATOM   1111 C  CE1 . PHE B 2 56  ? 7.357   -7.106  6.474   1.00 45.16  ? 164 PHE B CE1 1 
ATOM   1112 C  CE2 . PHE B 2 56  ? 8.045   -6.692  4.235   1.00 47.56  ? 164 PHE B CE2 1 
ATOM   1113 C  CZ  . PHE B 2 56  ? 7.185   -7.297  5.122   1.00 45.69  ? 164 PHE B CZ  1 
ATOM   1114 N  N   . ASP B 2 57  ? 13.726  -4.695  5.988   1.00 59.17  ? 165 ASP B N   1 
ATOM   1115 C  CA  . ASP B 2 57  ? 14.929  -3.823  5.980   1.00 58.15  ? 165 ASP B CA  1 
ATOM   1116 C  C   . ASP B 2 57  ? 14.491  -2.399  5.630   1.00 60.55  ? 165 ASP B C   1 
ATOM   1117 O  O   . ASP B 2 57  ? 14.478  -2.046  4.425   1.00 62.75  ? 165 ASP B O   1 
ATOM   1118 C  CB  . ASP B 2 57  ? 15.987  -4.345  5.013   1.00 55.19  ? 165 ASP B CB  1 
ATOM   1119 C  CG  . ASP B 2 57  ? 17.118  -3.359  4.763   1.00 53.05  ? 165 ASP B CG  1 
ATOM   1120 O  OD1 . ASP B 2 57  ? 17.173  -2.326  5.439   1.00 54.92  ? 165 ASP B OD1 1 
ATOM   1121 O  OD2 . ASP B 2 57  ? 17.934  -3.631  3.870   1.00 82.53  ? 165 ASP B OD2 1 
ATOM   1122 N  N   . VAL B 2 58  ? 14.200  -1.586  6.644   1.00 55.35  ? 166 VAL B N   1 
ATOM   1123 C  CA  . VAL B 2 58  ? 13.545  -0.253  6.474   1.00 51.33  ? 166 VAL B CA  1 
ATOM   1124 C  C   . VAL B 2 58  ? 14.516  0.773   5.872   1.00 49.29  ? 166 VAL B C   1 
ATOM   1125 O  O   . VAL B 2 58  ? 14.047  1.865   5.479   1.00 45.79  ? 166 VAL B O   1 
ATOM   1126 C  CB  . VAL B 2 58  ? 12.936  0.235   7.801   1.00 57.37  ? 166 VAL B CB  1 
ATOM   1127 C  CG1 . VAL B 2 58  ? 12.009  -0.820  8.391   1.00 52.97  ? 166 VAL B CG1 1 
ATOM   1128 C  CG2 . VAL B 2 58  ? 13.993  0.666   8.813   1.00 62.26  ? 166 VAL B CG2 1 
ATOM   1129 N  N   . SER B 2 59  ? 15.815  0.479   5.778   1.00 46.31  ? 167 SER B N   1 
ATOM   1130 C  CA  . SER B 2 59  ? 16.793  1.378   5.094   1.00 51.09  ? 167 SER B CA  1 
ATOM   1131 C  C   . SER B 2 59  ? 16.461  1.508   3.589   1.00 46.29  ? 167 SER B C   1 
ATOM   1132 O  O   . SER B 2 59  ? 16.900  2.480   2.968   1.00 51.81  ? 167 SER B O   1 
ATOM   1133 C  CB  . SER B 2 59  ? 18.205  0.888   5.289   1.00 50.05  ? 167 SER B CB  1 
ATOM   1134 O  OG  . SER B 2 59  ? 18.316  -0.473  4.865   1.00 48.96  ? 167 SER B OG  1 
ATOM   1135 N  N   . LYS B 2 60  ? 15.686  0.571   3.041   1.00 48.64  ? 168 LYS B N   1 
ATOM   1136 C  CA  . LYS B 2 60  ? 15.228  0.550   1.625   1.00 53.93  ? 168 LYS B CA  1 
ATOM   1137 C  C   . LYS B 2 60  ? 14.072  1.519   1.353   1.00 55.41  ? 168 LYS B C   1 
ATOM   1138 O  O   . LYS B 2 60  ? 13.755  1.658   0.165   1.00 58.41  ? 168 LYS B O   1 
ATOM   1139 C  CB  . LYS B 2 60  ? 14.829  -0.876  1.246   1.00 55.31  ? 168 LYS B CB  1 
ATOM   1140 C  CG  . LYS B 2 60  ? 16.017  -1.808  1.083   1.00 57.94  ? 168 LYS B CG  1 
ATOM   1141 C  CD  . LYS B 2 60  ? 15.599  -3.224  0.825   1.00 71.24  ? 168 LYS B CD  1 
ATOM   1142 C  CE  . LYS B 2 60  ? 16.763  -4.125  0.459   1.00 82.35  ? 168 LYS B CE  1 
ATOM   1143 N  NZ  . LYS B 2 60  ? 16.692  -5.424  1.183   1.00 86.53  ? 168 LYS B NZ  1 
ATOM   1144 N  N   . PHE B 2 61  ? 13.484  2.189   2.357   1.00 54.61  ? 169 PHE B N   1 
ATOM   1145 C  CA  . PHE B 2 61  ? 12.327  3.099   2.131   1.00 45.20  ? 169 PHE B CA  1 
ATOM   1146 C  C   . PHE B 2 61  ? 12.783  4.236   1.242   1.00 44.03  ? 169 PHE B C   1 
ATOM   1147 O  O   . PHE B 2 61  ? 13.827  4.814   1.560   1.00 46.66  ? 169 PHE B O   1 
ATOM   1148 C  CB  . PHE B 2 61  ? 11.666  3.624   3.420   1.00 45.77  ? 169 PHE B CB  1 
ATOM   1149 C  CG  . PHE B 2 61  ? 10.551  2.743   3.924   1.00 45.24  ? 169 PHE B CG  1 
ATOM   1150 C  CD1 . PHE B 2 61  ? 9.506   2.370   3.079   1.00 47.97  ? 169 PHE B CD1 1 
ATOM   1151 C  CD2 . PHE B 2 61  ? 10.557  2.246   5.220   1.00 46.90  ? 169 PHE B CD2 1 
ATOM   1152 C  CE1 . PHE B 2 61  ? 8.499   1.531   3.519   1.00 48.60  ? 169 PHE B CE1 1 
ATOM   1153 C  CE2 . PHE B 2 61  ? 9.548   1.405   5.662   1.00 46.99  ? 169 PHE B CE2 1 
ATOM   1154 C  CZ  . PHE B 2 61  ? 8.518   1.053   4.816   1.00 52.36  ? 169 PHE B CZ  1 
ATOM   1155 N  N   . ILE B 2 62  ? 12.036  4.506   0.157   1.00 42.36  ? 170 ILE B N   1 
ATOM   1156 C  CA  . ILE B 2 62  ? 12.042  5.827   -0.528  1.00 43.26  ? 170 ILE B CA  1 
ATOM   1157 C  C   . ILE B 2 62  ? 10.841  6.612   0.003   1.00 44.65  ? 170 ILE B C   1 
ATOM   1158 O  O   . ILE B 2 62  ? 9.710   6.051   -0.009  1.00 42.93  ? 170 ILE B O   1 
ATOM   1159 C  CB  . ILE B 2 62  ? 12.036  5.692   -2.065  1.00 48.76  ? 170 ILE B CB  1 
ATOM   1160 C  CG1 . ILE B 2 62  ? 13.194  4.820   -2.554  1.00 54.57  ? 170 ILE B CG1 1 
ATOM   1161 C  CG2 . ILE B 2 62  ? 12.073  7.059   -2.735  1.00 46.18  ? 170 ILE B CG2 1 
ATOM   1162 C  CD1 . ILE B 2 62  ? 14.572  5.351   -2.172  1.00 52.46  ? 170 ILE B CD1 1 
ATOM   1163 N  N   . TRP B 2 63  ? 11.128  7.823   0.482   1.00 41.97  ? 171 TRP B N   1 
ATOM   1164 C  CA  . TRP B 2 63  ? 10.187  8.819   1.055   1.00 48.64  ? 171 TRP B CA  1 
ATOM   1165 C  C   . TRP B 2 63  ? 9.634   9.666   -0.091  1.00 46.23  ? 171 TRP B C   1 
ATOM   1166 O  O   . TRP B 2 63  ? 10.337  10.545  -0.564  1.00 51.14  ? 171 TRP B O   1 
ATOM   1167 C  CB  . TRP B 2 63  ? 10.883  9.643   2.185   1.00 50.09  ? 171 TRP B CB  1 
ATOM   1168 C  CG  . TRP B 2 63  ? 11.268  8.709   3.298   1.00 46.66  ? 171 TRP B CG  1 
ATOM   1169 C  CD1 . TRP B 2 63  ? 12.454  8.053   3.442   1.00 48.51  ? 171 TRP B CD1 1 
ATOM   1170 C  CD2 . TRP B 2 63  ? 10.386  8.137   4.285   1.00 45.61  ? 171 TRP B CD2 1 
ATOM   1171 N  NE1 . TRP B 2 63  ? 12.384  7.154   4.475   1.00 48.83  ? 171 TRP B NE1 1 
ATOM   1172 C  CE2 . TRP B 2 63  ? 11.129  7.177   5.004   1.00 45.37  ? 171 TRP B CE2 1 
ATOM   1173 C  CE3 . TRP B 2 63  ? 9.062   8.381   4.666   1.00 46.57  ? 171 TRP B CE3 1 
ATOM   1174 C  CZ2 . TRP B 2 63  ? 10.591  6.460   6.067   1.00 50.80  ? 171 TRP B CZ2 1 
ATOM   1175 C  CZ3 . TRP B 2 63  ? 8.524   7.655   5.703   1.00 45.81  ? 171 TRP B CZ3 1 
ATOM   1176 C  CH2 . TRP B 2 63  ? 9.275   6.706   6.389   1.00 48.59  ? 171 TRP B CH2 1 
ATOM   1177 N  N   . VAL B 2 64  ? 8.405   9.377   -0.515  1.00 44.23  ? 172 VAL B N   1 
ATOM   1178 C  CA  . VAL B 2 64  ? 7.811   9.856   -1.799  1.00 42.50  ? 172 VAL B CA  1 
ATOM   1179 C  C   . VAL B 2 64  ? 7.376   11.307  -1.659  1.00 41.92  ? 172 VAL B C   1 
ATOM   1180 O  O   . VAL B 2 64  ? 6.730   11.650  -0.670  1.00 49.45  ? 172 VAL B O   1 
ATOM   1181 C  CB  . VAL B 2 64  ? 6.619   8.980   -2.206  1.00 44.31  ? 172 VAL B CB  1 
ATOM   1182 C  CG1 . VAL B 2 64  ? 5.965   9.452   -3.495  1.00 43.25  ? 172 VAL B CG1 1 
ATOM   1183 C  CG2 . VAL B 2 64  ? 7.023   7.517   -2.307  1.00 48.60  ? 172 VAL B CG2 1 
ATOM   1184 N  N   . GLN B 2 65  ? 7.707   12.113  -2.654  1.00 47.69  ? 173 GLN B N   1 
ATOM   1185 C  CA  . GLN B 2 65  ? 7.288   13.524  -2.768  1.00 51.51  ? 173 GLN B CA  1 
ATOM   1186 C  C   . GLN B 2 65  ? 5.745   13.567  -2.750  1.00 54.56  ? 173 GLN B C   1 
ATOM   1187 O  O   . GLN B 2 65  ? 5.077   12.789  -3.522  1.00 42.62  ? 173 GLN B O   1 
ATOM   1188 C  CB  . GLN B 2 65  ? 7.923   14.114  -4.027  1.00 59.37  ? 173 GLN B CB  1 
ATOM   1189 C  CG  . GLN B 2 65  ? 8.380   15.560  -3.885  1.00 73.30  ? 173 GLN B CG  1 
ATOM   1190 C  CD  . GLN B 2 65  ? 8.628   16.172  -5.245  1.00 84.95  ? 173 GLN B CD  1 
ATOM   1191 O  OE1 . GLN B 2 65  ? 9.649   15.920  -5.883  1.00 83.99  ? 173 GLN B OE1 1 
ATOM   1192 N  NE2 . GLN B 2 65  ? 7.684   16.977  -5.716  1.00 85.78  ? 173 GLN B NE2 1 
ATOM   1193 N  N   . GLN B 2 66  ? 5.189   14.383  -1.842  1.00 48.50  ? 174 GLN B N   1 
ATOM   1194 C  CA  . GLN B 2 66  ? 3.734   14.650  -1.696  1.00 47.65  ? 174 GLN B CA  1 
ATOM   1195 C  C   . GLN B 2 66  ? 3.543   16.132  -1.368  1.00 48.75  ? 174 GLN B C   1 
ATOM   1196 O  O   . GLN B 2 66  ? 4.447   16.776  -0.834  1.00 48.70  ? 174 GLN B O   1 
ATOM   1197 C  CB  . GLN B 2 66  ? 3.140   13.755  -0.600  1.00 45.07  ? 174 GLN B CB  1 
ATOM   1198 C  CG  . GLN B 2 66  ? 3.107   12.256  -0.898  1.00 43.02  ? 174 GLN B CG  1 
ATOM   1199 C  CD  . GLN B 2 66  ? 2.103   11.841  -1.952  1.00 42.88  ? 174 GLN B CD  1 
ATOM   1200 O  OE1 . GLN B 2 66  ? 1.867   10.650  -2.195  1.00 40.65  ? 174 GLN B OE1 1 
ATOM   1201 N  NE2 . GLN B 2 66  ? 1.507   12.821  -2.599  1.00 40.06  ? 174 GLN B NE2 1 
ATOM   1202 N  N   . PRO B 2 67  ? 2.361   16.721  -1.655  1.00 52.00  ? 175 PRO B N   1 
ATOM   1203 C  CA  . PRO B 2 67  ? 2.061   18.094  -1.241  1.00 59.72  ? 175 PRO B CA  1 
ATOM   1204 C  C   . PRO B 2 67  ? 2.190   18.267  0.285   1.00 57.39  ? 175 PRO B C   1 
ATOM   1205 O  O   . PRO B 2 67  ? 1.588   17.495  1.003   1.00 60.02  ? 175 PRO B O   1 
ATOM   1206 C  CB  . PRO B 2 67  ? 0.626   18.335  -1.737  1.00 56.61  ? 175 PRO B CB  1 
ATOM   1207 C  CG  . PRO B 2 67  ? 0.056   16.955  -1.992  1.00 56.73  ? 175 PRO B CG  1 
ATOM   1208 C  CD  . PRO B 2 67  ? 1.237   16.089  -2.361  1.00 57.37  ? 175 PRO B CD  1 
ATOM   1209 N  N   . GLY B 2 68  ? 3.052   19.200  0.714   1.00 62.05  ? 176 GLY B N   1 
ATOM   1210 C  CA  . GLY B 2 68  ? 3.386   19.484  2.123   1.00 65.30  ? 176 GLY B CA  1 
ATOM   1211 C  C   . GLY B 2 68  ? 4.673   18.823  2.602   1.00 67.67  ? 176 GLY B C   1 
ATOM   1212 O  O   . GLY B 2 68  ? 5.183   19.271  3.636   1.00 68.38  ? 176 GLY B O   1 
ATOM   1213 N  N   . SER B 2 69  ? 5.177   17.781  1.927   1.00 71.57  ? 177 SER B N   1 
ATOM   1214 C  CA  . SER B 2 69  ? 6.429   17.070  2.316   1.00 70.57  ? 177 SER B CA  1 
ATOM   1215 C  C   . SER B 2 69  ? 7.635   17.930  1.925   1.00 66.12  ? 177 SER B C   1 
ATOM   1216 O  O   . SER B 2 69  ? 8.633   17.718  2.607   1.00 67.34  ? 177 SER B O   1 
ATOM   1217 C  CB  . SER B 2 69  ? 6.540   15.682  1.710   1.00 68.99  ? 177 SER B CB  1 
ATOM   1218 O  OG  . SER B 2 69  ? 7.130   15.750  0.413   1.00 59.49  ? 177 SER B OG  1 
HETATM 1219 O  O1  . MES C 3 .   ? 11.896  -5.945  -9.457  1.00 68.87  ? 201 MES A O1  1 
HETATM 1220 C  C2  . MES C 3 .   ? 13.170  -6.036  -8.836  1.00 72.18  ? 201 MES A C2  1 
HETATM 1221 C  C3  . MES C 3 .   ? 13.744  -4.670  -8.540  1.00 72.97  ? 201 MES A C3  1 
HETATM 1222 N  N4  . MES C 3 .   ? 13.824  -3.873  -9.799  1.00 63.54  ? 201 MES A N4  1 
HETATM 1223 C  C5  . MES C 3 .   ? 12.476  -3.840  -10.431 1.00 57.64  ? 201 MES A C5  1 
HETATM 1224 C  C6  . MES C 3 .   ? 11.986  -5.235  -10.678 1.00 59.77  ? 201 MES A C6  1 
HETATM 1225 C  C7  . MES C 3 .   ? 14.363  -2.494  -9.567  1.00 78.97  ? 201 MES A C7  1 
HETATM 1226 C  C8  . MES C 3 .   ? 15.140  -1.985  -10.758 1.00 103.36 ? 201 MES A C8  1 
HETATM 1227 S  S   . MES C 3 .   ? 15.856  -3.313  -11.695 1.00 140.10 ? 201 MES A S   1 
HETATM 1228 O  O1S . MES C 3 .   ? 17.268  -3.257  -11.430 1.00 155.12 ? 201 MES A O1S 1 
HETATM 1229 O  O2S . MES C 3 .   ? 15.251  -4.521  -11.205 1.00 136.49 ? 201 MES A O2S 1 
HETATM 1230 O  O3S . MES C 3 .   ? 15.542  -3.055  -13.075 1.00 139.73 ? 201 MES A O3S 1 
HETATM 1231 S  S   . SO4 D 4 .   ? -8.902  -14.665 -13.152 1.00 116.65 ? 202 SO4 A S   1 
HETATM 1232 O  O1  . SO4 D 4 .   ? -9.442  -13.431 -13.678 1.00 103.87 ? 202 SO4 A O1  1 
HETATM 1233 O  O2  . SO4 D 4 .   ? -8.187  -14.410 -11.928 1.00 132.90 ? 202 SO4 A O2  1 
HETATM 1234 O  O3  . SO4 D 4 .   ? -8.002  -15.261 -14.115 1.00 105.36 ? 202 SO4 A O3  1 
HETATM 1235 O  O4  . SO4 D 4 .   ? -9.987  -15.559 -12.868 1.00 129.31 ? 202 SO4 A O4  1 
HETATM 1236 NA NA  . NA  E 5 .   ? 5.021   21.587  -1.805  1.00 66.35  ? 201 NA  B NA  1 
HETATM 1237 S  S   . SO4 F 4 .   ? -5.183  12.126  11.677  1.00 84.52  ? 202 SO4 B S   1 
HETATM 1238 O  O1  . SO4 F 4 .   ? -4.395  12.499  12.832  1.00 88.76  ? 202 SO4 B O1  1 
HETATM 1239 O  O2  . SO4 F 4 .   ? -6.532  12.621  11.838  1.00 81.36  ? 202 SO4 B O2  1 
HETATM 1240 O  O3  . SO4 F 4 .   ? -4.596  12.715  10.492  1.00 75.92  ? 202 SO4 B O3  1 
HETATM 1241 O  O4  . SO4 F 4 .   ? -5.220  10.682  11.561  1.00 69.47  ? 202 SO4 B O4  1 
HETATM 1242 S  S   . SO4 G 4 .   ? 11.353  -13.314 2.574   1.00 86.58  ? 203 SO4 B S   1 
HETATM 1243 O  O1  . SO4 G 4 .   ? 11.649  -12.176 1.744   1.00 87.82  ? 203 SO4 B O1  1 
HETATM 1244 O  O2  . SO4 G 4 .   ? 11.458  -12.913 3.943   1.00 97.94  ? 203 SO4 B O2  1 
HETATM 1245 O  O3  . SO4 G 4 .   ? 10.016  -13.812 2.327   1.00 74.86  ? 203 SO4 B O3  1 
HETATM 1246 O  O4  . SO4 G 4 .   ? 12.310  -14.355 2.300   1.00 90.68  ? 203 SO4 B O4  1 
HETATM 1247 O  O   . HOH H 6 .   ? -3.507  1.160   1.907   1.00 51.43  ? 301 HOH A O   1 
HETATM 1248 O  O   . HOH H 6 .   ? 6.607   10.697  1.666   1.00 38.11  ? 302 HOH A O   1 
HETATM 1249 O  O   . HOH H 6 .   ? 16.348  -7.180  -15.974 1.00 62.71  ? 303 HOH A O   1 
HETATM 1250 O  O   . HOH H 6 .   ? -2.700  1.995   -0.968  1.00 38.50  ? 304 HOH A O   1 
HETATM 1251 O  O   . HOH H 6 .   ? 7.796   -2.022  -2.552  1.00 45.83  ? 305 HOH A O   1 
HETATM 1252 O  O   . HOH H 6 .   ? -1.963  10.756  -7.530  1.00 46.91  ? 306 HOH A O   1 
HETATM 1253 O  O   . HOH H 6 .   ? 8.542   11.138  -5.455  1.00 48.29  ? 307 HOH A O   1 
HETATM 1254 O  O   . HOH H 6 .   ? -12.464 -10.855 -3.772  1.00 48.53  ? 308 HOH A O   1 
HETATM 1255 O  O   . HOH I 6 .   ? 14.364  0.848   -2.421  1.00 39.11  ? 301 HOH B O   1 
HETATM 1256 O  O   . HOH I 6 .   ? -0.646  13.491  -4.691  1.00 52.13  ? 302 HOH B O   1 
HETATM 1257 O  O   . HOH I 6 .   ? 11.830  -5.080  16.503  1.00 48.02  ? 303 HOH B O   1 
HETATM 1258 O  O   . HOH I 6 .   ? 8.409   12.203  3.186   1.00 49.96  ? 304 HOH B O   1 
# 
loop_
_pdbx_poly_seq_scheme.asym_id 
_pdbx_poly_seq_scheme.entity_id 
_pdbx_poly_seq_scheme.seq_id 
_pdbx_poly_seq_scheme.mon_id 
_pdbx_poly_seq_scheme.ndb_seq_num 
_pdbx_poly_seq_scheme.pdb_seq_num 
_pdbx_poly_seq_scheme.auth_seq_num 
_pdbx_poly_seq_scheme.pdb_mon_id 
_pdbx_poly_seq_scheme.auth_mon_id 
_pdbx_poly_seq_scheme.pdb_strand_id 
_pdbx_poly_seq_scheme.pdb_ins_code 
_pdbx_poly_seq_scheme.hetero 
A 1 1   MET 1   3   ?   ?   ?   A . n 
A 1 2   GLY 2   4   ?   ?   ?   A . n 
A 1 3   HIS 3   5   ?   ?   ?   A . n 
A 1 4   HIS 4   6   ?   ?   ?   A . n 
A 1 5   HIS 5   7   ?   ?   ?   A . n 
A 1 6   HIS 6   8   ?   ?   ?   A . n 
A 1 7   HIS 7   9   ?   ?   ?   A . n 
A 1 8   HIS 8   10  ?   ?   ?   A . n 
A 1 9   LEU 9   11  ?   ?   ?   A . n 
A 1 10  GLU 10  12  ?   ?   ?   A . n 
A 1 11  SER 11  13  ?   ?   ?   A . n 
A 1 12  THR 12  14  ?   ?   ?   A . n 
A 1 13  SER 13  15  ?   ?   ?   A . n 
A 1 14  LEU 14  16  ?   ?   ?   A . n 
A 1 15  TYR 15  17  ?   ?   ?   A . n 
A 1 16  LYS 16  18  ?   ?   ?   A . n 
A 1 17  LYS 17  19  ?   ?   ?   A . n 
A 1 18  SER 18  20  ?   ?   ?   A . n 
A 1 19  SER 19  21  ?   ?   ?   A . n 
A 1 20  SER 20  22  ?   ?   ?   A . n 
A 1 21  THR 21  23  23  THR THR A . n 
A 1 22  PRO 22  24  24  PRO PRO A . n 
A 1 23  PRO 23  25  25  PRO PRO A . n 
A 1 24  ARG 24  26  26  ARG ARG A . n 
A 1 25  GLY 25  27  27  GLY GLY A . n 
A 1 26  VAL 26  28  28  VAL VAL A . n 
A 1 27  THR 27  29  29  THR THR A . n 
A 1 28  VAL 28  30  30  VAL VAL A . n 
A 1 29  VAL 29  31  31  VAL VAL A . n 
A 1 30  ASN 30  32  32  ASN ASN A . n 
A 1 31  ASN 31  33  33  ASN ASN A . n 
A 1 32  PHE 32  34  34  PHE PHE A . n 
A 1 33  ASP 33  35  35  ASP ASP A . n 
A 1 34  CYS 34  36  36  CYS CYS A . n 
A 1 35  LYS 35  37  37  LYS LYS A . n 
A 1 36  ARG 36  38  38  ARG ARG A . n 
A 1 37  TYR 37  39  39  TYR TYR A . n 
A 1 38  LEU 38  40  40  LEU LEU A . n 
A 1 39  GLY 39  41  41  GLY GLY A . n 
A 1 40  THR 40  42  42  THR THR A . n 
A 1 41  TRP 41  43  43  TRP TRP A . n 
A 1 42  TYR 42  44  44  TYR TYR A . n 
A 1 43  GLU 43  45  45  GLU GLU A . n 
A 1 44  ILE 44  46  46  ILE ILE A . n 
A 1 45  ALA 45  47  47  ALA ALA A . n 
A 1 46  ARG 46  48  48  ARG ARG A . n 
A 1 47  PHE 47  49  49  PHE PHE A . n 
A 1 48  ASP 48  50  50  ASP ASP A . n 
A 1 49  HIS 49  51  51  HIS HIS A . n 
A 1 50  ARG 50  52  52  ARG ARG A . n 
A 1 51  ALA 51  53  53  ALA ALA A . n 
A 1 52  GLU 52  54  54  GLU GLU A . n 
A 1 53  ARG 53  55  55  ARG ARG A . n 
A 1 54  GLY 54  56  56  GLY GLY A . n 
A 1 55  LEU 55  57  57  LEU LEU A . n 
A 1 56  GLU 56  58  58  GLU GLU A . n 
A 1 57  LYS 57  59  59  LYS LYS A . n 
A 1 58  VAL 58  60  60  VAL VAL A . n 
A 1 59  THR 59  61  61  THR THR A . n 
A 1 60  ALA 60  62  62  ALA ALA A . n 
A 1 61  THR 61  63  63  THR THR A . n 
A 1 62  TYR 62  64  64  TYR TYR A . n 
A 1 63  SER 63  65  65  SER SER A . n 
A 1 64  LEU 64  66  66  LEU LEU A . n 
A 1 65  ARG 65  67  67  ARG ARG A . n 
A 1 66  ASP 66  68  68  ASP ASP A . n 
A 1 67  ASP 67  69  69  ASP ASP A . n 
A 1 68  GLY 68  70  70  GLY GLY A . n 
A 1 69  GLY 69  71  71  GLY GLY A . n 
A 1 70  LEU 70  72  72  LEU LEU A . n 
A 1 71  ASN 71  73  73  ASN ASN A . n 
A 1 72  VAL 72  74  74  VAL VAL A . n 
A 1 73  ILE 73  75  75  ILE ILE A . n 
A 1 74  PHE 74  76  76  PHE PHE A . n 
A 1 75  LYS 75  77  77  LYS LYS A . n 
A 1 76  GLY 76  78  78  GLY GLY A . n 
A 1 77  TYR 77  79  79  TYR TYR A . n 
A 1 78  ASN 78  80  80  ASN ASN A . n 
A 1 79  PRO 79  81  81  PRO PRO A . n 
A 1 80  ASP 80  82  82  ASP ASP A . n 
A 1 81  ARG 81  83  83  ARG ARG A . n 
A 1 82  GLY 82  84  84  GLY GLY A . n 
A 1 83  MET 83  85  85  MET MET A . n 
A 1 84  TRP 84  86  86  TRP TRP A . n 
A 1 85  GLN 85  87  87  GLN GLN A . n 
A 1 86  GLN 86  88  88  GLN GLN A . n 
A 1 87  TYR 87  89  89  TYR TYR A . n 
A 1 88  VAL 88  90  90  VAL VAL A . n 
A 1 89  GLY 89  91  91  GLY GLY A . n 
A 1 90  LYS 90  92  92  LYS LYS A . n 
A 1 91  ALA 91  93  93  ALA ALA A . n 
A 1 92  TYR 92  94  94  TYR TYR A . n 
A 1 93  PHE 93  95  95  PHE PHE A . n 
A 1 94  THR 94  96  96  THR THR A . n 
A 1 95  GLY 95  97  97  GLY GLY A . n 
A 1 96  ALA 96  98  98  ALA ALA A . n 
A 1 97  PRO 97  99  99  PRO PRO A . n 
A 1 98  THR 98  100 100 THR THR A . n 
A 1 99  ARG 99  101 101 ARG ARG A . n 
A 1 100 ALA 100 102 102 ALA ALA A . n 
A 1 101 ALA 101 103 103 ALA ALA A . n 
A 1 102 LEU 102 104 104 LEU LEU A . n 
A 1 103 LYS 103 105 105 LYS LYS A . n 
A 1 104 VAL 104 106 106 VAL VAL A . n 
A 1 105 ALA 105 107 107 ALA ALA A . n 
A 1 106 PHE 106 108 108 PHE PHE A . n 
A 1 107 PHE 107 109 109 PHE PHE A . n 
B 2 1   MET 1   109 ?   ?   ?   B . n 
B 2 2   GLY 2   110 ?   ?   ?   B . n 
B 2 3   PRO 3   111 ?   ?   ?   B . n 
B 2 4   PHE 4   112 ?   ?   ?   B . n 
B 2 5   TYR 5   113 ?   ?   ?   B . n 
B 2 6   GLY 6   114 114 GLY GLY B . n 
B 2 7   GLY 7   115 115 GLY GLY B . n 
B 2 8   TYR 8   116 116 TYR TYR B . n 
B 2 9   ASN 9   117 117 ASN ASN B . n 
B 2 10  VAL 10  118 118 VAL VAL B . n 
B 2 11  ILE 11  119 119 ILE ILE B . n 
B 2 12  ALA 12  120 120 ALA ALA B . n 
B 2 13  LEU 13  121 121 LEU LEU B . n 
B 2 14  ASP 14  122 122 ASP ASP B . n 
B 2 15  ARG 15  123 123 ARG ARG B . n 
B 2 16  GLU 16  124 124 GLU GLU B . n 
B 2 17  TYR 17  125 125 TYR TYR B . n 
B 2 18  ARG 18  126 126 ARG ARG B . n 
B 2 19  HIS 19  127 127 HIS HIS B . n 
B 2 20  ALA 20  128 128 ALA ALA B . n 
B 2 21  LEU 21  129 129 LEU LEU B . n 
B 2 22  VAL 22  130 130 VAL VAL B . n 
B 2 23  CYS 23  131 131 CYS CYS B . n 
B 2 24  GLY 24  132 132 GLY GLY B . n 
B 2 25  PRO 25  133 133 PRO PRO B . n 
B 2 26  ASP 26  134 134 ASP ASP B . n 
B 2 27  ARG 27  135 135 ARG ARG B . n 
B 2 28  ASP 28  136 136 ASP ASP B . n 
B 2 29  TYR 29  137 137 TYR TYR B . n 
B 2 30  LEU 30  138 138 LEU LEU B . n 
B 2 31  TRP 31  139 139 TRP TRP B . n 
B 2 32  ILE 32  140 140 ILE ILE B . n 
B 2 33  ASN 33  141 141 ASN ASN B . n 
B 2 34  SER 34  142 142 SER SER B . n 
B 2 35  ARG 35  143 143 ARG ARG B . n 
B 2 36  THR 36  144 144 THR THR B . n 
B 2 37  PRO 37  145 145 PRO PRO B . n 
B 2 38  THR 38  146 146 THR THR B . n 
B 2 39  ILE 39  147 147 ILE ILE B . n 
B 2 40  SER 40  148 148 SER SER B . n 
B 2 41  ASP 41  149 149 ASP ASP B . n 
B 2 42  GLU 42  150 150 GLU GLU B . n 
B 2 43  VAL 43  151 151 VAL VAL B . n 
B 2 44  LYS 44  152 152 LYS LYS B . n 
B 2 45  GLN 45  153 153 GLN GLN B . n 
B 2 46  GLU 46  154 154 GLU GLU B . n 
B 2 47  MET 47  155 155 MET MET B . n 
B 2 48  LEU 48  156 156 LEU LEU B . n 
B 2 49  ALA 49  157 157 ALA ALA B . n 
B 2 50  VAL 50  158 158 VAL VAL B . n 
B 2 51  ALA 51  159 159 ALA ALA B . n 
B 2 52  THR 52  160 160 THR THR B . n 
B 2 53  ARG 53  161 161 ARG ARG B . n 
B 2 54  GLU 54  162 162 GLU GLU B . n 
B 2 55  GLY 55  163 163 GLY GLY B . n 
B 2 56  PHE 56  164 164 PHE PHE B . n 
B 2 57  ASP 57  165 165 ASP ASP B . n 
B 2 58  VAL 58  166 166 VAL VAL B . n 
B 2 59  SER 59  167 167 SER SER B . n 
B 2 60  LYS 60  168 168 LYS LYS B . n 
B 2 61  PHE 61  169 169 PHE PHE B . n 
B 2 62  ILE 62  170 170 ILE ILE B . n 
B 2 63  TRP 63  171 171 TRP TRP B . n 
B 2 64  VAL 64  172 172 VAL VAL B . n 
B 2 65  GLN 65  173 173 GLN GLN B . n 
B 2 66  GLN 66  174 174 GLN GLN B . n 
B 2 67  PRO 67  175 175 PRO PRO B . n 
B 2 68  GLY 68  176 176 GLY GLY B . n 
B 2 69  SER 69  177 177 SER SER B . n 
# 
loop_
_pdbx_nonpoly_scheme.asym_id 
_pdbx_nonpoly_scheme.entity_id 
_pdbx_nonpoly_scheme.mon_id 
_pdbx_nonpoly_scheme.ndb_seq_num 
_pdbx_nonpoly_scheme.pdb_seq_num 
_pdbx_nonpoly_scheme.auth_seq_num 
_pdbx_nonpoly_scheme.pdb_mon_id 
_pdbx_nonpoly_scheme.auth_mon_id 
_pdbx_nonpoly_scheme.pdb_strand_id 
_pdbx_nonpoly_scheme.pdb_ins_code 
C 3 MES 1 201 203 MES MES A . 
D 4 SO4 1 202 4   SO4 SO4 A . 
E 5 NA  1 201 1   NA  NA  B . 
F 4 SO4 1 202 2   SO4 SO4 B . 
G 4 SO4 1 203 3   SO4 SO4 B . 
H 6 HOH 1 301 2   HOH HOH A . 
H 6 HOH 2 302 1   HOH HOH A . 
H 6 HOH 3 303 12  HOH HOH A . 
H 6 HOH 4 304 10  HOH HOH A . 
H 6 HOH 5 305 3   HOH HOH A . 
H 6 HOH 6 306 4   HOH HOH A . 
H 6 HOH 7 307 6   HOH HOH A . 
H 6 HOH 8 308 8   HOH HOH A . 
I 6 HOH 1 301 11  HOH HOH B . 
I 6 HOH 2 302 9   HOH HOH B . 
I 6 HOH 3 303 5   HOH HOH B . 
I 6 HOH 4 304 7   HOH HOH B . 
# 
_pdbx_struct_assembly.id                   1 
_pdbx_struct_assembly.details              author_and_software_defined_assembly 
_pdbx_struct_assembly.method_details       PISA 
_pdbx_struct_assembly.oligomeric_details   dimeric 
_pdbx_struct_assembly.oligomeric_count     2 
# 
_pdbx_struct_assembly_gen.assembly_id       1 
_pdbx_struct_assembly_gen.oper_expression   1 
_pdbx_struct_assembly_gen.asym_id_list      A,B,C,D,E,F,G,H,I 
# 
loop_
_pdbx_struct_assembly_prop.biol_id 
_pdbx_struct_assembly_prop.type 
_pdbx_struct_assembly_prop.value 
_pdbx_struct_assembly_prop.details 
1 'ABSA (A^2)' 4370 ? 
1 MORE         -43  ? 
1 'SSA (A^2)'  8560 ? 
# 
_pdbx_struct_oper_list.id                   1 
_pdbx_struct_oper_list.type                 'identity operation' 
_pdbx_struct_oper_list.name                 1_555 
_pdbx_struct_oper_list.symmetry_operation   x,y,z 
_pdbx_struct_oper_list.matrix[1][1]         1.0000000000 
_pdbx_struct_oper_list.matrix[1][2]         0.0000000000 
_pdbx_struct_oper_list.matrix[1][3]         0.0000000000 
_pdbx_struct_oper_list.vector[1]            0.0000000000 
_pdbx_struct_oper_list.matrix[2][1]         0.0000000000 
_pdbx_struct_oper_list.matrix[2][2]         1.0000000000 
_pdbx_struct_oper_list.matrix[2][3]         0.0000000000 
_pdbx_struct_oper_list.vector[2]            0.0000000000 
_pdbx_struct_oper_list.matrix[3][1]         0.0000000000 
_pdbx_struct_oper_list.matrix[3][2]         0.0000000000 
_pdbx_struct_oper_list.matrix[3][3]         1.0000000000 
_pdbx_struct_oper_list.vector[3]            0.0000000000 
# 
loop_
_pdbx_audit_revision_history.ordinal 
_pdbx_audit_revision_history.data_content_type 
_pdbx_audit_revision_history.major_revision 
_pdbx_audit_revision_history.minor_revision 
_pdbx_audit_revision_history.revision_date 
1 'Structure model' 1 0 2021-10-27 
2 'Structure model' 1 1 2021-11-24 
3 'Structure model' 1 2 2023-10-18 
# 
_pdbx_audit_revision_details.ordinal             1 
_pdbx_audit_revision_details.revision_ordinal    1 
_pdbx_audit_revision_details.data_content_type   'Structure model' 
_pdbx_audit_revision_details.provider            repository 
_pdbx_audit_revision_details.type                'Initial release' 
_pdbx_audit_revision_details.description         ? 
_pdbx_audit_revision_details.details             ? 
# 
loop_
_pdbx_audit_revision_group.ordinal 
_pdbx_audit_revision_group.revision_ordinal 
_pdbx_audit_revision_group.data_content_type 
_pdbx_audit_revision_group.group 
1 2 'Structure model' 'Database references'    
2 3 'Structure model' 'Data collection'        
3 3 'Structure model' 'Refinement description' 
# 
loop_
_pdbx_audit_revision_category.ordinal 
_pdbx_audit_revision_category.revision_ordinal 
_pdbx_audit_revision_category.data_content_type 
_pdbx_audit_revision_category.category 
1 2 'Structure model' citation                      
2 2 'Structure model' citation_author               
3 3 'Structure model' chem_comp_atom                
4 3 'Structure model' chem_comp_bond                
5 3 'Structure model' pdbx_initial_refinement_model 
# 
loop_
_pdbx_audit_revision_item.ordinal 
_pdbx_audit_revision_item.revision_ordinal 
_pdbx_audit_revision_item.data_content_type 
_pdbx_audit_revision_item.item 
1 2 'Structure model' '_citation.journal_volume'          
2 2 'Structure model' '_citation.page_first'              
3 2 'Structure model' '_citation.page_last'               
4 2 'Structure model' '_citation.pdbx_database_id_DOI'    
5 2 'Structure model' '_citation.pdbx_database_id_PubMed' 
6 2 'Structure model' '_citation.title'                   
# 
_pdbx_phasing_MR.entry_id                     7L5M 
_pdbx_phasing_MR.method_rotation              ? 
_pdbx_phasing_MR.method_translation           ? 
_pdbx_phasing_MR.model_details                ? 
_pdbx_phasing_MR.R_factor                     ? 
_pdbx_phasing_MR.R_rigid_body                 0.404 
_pdbx_phasing_MR.correlation_coeff_Fo_to_Fc   ? 
_pdbx_phasing_MR.correlation_coeff_Io_to_Ic   ? 
_pdbx_phasing_MR.d_res_high_rotation          44.100 
_pdbx_phasing_MR.d_res_low_rotation           2.720 
_pdbx_phasing_MR.d_res_high_translation       ? 
_pdbx_phasing_MR.d_res_low_translation        ? 
_pdbx_phasing_MR.packing                      ? 
_pdbx_phasing_MR.reflns_percent_rotation      ? 
_pdbx_phasing_MR.reflns_percent_translation   ? 
_pdbx_phasing_MR.sigma_F_rotation             ? 
_pdbx_phasing_MR.sigma_F_translation          ? 
_pdbx_phasing_MR.sigma_I_rotation             ? 
_pdbx_phasing_MR.sigma_I_translation          ? 
# 
_phasing.method   MR 
# 
loop_
_software.citation_id 
_software.classification 
_software.compiler_name 
_software.compiler_version 
_software.contact_author 
_software.contact_author_email 
_software.date 
_software.description 
_software.dependencies 
_software.hardware 
_software.language 
_software.location 
_software.mods 
_software.name 
_software.os 
_software.os_version 
_software.type 
_software.version 
_software.pdbx_ordinal 
? refinement        ? ? ? ? ? ? ? ? ? ? ? REFMAC      ? ? ? 5.8.0258 1 
? phasing           ? ? ? ? ? ? ? ? ? ? ? MOLREP      ? ? ? .        2 
? 'data scaling'    ? ? ? ? ? ? ? ? ? ? ? xia2        ? ? ? .        3 
? 'data extraction' ? ? ? ? ? ? ? ? ? ? ? PDB_EXTRACT ? ? ? 3.25     4 
? 'data reduction'  ? ? ? ? ? ? ? ? ? ? ? xia2        ? ? ? .        5 
# 
_pdbx_entry_details.entry_id                 7L5M 
_pdbx_entry_details.has_ligand_of_interest   N 
_pdbx_entry_details.compound_details         ? 
_pdbx_entry_details.source_details           ? 
_pdbx_entry_details.nonpolymer_details       ? 
_pdbx_entry_details.sequence_details         ? 
# 
_pdbx_validate_torsion.id              1 
_pdbx_validate_torsion.PDB_model_num   1 
_pdbx_validate_torsion.auth_comp_id    TYR 
_pdbx_validate_torsion.auth_asym_id    B 
_pdbx_validate_torsion.auth_seq_id     125 
_pdbx_validate_torsion.PDB_ins_code    ? 
_pdbx_validate_torsion.label_alt_id    ? 
_pdbx_validate_torsion.phi             39.56 
_pdbx_validate_torsion.psi             51.14 
# 
loop_
_pdbx_unobs_or_zero_occ_residues.id 
_pdbx_unobs_or_zero_occ_residues.PDB_model_num 
_pdbx_unobs_or_zero_occ_residues.polymer_flag 
_pdbx_unobs_or_zero_occ_residues.occupancy_flag 
_pdbx_unobs_or_zero_occ_residues.auth_asym_id 
_pdbx_unobs_or_zero_occ_residues.auth_comp_id 
_pdbx_unobs_or_zero_occ_residues.auth_seq_id 
_pdbx_unobs_or_zero_occ_residues.PDB_ins_code 
_pdbx_unobs_or_zero_occ_residues.label_asym_id 
_pdbx_unobs_or_zero_occ_residues.label_comp_id 
_pdbx_unobs_or_zero_occ_residues.label_seq_id 
1  1 Y 1 A MET 3   ? A MET 1  
2  1 Y 1 A GLY 4   ? A GLY 2  
3  1 Y 1 A HIS 5   ? A HIS 3  
4  1 Y 1 A HIS 6   ? A HIS 4  
5  1 Y 1 A HIS 7   ? A HIS 5  
6  1 Y 1 A HIS 8   ? A HIS 6  
7  1 Y 1 A HIS 9   ? A HIS 7  
8  1 Y 1 A HIS 10  ? A HIS 8  
9  1 Y 1 A LEU 11  ? A LEU 9  
10 1 Y 1 A GLU 12  ? A GLU 10 
11 1 Y 1 A SER 13  ? A SER 11 
12 1 Y 1 A THR 14  ? A THR 12 
13 1 Y 1 A SER 15  ? A SER 13 
14 1 Y 1 A LEU 16  ? A LEU 14 
15 1 Y 1 A TYR 17  ? A TYR 15 
16 1 Y 1 A LYS 18  ? A LYS 16 
17 1 Y 1 A LYS 19  ? A LYS 17 
18 1 Y 1 A SER 20  ? A SER 18 
19 1 Y 1 A SER 21  ? A SER 19 
20 1 Y 1 A SER 22  ? A SER 20 
21 1 Y 1 B MET 109 ? B MET 1  
22 1 Y 1 B GLY 110 ? B GLY 2  
23 1 Y 1 B PRO 111 ? B PRO 3  
24 1 Y 1 B PHE 112 ? B PHE 4  
25 1 Y 1 B TYR 113 ? B TYR 5  
# 
loop_
_chem_comp_atom.comp_id 
_chem_comp_atom.atom_id 
_chem_comp_atom.type_symbol 
_chem_comp_atom.pdbx_aromatic_flag 
_chem_comp_atom.pdbx_stereo_config 
_chem_comp_atom.pdbx_ordinal 
ALA N    N  N N 1   
ALA CA   C  N S 2   
ALA C    C  N N 3   
ALA O    O  N N 4   
ALA CB   C  N N 5   
ALA OXT  O  N N 6   
ALA H    H  N N 7   
ALA H2   H  N N 8   
ALA HA   H  N N 9   
ALA HB1  H  N N 10  
ALA HB2  H  N N 11  
ALA HB3  H  N N 12  
ALA HXT  H  N N 13  
ARG N    N  N N 14  
ARG CA   C  N S 15  
ARG C    C  N N 16  
ARG O    O  N N 17  
ARG CB   C  N N 18  
ARG CG   C  N N 19  
ARG CD   C  N N 20  
ARG NE   N  N N 21  
ARG CZ   C  N N 22  
ARG NH1  N  N N 23  
ARG NH2  N  N N 24  
ARG OXT  O  N N 25  
ARG H    H  N N 26  
ARG H2   H  N N 27  
ARG HA   H  N N 28  
ARG HB2  H  N N 29  
ARG HB3  H  N N 30  
ARG HG2  H  N N 31  
ARG HG3  H  N N 32  
ARG HD2  H  N N 33  
ARG HD3  H  N N 34  
ARG HE   H  N N 35  
ARG HH11 H  N N 36  
ARG HH12 H  N N 37  
ARG HH21 H  N N 38  
ARG HH22 H  N N 39  
ARG HXT  H  N N 40  
ASN N    N  N N 41  
ASN CA   C  N S 42  
ASN C    C  N N 43  
ASN O    O  N N 44  
ASN CB   C  N N 45  
ASN CG   C  N N 46  
ASN OD1  O  N N 47  
ASN ND2  N  N N 48  
ASN OXT  O  N N 49  
ASN H    H  N N 50  
ASN H2   H  N N 51  
ASN HA   H  N N 52  
ASN HB2  H  N N 53  
ASN HB3  H  N N 54  
ASN HD21 H  N N 55  
ASN HD22 H  N N 56  
ASN HXT  H  N N 57  
ASP N    N  N N 58  
ASP CA   C  N S 59  
ASP C    C  N N 60  
ASP O    O  N N 61  
ASP CB   C  N N 62  
ASP CG   C  N N 63  
ASP OD1  O  N N 64  
ASP OD2  O  N N 65  
ASP OXT  O  N N 66  
ASP H    H  N N 67  
ASP H2   H  N N 68  
ASP HA   H  N N 69  
ASP HB2  H  N N 70  
ASP HB3  H  N N 71  
ASP HD2  H  N N 72  
ASP HXT  H  N N 73  
CYS N    N  N N 74  
CYS CA   C  N R 75  
CYS C    C  N N 76  
CYS O    O  N N 77  
CYS CB   C  N N 78  
CYS SG   S  N N 79  
CYS OXT  O  N N 80  
CYS H    H  N N 81  
CYS H2   H  N N 82  
CYS HA   H  N N 83  
CYS HB2  H  N N 84  
CYS HB3  H  N N 85  
CYS HG   H  N N 86  
CYS HXT  H  N N 87  
GLN N    N  N N 88  
GLN CA   C  N S 89  
GLN C    C  N N 90  
GLN O    O  N N 91  
GLN CB   C  N N 92  
GLN CG   C  N N 93  
GLN CD   C  N N 94  
GLN OE1  O  N N 95  
GLN NE2  N  N N 96  
GLN OXT  O  N N 97  
GLN H    H  N N 98  
GLN H2   H  N N 99  
GLN HA   H  N N 100 
GLN HB2  H  N N 101 
GLN HB3  H  N N 102 
GLN HG2  H  N N 103 
GLN HG3  H  N N 104 
GLN HE21 H  N N 105 
GLN HE22 H  N N 106 
GLN HXT  H  N N 107 
GLU N    N  N N 108 
GLU CA   C  N S 109 
GLU C    C  N N 110 
GLU O    O  N N 111 
GLU CB   C  N N 112 
GLU CG   C  N N 113 
GLU CD   C  N N 114 
GLU OE1  O  N N 115 
GLU OE2  O  N N 116 
GLU OXT  O  N N 117 
GLU H    H  N N 118 
GLU H2   H  N N 119 
GLU HA   H  N N 120 
GLU HB2  H  N N 121 
GLU HB3  H  N N 122 
GLU HG2  H  N N 123 
GLU HG3  H  N N 124 
GLU HE2  H  N N 125 
GLU HXT  H  N N 126 
GLY N    N  N N 127 
GLY CA   C  N N 128 
GLY C    C  N N 129 
GLY O    O  N N 130 
GLY OXT  O  N N 131 
GLY H    H  N N 132 
GLY H2   H  N N 133 
GLY HA2  H  N N 134 
GLY HA3  H  N N 135 
GLY HXT  H  N N 136 
HIS N    N  N N 137 
HIS CA   C  N S 138 
HIS C    C  N N 139 
HIS O    O  N N 140 
HIS CB   C  N N 141 
HIS CG   C  Y N 142 
HIS ND1  N  Y N 143 
HIS CD2  C  Y N 144 
HIS CE1  C  Y N 145 
HIS NE2  N  Y N 146 
HIS OXT  O  N N 147 
HIS H    H  N N 148 
HIS H2   H  N N 149 
HIS HA   H  N N 150 
HIS HB2  H  N N 151 
HIS HB3  H  N N 152 
HIS HD1  H  N N 153 
HIS HD2  H  N N 154 
HIS HE1  H  N N 155 
HIS HE2  H  N N 156 
HIS HXT  H  N N 157 
HOH O    O  N N 158 
HOH H1   H  N N 159 
HOH H2   H  N N 160 
ILE N    N  N N 161 
ILE CA   C  N S 162 
ILE C    C  N N 163 
ILE O    O  N N 164 
ILE CB   C  N S 165 
ILE CG1  C  N N 166 
ILE CG2  C  N N 167 
ILE CD1  C  N N 168 
ILE OXT  O  N N 169 
ILE H    H  N N 170 
ILE H2   H  N N 171 
ILE HA   H  N N 172 
ILE HB   H  N N 173 
ILE HG12 H  N N 174 
ILE HG13 H  N N 175 
ILE HG21 H  N N 176 
ILE HG22 H  N N 177 
ILE HG23 H  N N 178 
ILE HD11 H  N N 179 
ILE HD12 H  N N 180 
ILE HD13 H  N N 181 
ILE HXT  H  N N 182 
LEU N    N  N N 183 
LEU CA   C  N S 184 
LEU C    C  N N 185 
LEU O    O  N N 186 
LEU CB   C  N N 187 
LEU CG   C  N N 188 
LEU CD1  C  N N 189 
LEU CD2  C  N N 190 
LEU OXT  O  N N 191 
LEU H    H  N N 192 
LEU H2   H  N N 193 
LEU HA   H  N N 194 
LEU HB2  H  N N 195 
LEU HB3  H  N N 196 
LEU HG   H  N N 197 
LEU HD11 H  N N 198 
LEU HD12 H  N N 199 
LEU HD13 H  N N 200 
LEU HD21 H  N N 201 
LEU HD22 H  N N 202 
LEU HD23 H  N N 203 
LEU HXT  H  N N 204 
LYS N    N  N N 205 
LYS CA   C  N S 206 
LYS C    C  N N 207 
LYS O    O  N N 208 
LYS CB   C  N N 209 
LYS CG   C  N N 210 
LYS CD   C  N N 211 
LYS CE   C  N N 212 
LYS NZ   N  N N 213 
LYS OXT  O  N N 214 
LYS H    H  N N 215 
LYS H2   H  N N 216 
LYS HA   H  N N 217 
LYS HB2  H  N N 218 
LYS HB3  H  N N 219 
LYS HG2  H  N N 220 
LYS HG3  H  N N 221 
LYS HD2  H  N N 222 
LYS HD3  H  N N 223 
LYS HE2  H  N N 224 
LYS HE3  H  N N 225 
LYS HZ1  H  N N 226 
LYS HZ2  H  N N 227 
LYS HZ3  H  N N 228 
LYS HXT  H  N N 229 
MES O1   O  N N 230 
MES C2   C  N N 231 
MES C3   C  N N 232 
MES N4   N  N N 233 
MES C5   C  N N 234 
MES C6   C  N N 235 
MES C7   C  N N 236 
MES C8   C  N N 237 
MES S    S  N N 238 
MES O1S  O  N N 239 
MES O2S  O  N N 240 
MES O3S  O  N N 241 
MES H21  H  N N 242 
MES H22  H  N N 243 
MES H31  H  N N 244 
MES H32  H  N N 245 
MES HN4  H  N N 246 
MES H51  H  N N 247 
MES H52  H  N N 248 
MES H61  H  N N 249 
MES H62  H  N N 250 
MES H71  H  N N 251 
MES H72  H  N N 252 
MES H81  H  N N 253 
MES H82  H  N N 254 
MET N    N  N N 255 
MET CA   C  N S 256 
MET C    C  N N 257 
MET O    O  N N 258 
MET CB   C  N N 259 
MET CG   C  N N 260 
MET SD   S  N N 261 
MET CE   C  N N 262 
MET OXT  O  N N 263 
MET H    H  N N 264 
MET H2   H  N N 265 
MET HA   H  N N 266 
MET HB2  H  N N 267 
MET HB3  H  N N 268 
MET HG2  H  N N 269 
MET HG3  H  N N 270 
MET HE1  H  N N 271 
MET HE2  H  N N 272 
MET HE3  H  N N 273 
MET HXT  H  N N 274 
NA  NA   NA N N 275 
PHE N    N  N N 276 
PHE CA   C  N S 277 
PHE C    C  N N 278 
PHE O    O  N N 279 
PHE CB   C  N N 280 
PHE CG   C  Y N 281 
PHE CD1  C  Y N 282 
PHE CD2  C  Y N 283 
PHE CE1  C  Y N 284 
PHE CE2  C  Y N 285 
PHE CZ   C  Y N 286 
PHE OXT  O  N N 287 
PHE H    H  N N 288 
PHE H2   H  N N 289 
PHE HA   H  N N 290 
PHE HB2  H  N N 291 
PHE HB3  H  N N 292 
PHE HD1  H  N N 293 
PHE HD2  H  N N 294 
PHE HE1  H  N N 295 
PHE HE2  H  N N 296 
PHE HZ   H  N N 297 
PHE HXT  H  N N 298 
PRO N    N  N N 299 
PRO CA   C  N S 300 
PRO C    C  N N 301 
PRO O    O  N N 302 
PRO CB   C  N N 303 
PRO CG   C  N N 304 
PRO CD   C  N N 305 
PRO OXT  O  N N 306 
PRO H    H  N N 307 
PRO HA   H  N N 308 
PRO HB2  H  N N 309 
PRO HB3  H  N N 310 
PRO HG2  H  N N 311 
PRO HG3  H  N N 312 
PRO HD2  H  N N 313 
PRO HD3  H  N N 314 
PRO HXT  H  N N 315 
SER N    N  N N 316 
SER CA   C  N S 317 
SER C    C  N N 318 
SER O    O  N N 319 
SER CB   C  N N 320 
SER OG   O  N N 321 
SER OXT  O  N N 322 
SER H    H  N N 323 
SER H2   H  N N 324 
SER HA   H  N N 325 
SER HB2  H  N N 326 
SER HB3  H  N N 327 
SER HG   H  N N 328 
SER HXT  H  N N 329 
SO4 S    S  N N 330 
SO4 O1   O  N N 331 
SO4 O2   O  N N 332 
SO4 O3   O  N N 333 
SO4 O4   O  N N 334 
THR N    N  N N 335 
THR CA   C  N S 336 
THR C    C  N N 337 
THR O    O  N N 338 
THR CB   C  N R 339 
THR OG1  O  N N 340 
THR CG2  C  N N 341 
THR OXT  O  N N 342 
THR H    H  N N 343 
THR H2   H  N N 344 
THR HA   H  N N 345 
THR HB   H  N N 346 
THR HG1  H  N N 347 
THR HG21 H  N N 348 
THR HG22 H  N N 349 
THR HG23 H  N N 350 
THR HXT  H  N N 351 
TRP N    N  N N 352 
TRP CA   C  N S 353 
TRP C    C  N N 354 
TRP O    O  N N 355 
TRP CB   C  N N 356 
TRP CG   C  Y N 357 
TRP CD1  C  Y N 358 
TRP CD2  C  Y N 359 
TRP NE1  N  Y N 360 
TRP CE2  C  Y N 361 
TRP CE3  C  Y N 362 
TRP CZ2  C  Y N 363 
TRP CZ3  C  Y N 364 
TRP CH2  C  Y N 365 
TRP OXT  O  N N 366 
TRP H    H  N N 367 
TRP H2   H  N N 368 
TRP HA   H  N N 369 
TRP HB2  H  N N 370 
TRP HB3  H  N N 371 
TRP HD1  H  N N 372 
TRP HE1  H  N N 373 
TRP HE3  H  N N 374 
TRP HZ2  H  N N 375 
TRP HZ3  H  N N 376 
TRP HH2  H  N N 377 
TRP HXT  H  N N 378 
TYR N    N  N N 379 
TYR CA   C  N S 380 
TYR C    C  N N 381 
TYR O    O  N N 382 
TYR CB   C  N N 383 
TYR CG   C  Y N 384 
TYR CD1  C  Y N 385 
TYR CD2  C  Y N 386 
TYR CE1  C  Y N 387 
TYR CE2  C  Y N 388 
TYR CZ   C  Y N 389 
TYR OH   O  N N 390 
TYR OXT  O  N N 391 
TYR H    H  N N 392 
TYR H2   H  N N 393 
TYR HA   H  N N 394 
TYR HB2  H  N N 395 
TYR HB3  H  N N 396 
TYR HD1  H  N N 397 
TYR HD2  H  N N 398 
TYR HE1  H  N N 399 
TYR HE2  H  N N 400 
TYR HH   H  N N 401 
TYR HXT  H  N N 402 
VAL N    N  N N 403 
VAL CA   C  N S 404 
VAL C    C  N N 405 
VAL O    O  N N 406 
VAL CB   C  N N 407 
VAL CG1  C  N N 408 
VAL CG2  C  N N 409 
VAL OXT  O  N N 410 
VAL H    H  N N 411 
VAL H2   H  N N 412 
VAL HA   H  N N 413 
VAL HB   H  N N 414 
VAL HG11 H  N N 415 
VAL HG12 H  N N 416 
VAL HG13 H  N N 417 
VAL HG21 H  N N 418 
VAL HG22 H  N N 419 
VAL HG23 H  N N 420 
VAL HXT  H  N N 421 
# 
loop_
_chem_comp_bond.comp_id 
_chem_comp_bond.atom_id_1 
_chem_comp_bond.atom_id_2 
_chem_comp_bond.value_order 
_chem_comp_bond.pdbx_aromatic_flag 
_chem_comp_bond.pdbx_stereo_config 
_chem_comp_bond.pdbx_ordinal 
ALA N   CA   sing N N 1   
ALA N   H    sing N N 2   
ALA N   H2   sing N N 3   
ALA CA  C    sing N N 4   
ALA CA  CB   sing N N 5   
ALA CA  HA   sing N N 6   
ALA C   O    doub N N 7   
ALA C   OXT  sing N N 8   
ALA CB  HB1  sing N N 9   
ALA CB  HB2  sing N N 10  
ALA CB  HB3  sing N N 11  
ALA OXT HXT  sing N N 12  
ARG N   CA   sing N N 13  
ARG N   H    sing N N 14  
ARG N   H2   sing N N 15  
ARG CA  C    sing N N 16  
ARG CA  CB   sing N N 17  
ARG CA  HA   sing N N 18  
ARG C   O    doub N N 19  
ARG C   OXT  sing N N 20  
ARG CB  CG   sing N N 21  
ARG CB  HB2  sing N N 22  
ARG CB  HB3  sing N N 23  
ARG CG  CD   sing N N 24  
ARG CG  HG2  sing N N 25  
ARG CG  HG3  sing N N 26  
ARG CD  NE   sing N N 27  
ARG CD  HD2  sing N N 28  
ARG CD  HD3  sing N N 29  
ARG NE  CZ   sing N N 30  
ARG NE  HE   sing N N 31  
ARG CZ  NH1  sing N N 32  
ARG CZ  NH2  doub N N 33  
ARG NH1 HH11 sing N N 34  
ARG NH1 HH12 sing N N 35  
ARG NH2 HH21 sing N N 36  
ARG NH2 HH22 sing N N 37  
ARG OXT HXT  sing N N 38  
ASN N   CA   sing N N 39  
ASN N   H    sing N N 40  
ASN N   H2   sing N N 41  
ASN CA  C    sing N N 42  
ASN CA  CB   sing N N 43  
ASN CA  HA   sing N N 44  
ASN C   O    doub N N 45  
ASN C   OXT  sing N N 46  
ASN CB  CG   sing N N 47  
ASN CB  HB2  sing N N 48  
ASN CB  HB3  sing N N 49  
ASN CG  OD1  doub N N 50  
ASN CG  ND2  sing N N 51  
ASN ND2 HD21 sing N N 52  
ASN ND2 HD22 sing N N 53  
ASN OXT HXT  sing N N 54  
ASP N   CA   sing N N 55  
ASP N   H    sing N N 56  
ASP N   H2   sing N N 57  
ASP CA  C    sing N N 58  
ASP CA  CB   sing N N 59  
ASP CA  HA   sing N N 60  
ASP C   O    doub N N 61  
ASP C   OXT  sing N N 62  
ASP CB  CG   sing N N 63  
ASP CB  HB2  sing N N 64  
ASP CB  HB3  sing N N 65  
ASP CG  OD1  doub N N 66  
ASP CG  OD2  sing N N 67  
ASP OD2 HD2  sing N N 68  
ASP OXT HXT  sing N N 69  
CYS N   CA   sing N N 70  
CYS N   H    sing N N 71  
CYS N   H2   sing N N 72  
CYS CA  C    sing N N 73  
CYS CA  CB   sing N N 74  
CYS CA  HA   sing N N 75  
CYS C   O    doub N N 76  
CYS C   OXT  sing N N 77  
CYS CB  SG   sing N N 78  
CYS CB  HB2  sing N N 79  
CYS CB  HB3  sing N N 80  
CYS SG  HG   sing N N 81  
CYS OXT HXT  sing N N 82  
GLN N   CA   sing N N 83  
GLN N   H    sing N N 84  
GLN N   H2   sing N N 85  
GLN CA  C    sing N N 86  
GLN CA  CB   sing N N 87  
GLN CA  HA   sing N N 88  
GLN C   O    doub N N 89  
GLN C   OXT  sing N N 90  
GLN CB  CG   sing N N 91  
GLN CB  HB2  sing N N 92  
GLN CB  HB3  sing N N 93  
GLN CG  CD   sing N N 94  
GLN CG  HG2  sing N N 95  
GLN CG  HG3  sing N N 96  
GLN CD  OE1  doub N N 97  
GLN CD  NE2  sing N N 98  
GLN NE2 HE21 sing N N 99  
GLN NE2 HE22 sing N N 100 
GLN OXT HXT  sing N N 101 
GLU N   CA   sing N N 102 
GLU N   H    sing N N 103 
GLU N   H2   sing N N 104 
GLU CA  C    sing N N 105 
GLU CA  CB   sing N N 106 
GLU CA  HA   sing N N 107 
GLU C   O    doub N N 108 
GLU C   OXT  sing N N 109 
GLU CB  CG   sing N N 110 
GLU CB  HB2  sing N N 111 
GLU CB  HB3  sing N N 112 
GLU CG  CD   sing N N 113 
GLU CG  HG2  sing N N 114 
GLU CG  HG3  sing N N 115 
GLU CD  OE1  doub N N 116 
GLU CD  OE2  sing N N 117 
GLU OE2 HE2  sing N N 118 
GLU OXT HXT  sing N N 119 
GLY N   CA   sing N N 120 
GLY N   H    sing N N 121 
GLY N   H2   sing N N 122 
GLY CA  C    sing N N 123 
GLY CA  HA2  sing N N 124 
GLY CA  HA3  sing N N 125 
GLY C   O    doub N N 126 
GLY C   OXT  sing N N 127 
GLY OXT HXT  sing N N 128 
HIS N   CA   sing N N 129 
HIS N   H    sing N N 130 
HIS N   H2   sing N N 131 
HIS CA  C    sing N N 132 
HIS CA  CB   sing N N 133 
HIS CA  HA   sing N N 134 
HIS C   O    doub N N 135 
HIS C   OXT  sing N N 136 
HIS CB  CG   sing N N 137 
HIS CB  HB2  sing N N 138 
HIS CB  HB3  sing N N 139 
HIS CG  ND1  sing Y N 140 
HIS CG  CD2  doub Y N 141 
HIS ND1 CE1  doub Y N 142 
HIS ND1 HD1  sing N N 143 
HIS CD2 NE2  sing Y N 144 
HIS CD2 HD2  sing N N 145 
HIS CE1 NE2  sing Y N 146 
HIS CE1 HE1  sing N N 147 
HIS NE2 HE2  sing N N 148 
HIS OXT HXT  sing N N 149 
HOH O   H1   sing N N 150 
HOH O   H2   sing N N 151 
ILE N   CA   sing N N 152 
ILE N   H    sing N N 153 
ILE N   H2   sing N N 154 
ILE CA  C    sing N N 155 
ILE CA  CB   sing N N 156 
ILE CA  HA   sing N N 157 
ILE C   O    doub N N 158 
ILE C   OXT  sing N N 159 
ILE CB  CG1  sing N N 160 
ILE CB  CG2  sing N N 161 
ILE CB  HB   sing N N 162 
ILE CG1 CD1  sing N N 163 
ILE CG1 HG12 sing N N 164 
ILE CG1 HG13 sing N N 165 
ILE CG2 HG21 sing N N 166 
ILE CG2 HG22 sing N N 167 
ILE CG2 HG23 sing N N 168 
ILE CD1 HD11 sing N N 169 
ILE CD1 HD12 sing N N 170 
ILE CD1 HD13 sing N N 171 
ILE OXT HXT  sing N N 172 
LEU N   CA   sing N N 173 
LEU N   H    sing N N 174 
LEU N   H2   sing N N 175 
LEU CA  C    sing N N 176 
LEU CA  CB   sing N N 177 
LEU CA  HA   sing N N 178 
LEU C   O    doub N N 179 
LEU C   OXT  sing N N 180 
LEU CB  CG   sing N N 181 
LEU CB  HB2  sing N N 182 
LEU CB  HB3  sing N N 183 
LEU CG  CD1  sing N N 184 
LEU CG  CD2  sing N N 185 
LEU CG  HG   sing N N 186 
LEU CD1 HD11 sing N N 187 
LEU CD1 HD12 sing N N 188 
LEU CD1 HD13 sing N N 189 
LEU CD2 HD21 sing N N 190 
LEU CD2 HD22 sing N N 191 
LEU CD2 HD23 sing N N 192 
LEU OXT HXT  sing N N 193 
LYS N   CA   sing N N 194 
LYS N   H    sing N N 195 
LYS N   H2   sing N N 196 
LYS CA  C    sing N N 197 
LYS CA  CB   sing N N 198 
LYS CA  HA   sing N N 199 
LYS C   O    doub N N 200 
LYS C   OXT  sing N N 201 
LYS CB  CG   sing N N 202 
LYS CB  HB2  sing N N 203 
LYS CB  HB3  sing N N 204 
LYS CG  CD   sing N N 205 
LYS CG  HG2  sing N N 206 
LYS CG  HG3  sing N N 207 
LYS CD  CE   sing N N 208 
LYS CD  HD2  sing N N 209 
LYS CD  HD3  sing N N 210 
LYS CE  NZ   sing N N 211 
LYS CE  HE2  sing N N 212 
LYS CE  HE3  sing N N 213 
LYS NZ  HZ1  sing N N 214 
LYS NZ  HZ2  sing N N 215 
LYS NZ  HZ3  sing N N 216 
LYS OXT HXT  sing N N 217 
MES O1  C2   sing N N 218 
MES O1  C6   sing N N 219 
MES C2  C3   sing N N 220 
MES C2  H21  sing N N 221 
MES C2  H22  sing N N 222 
MES C3  N4   sing N N 223 
MES C3  H31  sing N N 224 
MES C3  H32  sing N N 225 
MES N4  C5   sing N N 226 
MES N4  C7   sing N N 227 
MES N4  HN4  sing N N 228 
MES C5  C6   sing N N 229 
MES C5  H51  sing N N 230 
MES C5  H52  sing N N 231 
MES C6  H61  sing N N 232 
MES C6  H62  sing N N 233 
MES C7  C8   sing N N 234 
MES C7  H71  sing N N 235 
MES C7  H72  sing N N 236 
MES C8  S    sing N N 237 
MES C8  H81  sing N N 238 
MES C8  H82  sing N N 239 
MES S   O1S  doub N N 240 
MES S   O2S  doub N N 241 
MES S   O3S  sing N N 242 
MET N   CA   sing N N 243 
MET N   H    sing N N 244 
MET N   H2   sing N N 245 
MET CA  C    sing N N 246 
MET CA  CB   sing N N 247 
MET CA  HA   sing N N 248 
MET C   O    doub N N 249 
MET C   OXT  sing N N 250 
MET CB  CG   sing N N 251 
MET CB  HB2  sing N N 252 
MET CB  HB3  sing N N 253 
MET CG  SD   sing N N 254 
MET CG  HG2  sing N N 255 
MET CG  HG3  sing N N 256 
MET SD  CE   sing N N 257 
MET CE  HE1  sing N N 258 
MET CE  HE2  sing N N 259 
MET CE  HE3  sing N N 260 
MET OXT HXT  sing N N 261 
PHE N   CA   sing N N 262 
PHE N   H    sing N N 263 
PHE N   H2   sing N N 264 
PHE CA  C    sing N N 265 
PHE CA  CB   sing N N 266 
PHE CA  HA   sing N N 267 
PHE C   O    doub N N 268 
PHE C   OXT  sing N N 269 
PHE CB  CG   sing N N 270 
PHE CB  HB2  sing N N 271 
PHE CB  HB3  sing N N 272 
PHE CG  CD1  doub Y N 273 
PHE CG  CD2  sing Y N 274 
PHE CD1 CE1  sing Y N 275 
PHE CD1 HD1  sing N N 276 
PHE CD2 CE2  doub Y N 277 
PHE CD2 HD2  sing N N 278 
PHE CE1 CZ   doub Y N 279 
PHE CE1 HE1  sing N N 280 
PHE CE2 CZ   sing Y N 281 
PHE CE2 HE2  sing N N 282 
PHE CZ  HZ   sing N N 283 
PHE OXT HXT  sing N N 284 
PRO N   CA   sing N N 285 
PRO N   CD   sing N N 286 
PRO N   H    sing N N 287 
PRO CA  C    sing N N 288 
PRO CA  CB   sing N N 289 
PRO CA  HA   sing N N 290 
PRO C   O    doub N N 291 
PRO C   OXT  sing N N 292 
PRO CB  CG   sing N N 293 
PRO CB  HB2  sing N N 294 
PRO CB  HB3  sing N N 295 
PRO CG  CD   sing N N 296 
PRO CG  HG2  sing N N 297 
PRO CG  HG3  sing N N 298 
PRO CD  HD2  sing N N 299 
PRO CD  HD3  sing N N 300 
PRO OXT HXT  sing N N 301 
SER N   CA   sing N N 302 
SER N   H    sing N N 303 
SER N   H2   sing N N 304 
SER CA  C    sing N N 305 
SER CA  CB   sing N N 306 
SER CA  HA   sing N N 307 
SER C   O    doub N N 308 
SER C   OXT  sing N N 309 
SER CB  OG   sing N N 310 
SER CB  HB2  sing N N 311 
SER CB  HB3  sing N N 312 
SER OG  HG   sing N N 313 
SER OXT HXT  sing N N 314 
SO4 S   O1   doub N N 315 
SO4 S   O2   doub N N 316 
SO4 S   O3   sing N N 317 
SO4 S   O4   sing N N 318 
THR N   CA   sing N N 319 
THR N   H    sing N N 320 
THR N   H2   sing N N 321 
THR CA  C    sing N N 322 
THR CA  CB   sing N N 323 
THR CA  HA   sing N N 324 
THR C   O    doub N N 325 
THR C   OXT  sing N N 326 
THR CB  OG1  sing N N 327 
THR CB  CG2  sing N N 328 
THR CB  HB   sing N N 329 
THR OG1 HG1  sing N N 330 
THR CG2 HG21 sing N N 331 
THR CG2 HG22 sing N N 332 
THR CG2 HG23 sing N N 333 
THR OXT HXT  sing N N 334 
TRP N   CA   sing N N 335 
TRP N   H    sing N N 336 
TRP N   H2   sing N N 337 
TRP CA  C    sing N N 338 
TRP CA  CB   sing N N 339 
TRP CA  HA   sing N N 340 
TRP C   O    doub N N 341 
TRP C   OXT  sing N N 342 
TRP CB  CG   sing N N 343 
TRP CB  HB2  sing N N 344 
TRP CB  HB3  sing N N 345 
TRP CG  CD1  doub Y N 346 
TRP CG  CD2  sing Y N 347 
TRP CD1 NE1  sing Y N 348 
TRP CD1 HD1  sing N N 349 
TRP CD2 CE2  doub Y N 350 
TRP CD2 CE3  sing Y N 351 
TRP NE1 CE2  sing Y N 352 
TRP NE1 HE1  sing N N 353 
TRP CE2 CZ2  sing Y N 354 
TRP CE3 CZ3  doub Y N 355 
TRP CE3 HE3  sing N N 356 
TRP CZ2 CH2  doub Y N 357 
TRP CZ2 HZ2  sing N N 358 
TRP CZ3 CH2  sing Y N 359 
TRP CZ3 HZ3  sing N N 360 
TRP CH2 HH2  sing N N 361 
TRP OXT HXT  sing N N 362 
TYR N   CA   sing N N 363 
TYR N   H    sing N N 364 
TYR N   H2   sing N N 365 
TYR CA  C    sing N N 366 
TYR CA  CB   sing N N 367 
TYR CA  HA   sing N N 368 
TYR C   O    doub N N 369 
TYR C   OXT  sing N N 370 
TYR CB  CG   sing N N 371 
TYR CB  HB2  sing N N 372 
TYR CB  HB3  sing N N 373 
TYR CG  CD1  doub Y N 374 
TYR CG  CD2  sing Y N 375 
TYR CD1 CE1  sing Y N 376 
TYR CD1 HD1  sing N N 377 
TYR CD2 CE2  doub Y N 378 
TYR CD2 HD2  sing N N 379 
TYR CE1 CZ   doub Y N 380 
TYR CE1 HE1  sing N N 381 
TYR CE2 CZ   sing Y N 382 
TYR CE2 HE2  sing N N 383 
TYR CZ  OH   sing N N 384 
TYR OH  HH   sing N N 385 
TYR OXT HXT  sing N N 386 
VAL N   CA   sing N N 387 
VAL N   H    sing N N 388 
VAL N   H2   sing N N 389 
VAL CA  C    sing N N 390 
VAL CA  CB   sing N N 391 
VAL CA  HA   sing N N 392 
VAL C   O    doub N N 393 
VAL C   OXT  sing N N 394 
VAL CB  CG1  sing N N 395 
VAL CB  CG2  sing N N 396 
VAL CB  HB   sing N N 397 
VAL CG1 HG11 sing N N 398 
VAL CG1 HG12 sing N N 399 
VAL CG1 HG13 sing N N 400 
VAL CG2 HG21 sing N N 401 
VAL CG2 HG22 sing N N 402 
VAL CG2 HG23 sing N N 403 
VAL OXT HXT  sing N N 404 
# 
_pdbx_audit_support.funding_organization   
'National Institutes of Health/National Institute of General Medical Sciences (NIH/NIGMS)' 
_pdbx_audit_support.country                'United States' 
_pdbx_audit_support.grant_number           'R01 GM099842' 
_pdbx_audit_support.ordinal                1 
# 
loop_
_pdbx_entity_nonpoly.entity_id 
_pdbx_entity_nonpoly.name 
_pdbx_entity_nonpoly.comp_id 
3 '2-(N-MORPHOLINO)-ETHANESULFONIC ACID' MES 
4 'SULFATE ION'                          SO4 
5 'SODIUM ION'                           NA  
6 water                                  HOH 
# 
_pdbx_initial_refinement_model.id               1 
_pdbx_initial_refinement_model.entity_id_list   ? 
_pdbx_initial_refinement_model.type             'experimental model' 
_pdbx_initial_refinement_model.source_name      PDB 
_pdbx_initial_refinement_model.accession_code   1QWD 
_pdbx_initial_refinement_model.details          'PDB entry 1QWD' 
# 
_pdbx_struct_assembly_auth_evidence.id                     1 
_pdbx_struct_assembly_auth_evidence.assembly_id            1 
_pdbx_struct_assembly_auth_evidence.experimental_support   'gel filtration' 
_pdbx_struct_assembly_auth_evidence.details                ? 
# 
